data_7APD
#
_entry.id   7APD
#
loop_
_entity.id
_entity.type
_entity.pdbx_description
1 polymer 'Replication protein E1'
2 polymer 'Replication protein E1'
3 polymer 'DNA (40-MER)'
4 polymer 'DNA (36-MER)'
#
loop_
_entity_poly.entity_id
_entity_poly.type
_entity_poly.pdbx_seq_one_letter_code
_entity_poly.pdbx_strand_id
1 'polypeptide(L)'
;GSRATVFKLGLFKSLFLCSFHDITRLFKNDKTTNQQWVLAVFGLAEVFFEASFELLKKQCSFLQMQKRSHEGGTCAVYLI
CFNTAKSRETVRNLMANMLNVREECLMLQPPKIRGLSAALFWFKSSLSPATLKHGALPEWIRAQTTLNAAAA
;
G,H
2 'polypeptide(L)'
;TEKFDFGTMVQWAYDHKYAEESKIAYEYALAAGSDSNARAFLATNSQAKHVKDCATMVRHYLRAETQALSMPAYIKARCK
LATGEGSWKSILTFFNYQNIELITFINALKLWLKGIPKKNCLAFIGPPNTGKSMLCNSLIHFLGGSVLSFANHKSHFWLA
SLADTRAALVDDATHACWRYFDTYLRNALDGYPVSIDRKHKAAVQIKAPPLLVTSNIDVQAEDRYLYLHSRVQTFRFEQP
CTDESGEQPFNITDADWKSFFVRLWGRLDLIDEEEDSEEDGDSMRTFTCSARNTNAVD
;
B,C,D,E,F,A
3 'polydeoxyribonucleotide'
;(DT)(DG)(DT)(DA)(DT)(DT)(DT)(DC)(DA)(DC)(DA)(DC)(DC)(DG)(DC)(DA)(DC)(DC)(DT)(DC)
(DA)(DG)(DC)(DG)(DC)(DG)(DT)(DT)(DT)(DT)(DT)(DT)(DT)(DT)(DT)(DT)(DT)(DT)(DT)(DT)
;
P
4 'polydeoxyribonucleotide'
;(DC)(DC)(DC)(DC)(DC)(DC)(DC)(DG)(DT)(DG)(DC)(DG)(DC)(DG)(DC)(DT)(DG)(DA)(DG)(DG)
(DT)(DG)(DC)(DG)(DG)(DT)(DG)(DT)(DG)(DA)(DA)(DA)(DT)(DA)(DC)(DA)
;
T
#
# COMPACT_ATOMS: atom_id res chain seq x y z
N GLY A 1 -53.85 2.25 68.19
CA GLY A 1 -52.71 1.56 67.61
C GLY A 1 -53.05 0.83 66.32
N SER A 2 -53.11 -0.50 66.42
CA SER A 2 -53.44 -1.37 65.28
C SER A 2 -52.45 -1.17 64.13
N ARG A 3 -51.17 -1.40 64.43
CA ARG A 3 -50.15 -1.32 63.40
C ARG A 3 -50.37 -2.35 62.31
N ALA A 4 -50.16 -3.62 62.66
CA ALA A 4 -50.48 -4.76 61.80
C ALA A 4 -50.45 -6.00 62.68
N THR A 5 -51.60 -6.65 62.82
CA THR A 5 -51.71 -7.77 63.74
C THR A 5 -51.92 -9.07 62.97
N VAL A 6 -51.94 -10.17 63.72
CA VAL A 6 -52.06 -11.50 63.13
C VAL A 6 -53.42 -11.71 62.51
N PHE A 7 -54.47 -11.09 63.05
CA PHE A 7 -55.83 -11.30 62.55
C PHE A 7 -55.98 -10.77 61.14
N LYS A 8 -55.68 -9.49 60.95
CA LYS A 8 -55.73 -8.89 59.63
C LYS A 8 -54.82 -9.62 58.66
N LEU A 9 -53.65 -10.07 59.13
CA LEU A 9 -52.74 -10.80 58.26
C LEU A 9 -53.34 -12.13 57.83
N GLY A 10 -54.05 -12.80 58.74
CA GLY A 10 -54.64 -14.08 58.41
C GLY A 10 -55.67 -13.97 57.30
N LEU A 11 -56.58 -13.00 57.40
CA LEU A 11 -57.56 -12.88 56.32
C LEU A 11 -56.92 -12.31 55.05
N PHE A 12 -55.90 -11.46 55.22
CA PHE A 12 -55.11 -10.97 54.08
C PHE A 12 -54.54 -12.15 53.28
N LYS A 13 -53.99 -13.12 54.00
CA LYS A 13 -53.43 -14.31 53.39
C LYS A 13 -54.53 -15.15 52.77
N SER A 14 -55.65 -15.29 53.48
CA SER A 14 -56.77 -16.07 52.97
C SER A 14 -57.33 -15.49 51.68
N LEU A 15 -57.13 -14.19 51.43
CA LEU A 15 -57.64 -13.58 50.21
C LEU A 15 -56.59 -13.49 49.10
N PHE A 16 -55.45 -12.83 49.34
CA PHE A 16 -54.44 -12.61 48.32
C PHE A 16 -53.26 -13.58 48.38
N LEU A 17 -53.23 -14.49 49.35
CA LEU A 17 -52.26 -15.59 49.41
C LEU A 17 -50.81 -15.10 49.49
N CYS A 18 -50.60 -13.90 50.04
CA CYS A 18 -49.25 -13.39 50.26
C CYS A 18 -49.28 -12.48 51.49
N SER A 19 -48.21 -12.54 52.28
CA SER A 19 -48.22 -11.94 53.60
C SER A 19 -48.02 -10.42 53.53
N PHE A 20 -48.22 -9.77 54.68
CA PHE A 20 -47.89 -8.36 54.81
C PHE A 20 -46.45 -8.16 55.29
N HIS A 21 -45.90 -9.13 56.02
CA HIS A 21 -44.48 -9.08 56.37
C HIS A 21 -43.57 -9.34 55.17
N ASP A 22 -44.10 -9.87 54.07
CA ASP A 22 -43.28 -10.12 52.89
C ASP A 22 -43.35 -8.97 51.90
N ILE A 23 -44.35 -8.11 52.02
CA ILE A 23 -44.45 -6.95 51.14
C ILE A 23 -43.91 -5.70 51.83
N THR A 24 -43.98 -5.63 53.16
CA THR A 24 -43.40 -4.56 53.97
C THR A 24 -42.47 -5.18 55.00
N ARG A 25 -41.83 -4.33 55.81
CA ARG A 25 -41.25 -4.81 57.05
C ARG A 25 -41.43 -3.83 58.19
N LEU A 26 -40.77 -4.13 59.30
CA LEU A 26 -41.29 -3.88 60.64
C LEU A 26 -40.92 -2.50 61.20
N PHE A 27 -41.93 -1.84 61.78
CA PHE A 27 -41.84 -0.75 62.75
C PHE A 27 -43.02 -0.89 63.73
N LYS A 28 -42.74 -1.07 65.01
CA LYS A 28 -43.73 -0.82 66.05
C LYS A 28 -43.57 0.56 66.68
N ASN A 29 -42.57 1.31 66.24
CA ASN A 29 -42.35 2.69 66.67
C ASN A 29 -43.27 3.59 65.88
N ASP A 30 -44.34 4.07 66.53
CA ASP A 30 -45.34 4.87 65.84
C ASP A 30 -44.91 6.32 65.67
N LYS A 31 -43.60 6.58 65.82
CA LYS A 31 -43.00 7.89 65.59
C LYS A 31 -42.21 7.94 64.30
N THR A 32 -41.60 6.82 63.89
CA THR A 32 -40.81 6.79 62.67
C THR A 32 -41.71 6.90 61.44
N THR A 33 -41.33 7.77 60.51
CA THR A 33 -42.17 8.14 59.40
C THR A 33 -41.61 7.62 58.08
N ASN A 34 -42.41 7.76 57.03
CA ASN A 34 -42.01 7.43 55.66
C ASN A 34 -43.09 7.97 54.73
N GLN A 35 -42.69 8.32 53.51
CA GLN A 35 -43.64 8.80 52.52
C GLN A 35 -44.46 7.67 51.93
N GLN A 36 -43.82 6.55 51.59
CA GLN A 36 -44.51 5.40 51.04
C GLN A 36 -45.11 4.57 52.17
N TRP A 37 -46.24 3.92 51.87
CA TRP A 37 -46.93 3.08 52.84
C TRP A 37 -47.65 1.97 52.10
N VAL A 38 -48.13 1.00 52.84
CA VAL A 38 -49.02 -0.04 52.34
C VAL A 38 -50.24 -0.07 53.26
N LEU A 39 -51.35 -0.59 52.76
CA LEU A 39 -52.57 -0.59 53.55
C LEU A 39 -53.52 -1.67 53.04
N ALA A 40 -54.20 -2.33 53.98
CA ALA A 40 -55.34 -3.18 53.71
C ALA A 40 -56.42 -2.86 54.73
N VAL A 41 -57.64 -2.62 54.26
CA VAL A 41 -58.72 -2.15 55.12
C VAL A 41 -59.92 -3.08 54.97
N PHE A 42 -60.61 -3.29 56.09
CA PHE A 42 -61.64 -4.31 56.21
C PHE A 42 -63.00 -3.64 56.37
N GLY A 43 -64.05 -4.33 55.96
CA GLY A 43 -65.41 -3.82 56.11
C GLY A 43 -65.71 -2.57 55.31
N LEU A 44 -65.35 -2.56 54.03
CA LEU A 44 -65.56 -1.39 53.18
C LEU A 44 -66.59 -1.70 52.10
N ALA A 45 -67.36 -0.67 51.73
CA ALA A 45 -68.30 -0.74 50.62
C ALA A 45 -67.60 -0.34 49.33
N GLU A 46 -67.95 -1.03 48.24
CA GLU A 46 -67.22 -0.84 46.98
C GLU A 46 -67.33 0.58 46.45
N VAL A 47 -68.47 1.23 46.68
CA VAL A 47 -68.65 2.59 46.16
C VAL A 47 -67.60 3.53 46.75
N PHE A 48 -67.40 3.45 48.06
CA PHE A 48 -66.44 4.35 48.70
C PHE A 48 -65.01 3.87 48.48
N PHE A 49 -64.82 2.62 48.06
CA PHE A 49 -63.51 2.16 47.62
C PHE A 49 -63.13 2.80 46.29
N GLU A 50 -64.05 2.74 45.32
CA GLU A 50 -63.83 3.42 44.05
C GLU A 50 -63.65 4.92 44.27
N ALA A 51 -64.43 5.49 45.20
CA ALA A 51 -64.22 6.88 45.59
C ALA A 51 -62.95 7.06 46.41
N SER A 52 -62.36 5.98 46.92
CA SER A 52 -61.09 6.09 47.61
C SER A 52 -59.95 6.36 46.66
N PHE A 53 -59.91 5.67 45.51
CA PHE A 53 -58.98 6.08 44.47
C PHE A 53 -59.22 7.55 44.11
N GLU A 54 -60.49 7.88 43.88
CA GLU A 54 -60.92 9.26 43.66
C GLU A 54 -60.26 10.21 44.64
N LEU A 55 -60.52 10.04 45.94
CA LEU A 55 -60.07 11.01 46.93
C LEU A 55 -58.55 11.02 47.09
N LEU A 56 -57.92 9.85 47.23
CA LEU A 56 -56.50 9.85 47.48
C LEU A 56 -55.66 10.32 46.30
N LYS A 57 -56.15 10.16 45.05
CA LYS A 57 -55.26 10.39 43.92
C LYS A 57 -55.10 11.90 43.66
N LYS A 58 -55.24 12.72 44.71
CA LYS A 58 -54.69 14.08 44.74
C LYS A 58 -53.20 14.12 44.98
N GLN A 59 -52.78 13.52 46.08
CA GLN A 59 -51.62 14.02 46.82
C GLN A 59 -50.52 12.98 46.97
N CYS A 60 -50.59 11.90 46.19
CA CYS A 60 -49.55 10.88 46.26
C CYS A 60 -48.92 10.70 44.89
N SER A 61 -47.65 10.33 44.90
CA SER A 61 -46.94 10.05 43.65
C SER A 61 -47.43 8.78 42.96
N PHE A 62 -48.03 7.86 43.71
CA PHE A 62 -48.70 6.71 43.13
C PHE A 62 -49.74 6.18 44.11
N LEU A 63 -50.69 5.40 43.59
CA LEU A 63 -51.75 4.83 44.40
C LEU A 63 -52.29 3.59 43.70
N GLN A 64 -52.24 2.44 44.37
CA GLN A 64 -52.80 1.20 43.86
C GLN A 64 -53.76 0.63 44.90
N MET A 65 -54.90 0.14 44.44
CA MET A 65 -55.84 -0.52 45.34
C MET A 65 -56.49 -1.70 44.61
N GLN A 66 -56.77 -2.75 45.36
CA GLN A 66 -57.47 -3.91 44.84
C GLN A 66 -58.37 -4.47 45.94
N LYS A 67 -59.37 -5.25 45.52
CA LYS A 67 -60.51 -5.54 46.38
C LYS A 67 -60.89 -7.02 46.26
N ARG A 68 -61.59 -7.50 47.29
CA ARG A 68 -62.11 -8.87 47.37
C ARG A 68 -63.58 -8.74 47.81
N SER A 69 -64.29 -9.82 48.17
CA SER A 69 -63.86 -11.10 48.73
C SER A 69 -64.89 -12.20 48.49
N HIS A 70 -64.80 -13.29 49.26
CA HIS A 70 -65.72 -14.42 49.11
C HIS A 70 -66.44 -14.66 50.44
N GLU A 71 -67.55 -13.95 50.63
CA GLU A 71 -68.55 -14.29 51.66
C GLU A 71 -68.00 -14.41 53.07
N GLY A 72 -66.80 -13.91 53.34
CA GLY A 72 -66.19 -14.12 54.65
C GLY A 72 -65.49 -12.94 55.29
N GLY A 73 -65.39 -11.84 54.56
CA GLY A 73 -64.74 -10.65 55.07
C GLY A 73 -63.92 -9.99 53.99
N THR A 74 -64.09 -8.67 53.85
CA THR A 74 -63.48 -7.92 52.76
C THR A 74 -62.17 -7.30 53.20
N CYS A 75 -61.13 -7.47 52.37
CA CYS A 75 -59.81 -6.92 52.66
C CYS A 75 -59.38 -6.04 51.50
N ALA A 76 -59.79 -4.77 51.53
CA ALA A 76 -59.45 -3.82 50.48
C ALA A 76 -58.00 -3.40 50.67
N VAL A 77 -57.12 -3.93 49.83
CA VAL A 77 -55.68 -3.72 49.96
C VAL A 77 -55.29 -2.49 49.15
N TYR A 78 -54.60 -1.57 49.78
CA TYR A 78 -54.14 -0.35 49.13
C TYR A 78 -52.63 -0.42 48.91
N LEU A 79 -52.12 0.51 48.10
CA LEU A 79 -50.70 0.80 48.04
C LEU A 79 -50.56 2.31 47.96
N ILE A 80 -50.04 2.93 49.01
CA ILE A 80 -50.10 4.37 49.18
C ILE A 80 -48.68 4.92 49.26
N CYS A 81 -48.38 5.91 48.42
CA CYS A 81 -47.05 6.52 48.41
C CYS A 81 -47.23 8.03 48.29
N PHE A 82 -47.33 8.69 49.44
CA PHE A 82 -47.69 10.09 49.49
C PHE A 82 -46.60 10.98 48.88
N ASN A 83 -46.89 12.27 48.81
CA ASN A 83 -45.93 13.26 48.33
C ASN A 83 -44.95 13.66 49.41
N THR A 84 -45.45 14.03 50.59
CA THR A 84 -44.63 14.36 51.74
C THR A 84 -44.88 13.34 52.84
N ALA A 85 -43.80 12.92 53.50
CA ALA A 85 -43.86 11.84 54.48
C ALA A 85 -44.79 12.21 55.62
N LYS A 86 -45.57 11.23 56.07
CA LYS A 86 -46.49 11.40 57.18
C LYS A 86 -46.46 10.14 58.05
N SER A 87 -46.51 10.35 59.37
CA SER A 87 -46.27 9.26 60.31
C SER A 87 -47.43 8.28 60.31
N ARG A 88 -47.26 7.17 61.06
CA ARG A 88 -48.33 6.18 61.16
C ARG A 88 -49.56 6.75 61.84
N GLU A 89 -49.39 7.69 62.78
CA GLU A 89 -50.56 8.32 63.39
C GLU A 89 -51.24 9.27 62.44
N THR A 90 -50.47 10.05 61.68
CA THR A 90 -51.05 11.00 60.74
C THR A 90 -51.75 10.29 59.58
N VAL A 91 -51.08 9.33 58.95
CA VAL A 91 -51.71 8.58 57.87
C VAL A 91 -52.82 7.70 58.42
N ARG A 92 -52.68 7.26 59.67
CA ARG A 92 -53.74 6.52 60.33
C ARG A 92 -55.00 7.38 60.48
N ASN A 93 -54.82 8.62 60.92
CA ASN A 93 -55.94 9.55 61.02
C ASN A 93 -56.53 9.84 59.65
N LEU A 94 -55.68 10.00 58.64
CA LEU A 94 -56.17 10.22 57.28
C LEU A 94 -57.05 9.06 56.81
N MET A 95 -56.57 7.84 56.95
CA MET A 95 -57.31 6.71 56.41
C MET A 95 -58.53 6.36 57.26
N ALA A 96 -58.44 6.59 58.57
CA ALA A 96 -59.57 6.43 59.45
C ALA A 96 -60.43 7.68 59.52
N ASN A 97 -60.16 8.66 58.67
CA ASN A 97 -61.18 9.63 58.28
C ASN A 97 -61.63 9.35 56.85
N MET A 98 -60.95 8.42 56.19
CA MET A 98 -61.30 8.00 54.84
C MET A 98 -62.41 6.95 54.79
N LEU A 99 -62.28 5.86 55.54
CA LEU A 99 -62.98 4.63 55.17
C LEU A 99 -64.16 4.24 56.07
N ASN A 100 -64.59 5.09 56.99
CA ASN A 100 -65.79 4.88 57.82
C ASN A 100 -65.78 3.53 58.53
N VAL A 101 -64.69 3.22 59.21
CA VAL A 101 -64.50 1.98 59.93
C VAL A 101 -63.77 2.31 61.23
N ARG A 102 -63.42 1.31 62.02
CA ARG A 102 -62.60 1.60 63.18
C ARG A 102 -61.14 1.82 62.79
N GLU A 103 -60.36 2.29 63.77
CA GLU A 103 -58.91 2.33 63.67
C GLU A 103 -58.30 0.93 63.58
N GLU A 104 -59.10 -0.10 63.89
CA GLU A 104 -58.69 -1.50 63.89
C GLU A 104 -58.04 -1.89 62.57
N CYS A 105 -58.74 -1.74 61.45
CA CYS A 105 -58.40 -2.52 60.25
C CYS A 105 -57.39 -1.81 59.37
N LEU A 106 -56.48 -1.03 59.95
CA LEU A 106 -55.43 -0.34 59.20
C LEU A 106 -54.14 -1.15 59.29
N MET A 107 -53.34 -1.09 58.22
CA MET A 107 -52.14 -1.92 58.06
C MET A 107 -50.99 -1.03 57.63
N LEU A 108 -50.39 -0.31 58.58
CA LEU A 108 -49.44 0.73 58.24
C LEU A 108 -48.03 0.23 58.52
N GLN A 109 -47.21 0.14 57.47
CA GLN A 109 -45.79 -0.16 57.54
C GLN A 109 -45.13 0.36 56.27
N PRO A 110 -43.88 0.79 56.33
CA PRO A 110 -43.18 1.20 55.11
C PRO A 110 -42.94 0.01 54.20
N PRO A 111 -42.98 0.21 52.88
CA PRO A 111 -42.69 -0.89 51.96
C PRO A 111 -41.20 -1.18 51.89
N LYS A 112 -40.88 -2.39 51.43
CA LYS A 112 -39.52 -2.92 51.50
C LYS A 112 -38.88 -2.94 50.11
N ILE A 113 -37.78 -2.18 49.97
CA ILE A 113 -37.22 -1.85 48.66
C ILE A 113 -36.44 -3.03 48.06
N ARG A 114 -35.80 -3.85 48.90
CA ARG A 114 -35.21 -5.12 48.48
C ARG A 114 -36.13 -6.26 48.88
N GLY A 115 -36.80 -6.88 47.91
CA GLY A 115 -37.63 -8.06 48.15
C GLY A 115 -38.38 -8.48 46.90
N LEU A 116 -38.44 -9.77 46.61
CA LEU A 116 -39.02 -10.18 45.33
C LEU A 116 -40.54 -10.16 45.37
N SER A 117 -41.13 -10.90 46.32
CA SER A 117 -42.58 -10.90 46.45
C SER A 117 -43.13 -9.53 46.77
N ALA A 118 -42.32 -8.68 47.41
CA ALA A 118 -42.76 -7.35 47.80
C ALA A 118 -43.20 -6.52 46.61
N ALA A 119 -42.71 -6.85 45.41
CA ALA A 119 -43.19 -6.21 44.20
C ALA A 119 -43.92 -7.16 43.28
N LEU A 120 -43.67 -8.48 43.37
CA LEU A 120 -44.49 -9.42 42.61
C LEU A 120 -45.96 -9.32 42.99
N PHE A 121 -46.25 -9.13 44.27
CA PHE A 121 -47.63 -9.01 44.71
C PHE A 121 -48.35 -7.88 43.99
N TRP A 122 -47.76 -6.68 44.01
CA TRP A 122 -48.40 -5.54 43.35
C TRP A 122 -48.29 -5.61 41.84
N PHE A 123 -47.26 -6.28 41.31
CA PHE A 123 -47.16 -6.47 39.86
C PHE A 123 -48.30 -7.34 39.35
N LYS A 124 -48.63 -8.40 40.09
CA LYS A 124 -49.84 -9.17 39.79
C LYS A 124 -51.09 -8.33 39.97
N SER A 125 -51.16 -7.56 41.06
CA SER A 125 -52.36 -6.76 41.32
C SER A 125 -52.61 -5.74 40.21
N SER A 126 -51.54 -5.24 39.59
CA SER A 126 -51.66 -4.19 38.58
C SER A 126 -52.49 -4.64 37.38
N LEU A 127 -52.54 -5.95 37.14
CA LEU A 127 -53.31 -6.49 36.03
C LEU A 127 -54.75 -6.80 36.40
N SER A 128 -55.11 -6.69 37.68
CA SER A 128 -56.47 -7.00 38.10
C SER A 128 -57.45 -5.97 37.54
N PRO A 129 -58.69 -6.37 37.25
CA PRO A 129 -59.67 -5.44 36.68
C PRO A 129 -60.02 -4.25 37.57
N ALA A 130 -60.10 -4.46 38.89
CA ALA A 130 -60.52 -3.41 39.81
C ALA A 130 -59.35 -2.57 40.30
N THR A 131 -58.13 -2.91 39.89
CA THR A 131 -56.94 -2.17 40.27
C THR A 131 -56.98 -0.78 39.63
N LEU A 132 -56.58 0.23 40.40
CA LEU A 132 -56.67 1.62 39.98
C LEU A 132 -55.32 2.30 40.22
N LYS A 133 -54.53 2.44 39.17
CA LYS A 133 -53.20 3.01 39.23
C LYS A 133 -53.21 4.49 38.84
N HIS A 134 -52.20 5.21 39.29
CA HIS A 134 -52.06 6.63 38.95
C HIS A 134 -50.59 6.97 38.78
N GLY A 135 -50.18 7.26 37.55
CA GLY A 135 -48.83 7.71 37.29
C GLY A 135 -47.80 6.61 37.47
N ALA A 136 -46.56 7.05 37.68
CA ALA A 136 -45.46 6.12 37.84
C ALA A 136 -45.61 5.32 39.14
N LEU A 137 -45.36 4.03 39.04
CA LEU A 137 -45.22 3.18 40.22
C LEU A 137 -44.03 3.69 41.03
N PRO A 138 -44.01 3.46 42.33
CA PRO A 138 -42.86 3.91 43.13
C PRO A 138 -41.60 3.12 42.80
N GLU A 139 -40.45 3.79 42.92
CA GLU A 139 -39.16 3.20 42.54
C GLU A 139 -38.89 1.84 43.19
N TRP A 140 -39.65 1.43 44.21
CA TRP A 140 -39.34 0.12 44.79
C TRP A 140 -39.88 -1.02 43.94
N ILE A 141 -41.18 -1.02 43.62
CA ILE A 141 -41.72 -2.03 42.71
C ILE A 141 -41.21 -1.81 41.29
N ARG A 142 -41.54 -0.63 40.77
CA ARG A 142 -40.92 0.06 39.64
C ARG A 142 -39.38 0.10 39.72
N ALA A 143 -38.76 -0.67 40.64
CA ALA A 143 -37.35 -1.05 40.54
C ALA A 143 -37.17 -2.57 40.57
N GLN A 144 -37.90 -3.24 41.45
CA GLN A 144 -37.72 -4.67 41.67
C GLN A 144 -38.17 -5.53 40.48
N THR A 145 -39.34 -5.24 39.90
CA THR A 145 -39.86 -6.05 38.81
C THR A 145 -39.86 -5.32 37.47
N THR A 146 -39.62 -4.03 37.47
CA THR A 146 -39.53 -3.25 36.25
C THR A 146 -38.31 -2.37 36.39
N LEU A 147 -38.19 -1.40 35.48
CA LEU A 147 -36.94 -0.78 35.06
C LEU A 147 -36.19 -1.77 34.16
N ASN A 148 -37.01 -2.42 33.36
CA ASN A 148 -36.25 -3.15 32.36
C ASN A 148 -36.41 -2.51 30.99
N ALA A 149 -35.41 -2.73 30.13
CA ALA A 149 -35.43 -2.17 28.75
C ALA A 149 -36.82 -2.31 28.15
N ALA A 150 -37.46 -1.17 27.85
CA ALA A 150 -38.82 -1.17 27.34
C ALA A 150 -38.89 -1.87 25.99
N ALA A 151 -37.91 -1.61 25.13
CA ALA A 151 -37.84 -2.25 23.82
C ALA A 151 -36.41 -2.72 23.56
N ALA A 152 -35.83 -3.39 24.56
CA ALA A 152 -34.45 -3.86 24.49
C ALA A 152 -33.48 -2.70 24.27
N THR B 1 -33.02 -2.18 21.33
CA THR B 1 -31.71 -1.61 21.60
C THR B 1 -30.86 -2.54 22.46
N GLU B 2 -31.16 -3.83 22.42
CA GLU B 2 -30.34 -4.85 23.05
C GLU B 2 -29.02 -4.95 22.28
N LYS B 3 -28.03 -5.56 22.93
CA LYS B 3 -26.71 -5.71 22.34
C LYS B 3 -26.80 -6.28 20.93
N PHE B 4 -26.08 -5.65 20.00
CA PHE B 4 -26.09 -6.11 18.62
C PHE B 4 -25.51 -7.51 18.51
N ASP B 5 -26.22 -8.37 17.77
CA ASP B 5 -25.83 -9.77 17.60
C ASP B 5 -25.43 -9.96 16.14
N PHE B 6 -24.14 -9.78 15.87
CA PHE B 6 -23.62 -9.88 14.51
C PHE B 6 -23.99 -11.21 13.87
N GLY B 7 -24.07 -12.28 14.65
CA GLY B 7 -24.54 -13.54 14.12
C GLY B 7 -25.93 -13.44 13.54
N THR B 8 -26.82 -12.70 14.20
CA THR B 8 -28.17 -12.55 13.69
C THR B 8 -28.18 -11.75 12.39
N MET B 9 -27.35 -10.72 12.29
CA MET B 9 -27.30 -9.95 11.05
C MET B 9 -26.78 -10.80 9.89
N VAL B 10 -25.72 -11.57 10.12
CA VAL B 10 -25.20 -12.43 9.07
C VAL B 10 -26.24 -13.48 8.70
N GLN B 11 -26.95 -14.00 9.68
CA GLN B 11 -28.01 -14.97 9.40
C GLN B 11 -29.08 -14.37 8.53
N TRP B 12 -29.48 -13.13 8.83
CA TRP B 12 -30.49 -12.47 7.99
C TRP B 12 -29.98 -12.25 6.58
N ALA B 13 -28.72 -11.83 6.44
CA ALA B 13 -28.16 -11.56 5.11
C ALA B 13 -28.12 -12.83 4.28
N TYR B 14 -27.54 -13.90 4.84
CA TYR B 14 -27.52 -15.16 4.13
C TYR B 14 -28.92 -15.72 3.92
N ASP B 15 -29.88 -15.35 4.77
CA ASP B 15 -31.26 -15.76 4.54
C ASP B 15 -31.82 -15.11 3.29
N HIS B 16 -31.55 -13.83 3.10
CA HIS B 16 -32.03 -13.13 1.91
C HIS B 16 -31.04 -13.16 0.76
N LYS B 17 -29.88 -13.78 0.94
CA LYS B 17 -28.85 -13.91 -0.09
C LYS B 17 -28.20 -12.58 -0.47
N TYR B 18 -28.48 -11.52 0.27
CA TYR B 18 -27.77 -10.26 0.04
C TYR B 18 -26.29 -10.45 0.35
N ALA B 19 -25.43 -10.11 -0.61
CA ALA B 19 -24.00 -10.35 -0.47
C ALA B 19 -23.17 -9.07 -0.53
N GLU B 20 -23.41 -8.20 -1.51
CA GLU B 20 -22.62 -6.99 -1.66
C GLU B 20 -22.88 -6.03 -0.50
N GLU B 21 -21.85 -5.23 -0.17
CA GLU B 21 -21.90 -4.41 1.04
C GLU B 21 -23.08 -3.44 1.01
N SER B 22 -23.23 -2.69 -0.08
CA SER B 22 -24.19 -1.60 -0.10
C SER B 22 -25.62 -2.12 0.07
N LYS B 23 -25.95 -3.21 -0.63
CA LYS B 23 -27.29 -3.75 -0.49
C LYS B 23 -27.55 -4.21 0.93
N ILE B 24 -26.58 -4.90 1.54
CA ILE B 24 -26.71 -5.31 2.94
C ILE B 24 -27.03 -4.10 3.81
N ALA B 25 -26.16 -3.10 3.79
CA ALA B 25 -26.30 -1.97 4.70
C ALA B 25 -27.61 -1.25 4.48
N TYR B 26 -27.90 -0.86 3.24
CA TYR B 26 -29.09 -0.05 2.99
C TYR B 26 -30.36 -0.84 3.29
N GLU B 27 -30.43 -2.09 2.81
CA GLU B 27 -31.64 -2.86 3.01
C GLU B 27 -31.88 -3.15 4.48
N TYR B 28 -30.81 -3.43 5.24
CA TYR B 28 -30.97 -3.64 6.67
C TYR B 28 -31.47 -2.39 7.36
N ALA B 29 -30.81 -1.25 7.11
CA ALA B 29 -31.20 -0.01 7.79
C ALA B 29 -32.63 0.39 7.45
N LEU B 30 -33.17 -0.08 6.33
CA LEU B 30 -34.56 0.17 5.99
C LEU B 30 -35.51 -0.77 6.71
N ALA B 31 -35.01 -1.83 7.33
CA ALA B 31 -35.83 -2.81 8.05
C ALA B 31 -35.78 -2.59 9.55
N ALA B 32 -35.71 -1.34 9.98
CA ALA B 32 -35.64 -1.01 11.40
C ALA B 32 -37.00 -0.86 12.04
N GLY B 33 -38.08 -0.93 11.26
CA GLY B 33 -39.40 -0.83 11.84
C GLY B 33 -39.88 -2.05 12.58
N SER B 34 -39.22 -3.19 12.38
CA SER B 34 -39.64 -4.44 13.03
C SER B 34 -38.52 -5.22 13.67
N ASP B 35 -37.27 -5.05 13.27
CA ASP B 35 -36.15 -5.82 13.81
C ASP B 35 -35.52 -5.03 14.96
N SER B 36 -35.65 -5.55 16.18
CA SER B 36 -34.93 -4.96 17.30
C SER B 36 -33.44 -4.94 17.03
N ASN B 37 -32.93 -5.98 16.36
CA ASN B 37 -31.52 -5.98 15.99
C ASN B 37 -31.19 -4.87 15.03
N ALA B 38 -32.15 -4.40 14.23
CA ALA B 38 -31.88 -3.32 13.29
C ALA B 38 -31.62 -2.01 14.02
N ARG B 39 -32.48 -1.68 14.99
CA ARG B 39 -32.21 -0.50 15.82
C ARG B 39 -30.94 -0.69 16.63
N ALA B 40 -30.66 -1.92 17.05
CA ALA B 40 -29.40 -2.18 17.74
C ALA B 40 -28.20 -1.86 16.86
N PHE B 41 -28.27 -2.25 15.58
CA PHE B 41 -27.18 -1.96 14.66
C PHE B 41 -27.07 -0.46 14.42
N LEU B 42 -28.21 0.21 14.18
CA LEU B 42 -28.19 1.65 13.97
C LEU B 42 -27.60 2.40 15.16
N ALA B 43 -27.80 1.88 16.38
CA ALA B 43 -27.31 2.57 17.57
C ALA B 43 -25.78 2.61 17.61
N THR B 44 -25.12 1.54 17.17
CA THR B 44 -23.67 1.44 17.31
C THR B 44 -22.97 2.51 16.49
N ASN B 45 -21.70 2.75 16.82
CA ASN B 45 -20.87 3.75 16.17
C ASN B 45 -19.78 3.13 15.29
N SER B 46 -19.94 1.87 14.89
CA SER B 46 -18.99 1.19 14.02
C SER B 46 -19.74 0.43 12.94
N GLN B 47 -20.68 1.11 12.29
CA GLN B 47 -21.52 0.45 11.29
C GLN B 47 -20.71 -0.06 10.11
N ALA B 48 -19.73 0.72 9.66
CA ALA B 48 -18.98 0.35 8.47
C ALA B 48 -18.21 -0.95 8.67
N LYS B 49 -17.54 -1.10 9.82
CA LYS B 49 -16.79 -2.32 10.08
C LYS B 49 -17.71 -3.52 10.14
N HIS B 50 -18.87 -3.38 10.78
CA HIS B 50 -19.80 -4.49 10.89
C HIS B 50 -20.35 -4.88 9.52
N VAL B 51 -20.66 -3.90 8.67
CA VAL B 51 -21.18 -4.27 7.35
C VAL B 51 -20.09 -4.92 6.51
N LYS B 52 -18.85 -4.49 6.71
CA LYS B 52 -17.73 -5.07 5.99
C LYS B 52 -17.57 -6.55 6.37
N ASP B 53 -17.65 -6.84 7.67
CA ASP B 53 -17.52 -8.21 8.17
C ASP B 53 -18.72 -9.05 7.74
N CYS B 54 -19.92 -8.48 7.75
CA CYS B 54 -21.10 -9.22 7.32
C CYS B 54 -20.99 -9.61 5.86
N ALA B 55 -20.54 -8.69 5.01
CA ALA B 55 -20.36 -9.01 3.60
C ALA B 55 -19.36 -10.14 3.43
N THR B 56 -18.23 -10.08 4.14
CA THR B 56 -17.22 -11.11 4.00
C THR B 56 -17.74 -12.47 4.45
N MET B 57 -18.46 -12.51 5.58
CA MET B 57 -18.98 -13.79 6.07
C MET B 57 -20.01 -14.38 5.11
N VAL B 58 -20.91 -13.54 4.59
CA VAL B 58 -21.88 -14.07 3.63
C VAL B 58 -21.17 -14.57 2.39
N ARG B 59 -20.12 -13.89 1.97
CA ARG B 59 -19.34 -14.35 0.82
C ARG B 59 -18.75 -15.74 1.08
N HIS B 60 -18.15 -15.92 2.26
CA HIS B 60 -17.59 -17.23 2.60
C HIS B 60 -18.66 -18.31 2.53
N TYR B 61 -19.82 -18.04 3.14
CA TYR B 61 -20.84 -19.05 3.25
C TYR B 61 -21.39 -19.44 1.88
N LEU B 62 -21.67 -18.45 1.03
CA LEU B 62 -22.16 -18.77 -0.31
C LEU B 62 -21.10 -19.51 -1.11
N ARG B 63 -19.85 -19.09 -1.00
CA ARG B 63 -18.77 -19.73 -1.76
C ARG B 63 -18.69 -21.22 -1.45
N ALA B 64 -18.61 -21.55 -0.15
CA ALA B 64 -18.50 -22.97 0.21
C ALA B 64 -19.77 -23.74 -0.13
N GLU B 65 -20.93 -23.13 0.10
CA GLU B 65 -22.20 -23.81 -0.22
C GLU B 65 -22.26 -24.18 -1.68
N THR B 66 -21.80 -23.30 -2.57
CA THR B 66 -21.80 -23.62 -3.99
C THR B 66 -20.75 -24.67 -4.32
N GLN B 67 -19.52 -24.51 -3.82
CA GLN B 67 -18.48 -25.45 -4.21
C GLN B 67 -18.71 -26.86 -3.66
N ALA B 68 -19.56 -27.01 -2.65
CA ALA B 68 -19.82 -28.34 -2.12
C ALA B 68 -20.47 -29.24 -3.17
N LEU B 69 -21.26 -28.67 -4.06
CA LEU B 69 -22.09 -29.46 -4.96
C LEU B 69 -21.25 -30.21 -5.99
N SER B 70 -21.61 -31.46 -6.24
CA SER B 70 -21.01 -32.24 -7.31
C SER B 70 -21.66 -31.88 -8.64
N MET B 71 -20.86 -31.95 -9.71
CA MET B 71 -21.33 -31.50 -11.02
C MET B 71 -22.63 -32.14 -11.47
N PRO B 72 -22.88 -33.43 -11.25
CA PRO B 72 -24.24 -33.95 -11.52
C PRO B 72 -25.32 -33.25 -10.70
N ALA B 73 -25.13 -33.13 -9.39
CA ALA B 73 -26.08 -32.40 -8.57
C ALA B 73 -26.14 -30.94 -8.97
N TYR B 74 -25.02 -30.38 -9.42
CA TYR B 74 -25.02 -28.99 -9.85
C TYR B 74 -25.87 -28.80 -11.10
N ILE B 75 -25.80 -29.75 -12.03
CA ILE B 75 -26.68 -29.66 -13.19
C ILE B 75 -28.13 -29.88 -12.79
N LYS B 76 -28.39 -30.74 -11.80
CA LYS B 76 -29.74 -30.84 -11.26
C LYS B 76 -30.23 -29.48 -10.76
N ALA B 77 -29.41 -28.81 -9.95
CA ALA B 77 -29.78 -27.50 -9.41
C ALA B 77 -30.03 -26.51 -10.53
N ARG B 78 -29.12 -26.42 -11.49
CA ARG B 78 -29.31 -25.48 -12.59
C ARG B 78 -30.39 -25.93 -13.56
N CYS B 79 -30.93 -27.14 -13.40
CA CYS B 79 -32.12 -27.54 -14.13
C CYS B 79 -33.40 -27.34 -13.31
N LYS B 80 -33.29 -27.00 -12.02
CA LYS B 80 -34.47 -26.58 -11.28
C LYS B 80 -34.73 -25.09 -11.46
N LEU B 81 -33.68 -24.28 -11.45
CA LEU B 81 -33.82 -22.82 -11.61
C LEU B 81 -34.17 -22.41 -13.02
N ALA B 82 -34.45 -23.32 -13.95
CA ALA B 82 -34.83 -22.96 -15.31
C ALA B 82 -36.35 -23.12 -15.44
N THR B 83 -37.02 -22.04 -15.82
CA THR B 83 -38.48 -21.99 -15.90
C THR B 83 -38.93 -21.55 -17.28
N GLY B 84 -39.96 -22.20 -17.80
CA GLY B 84 -40.51 -21.88 -19.09
C GLY B 84 -41.07 -23.12 -19.76
N GLU B 85 -41.23 -23.04 -21.08
CA GLU B 85 -41.77 -24.15 -21.86
C GLU B 85 -40.95 -24.32 -23.16
N GLY B 86 -39.64 -24.25 -23.04
CA GLY B 86 -38.78 -24.35 -24.21
C GLY B 86 -38.71 -25.74 -24.78
N SER B 87 -38.06 -25.85 -25.94
CA SER B 87 -37.90 -27.10 -26.63
C SER B 87 -36.47 -27.21 -27.17
N TRP B 88 -36.04 -28.44 -27.41
CA TRP B 88 -34.70 -28.68 -27.92
C TRP B 88 -34.64 -28.70 -29.44
N LYS B 89 -35.78 -28.52 -30.11
CA LYS B 89 -35.76 -28.42 -31.56
C LYS B 89 -34.93 -27.23 -32.02
N SER B 90 -34.92 -26.14 -31.25
CA SER B 90 -34.18 -24.95 -31.67
C SER B 90 -32.69 -25.24 -31.79
N ILE B 91 -32.11 -25.91 -30.78
CA ILE B 91 -30.68 -26.17 -30.82
C ILE B 91 -30.36 -27.19 -31.92
N LEU B 92 -31.21 -28.19 -32.10
CA LEU B 92 -30.97 -29.18 -33.14
C LEU B 92 -30.99 -28.53 -34.52
N THR B 93 -31.96 -27.65 -34.76
CA THR B 93 -32.04 -26.99 -36.05
C THR B 93 -30.92 -25.98 -36.23
N PHE B 94 -30.45 -25.35 -35.14
CA PHE B 94 -29.31 -24.46 -35.25
C PHE B 94 -28.06 -25.22 -35.65
N PHE B 95 -27.82 -26.37 -35.04
CA PHE B 95 -26.64 -27.16 -35.40
C PHE B 95 -26.76 -27.71 -36.81
N ASN B 96 -27.90 -28.32 -37.13
CA ASN B 96 -28.10 -28.82 -38.49
C ASN B 96 -28.04 -27.72 -39.52
N TYR B 97 -28.28 -26.47 -39.11
CA TYR B 97 -28.08 -25.34 -40.01
C TYR B 97 -26.61 -25.20 -40.38
N GLN B 98 -25.73 -25.23 -39.39
CA GLN B 98 -24.30 -25.13 -39.63
C GLN B 98 -23.70 -26.44 -40.12
N ASN B 99 -24.54 -27.40 -40.47
CA ASN B 99 -24.15 -28.66 -41.08
C ASN B 99 -23.36 -29.56 -40.12
N ILE B 100 -23.33 -29.21 -38.84
CA ILE B 100 -22.74 -30.05 -37.81
C ILE B 100 -23.89 -30.75 -37.10
N GLU B 101 -24.10 -32.03 -37.42
CA GLU B 101 -25.18 -32.78 -36.80
C GLU B 101 -24.97 -32.88 -35.29
N LEU B 102 -26.09 -32.86 -34.56
CA LEU B 102 -26.04 -32.64 -33.11
C LEU B 102 -25.24 -33.73 -32.39
N ILE B 103 -25.19 -34.93 -32.95
CA ILE B 103 -24.54 -36.04 -32.25
C ILE B 103 -23.09 -35.71 -31.95
N THR B 104 -22.43 -34.96 -32.84
CA THR B 104 -21.06 -34.54 -32.59
C THR B 104 -20.98 -33.64 -31.37
N PHE B 105 -21.87 -32.66 -31.28
CA PHE B 105 -21.84 -31.78 -30.12
C PHE B 105 -22.18 -32.52 -28.84
N ILE B 106 -23.06 -33.51 -28.90
CA ILE B 106 -23.36 -34.30 -27.71
C ILE B 106 -22.14 -35.09 -27.27
N ASN B 107 -21.48 -35.76 -28.22
CA ASN B 107 -20.28 -36.53 -27.91
C ASN B 107 -19.12 -35.63 -27.50
N ALA B 108 -19.21 -34.33 -27.74
CA ALA B 108 -18.20 -33.43 -27.21
C ALA B 108 -18.57 -32.90 -25.83
N LEU B 109 -19.84 -32.60 -25.59
CA LEU B 109 -20.27 -32.12 -24.28
C LEU B 109 -20.09 -33.19 -23.22
N LYS B 110 -20.39 -34.45 -23.56
CA LYS B 110 -20.16 -35.54 -22.63
C LYS B 110 -18.73 -35.54 -22.11
N LEU B 111 -17.75 -35.41 -23.01
CA LEU B 111 -16.35 -35.43 -22.61
C LEU B 111 -15.94 -34.13 -21.95
N TRP B 112 -16.56 -33.01 -22.34
CA TRP B 112 -16.12 -31.71 -21.83
C TRP B 112 -16.55 -31.51 -20.39
N LEU B 113 -17.84 -31.72 -20.09
CA LEU B 113 -18.32 -31.49 -18.73
C LEU B 113 -17.59 -32.36 -17.73
N LYS B 114 -17.17 -33.56 -18.13
CA LYS B 114 -16.34 -34.39 -17.27
C LYS B 114 -14.94 -33.81 -17.07
N GLY B 115 -14.57 -32.78 -17.83
CA GLY B 115 -13.32 -32.10 -17.62
C GLY B 115 -12.08 -32.95 -17.81
N ILE B 116 -12.15 -33.96 -18.68
CA ILE B 116 -10.93 -34.73 -18.96
C ILE B 116 -9.91 -33.82 -19.62
N PRO B 117 -8.62 -33.97 -19.33
CA PRO B 117 -7.64 -33.08 -19.93
C PRO B 117 -7.46 -33.37 -21.41
N LYS B 118 -6.89 -32.38 -22.11
CA LYS B 118 -6.65 -32.41 -23.56
C LYS B 118 -7.95 -32.22 -24.33
N LYS B 119 -9.08 -32.16 -23.62
CA LYS B 119 -10.40 -31.93 -24.21
C LYS B 119 -11.19 -30.95 -23.37
N ASN B 120 -10.48 -30.04 -22.70
CA ASN B 120 -11.07 -29.15 -21.71
C ASN B 120 -11.28 -27.74 -22.26
N CYS B 121 -11.62 -27.65 -23.54
CA CYS B 121 -11.94 -26.36 -24.15
C CYS B 121 -12.59 -26.56 -25.51
N LEU B 122 -13.72 -25.92 -25.76
CA LEU B 122 -14.35 -25.91 -27.06
C LEU B 122 -14.19 -24.51 -27.66
N ALA B 123 -13.56 -24.43 -28.82
CA ALA B 123 -13.47 -23.20 -29.58
C ALA B 123 -14.54 -23.22 -30.65
N PHE B 124 -15.46 -22.26 -30.60
CA PHE B 124 -16.47 -22.08 -31.63
C PHE B 124 -15.94 -21.03 -32.59
N ILE B 125 -15.26 -21.49 -33.64
CA ILE B 125 -14.48 -20.63 -34.53
C ILE B 125 -15.26 -20.42 -35.81
N GLY B 126 -15.45 -19.16 -36.18
CA GLY B 126 -16.15 -18.81 -37.39
C GLY B 126 -16.07 -17.32 -37.69
N PRO B 127 -16.56 -16.92 -38.84
CA PRO B 127 -16.56 -15.50 -39.19
C PRO B 127 -17.47 -14.71 -38.27
N PRO B 128 -17.31 -13.39 -38.20
CA PRO B 128 -18.19 -12.60 -37.33
C PRO B 128 -19.65 -12.74 -37.72
N ASN B 129 -20.51 -12.82 -36.71
CA ASN B 129 -21.96 -12.90 -36.88
C ASN B 129 -22.35 -14.12 -37.71
N THR B 130 -22.07 -15.29 -37.14
CA THR B 130 -22.52 -16.56 -37.68
C THR B 130 -23.29 -17.39 -36.66
N GLY B 131 -23.41 -16.93 -35.42
CA GLY B 131 -24.08 -17.68 -34.39
C GLY B 131 -23.18 -18.36 -33.37
N LYS B 132 -21.94 -17.90 -33.21
CA LYS B 132 -21.04 -18.52 -32.26
C LYS B 132 -21.25 -17.98 -30.85
N SER B 133 -21.18 -16.66 -30.69
CA SER B 133 -21.33 -16.07 -29.36
C SER B 133 -22.73 -16.26 -28.83
N MET B 134 -23.73 -16.34 -29.72
CA MET B 134 -25.10 -16.60 -29.26
C MET B 134 -25.19 -17.91 -28.49
N LEU B 135 -24.75 -19.00 -29.11
CA LEU B 135 -24.82 -20.31 -28.46
C LEU B 135 -23.90 -20.37 -27.25
N CYS B 136 -22.68 -19.85 -27.39
CA CYS B 136 -21.74 -19.89 -26.27
C CYS B 136 -22.31 -19.20 -25.05
N ASN B 137 -22.79 -17.97 -25.21
CA ASN B 137 -23.31 -17.24 -24.07
C ASN B 137 -24.60 -17.85 -23.57
N SER B 138 -25.44 -18.41 -24.45
CA SER B 138 -26.65 -19.05 -23.96
C SER B 138 -26.33 -20.20 -23.02
N LEU B 139 -25.40 -21.07 -23.43
CA LEU B 139 -25.03 -22.20 -22.59
C LEU B 139 -24.36 -21.73 -21.31
N ILE B 140 -23.53 -20.70 -21.39
CA ILE B 140 -22.85 -20.22 -20.19
C ILE B 140 -23.84 -19.60 -19.21
N HIS B 141 -24.76 -18.78 -19.70
CA HIS B 141 -25.79 -18.21 -18.85
C HIS B 141 -26.62 -19.29 -18.19
N PHE B 142 -27.00 -20.33 -18.95
CA PHE B 142 -27.75 -21.40 -18.32
C PHE B 142 -26.93 -22.12 -17.26
N LEU B 143 -25.64 -22.34 -17.51
CA LEU B 143 -24.78 -23.08 -16.60
C LEU B 143 -24.24 -22.21 -15.48
N GLY B 144 -24.60 -20.93 -15.45
CA GLY B 144 -24.21 -20.07 -14.35
C GLY B 144 -22.76 -19.69 -14.32
N GLY B 145 -21.98 -20.09 -15.31
CA GLY B 145 -20.57 -19.74 -15.34
C GLY B 145 -20.36 -18.26 -15.59
N SER B 146 -19.20 -17.77 -15.18
CA SER B 146 -18.87 -16.36 -15.31
C SER B 146 -18.19 -16.10 -16.64
N VAL B 147 -18.61 -15.02 -17.30
CA VAL B 147 -18.08 -14.63 -18.59
C VAL B 147 -16.90 -13.69 -18.36
N LEU B 148 -15.72 -14.13 -18.76
CA LEU B 148 -14.52 -13.30 -18.59
C LEU B 148 -14.48 -12.22 -19.65
N SER B 149 -13.39 -11.46 -19.66
CA SER B 149 -13.18 -10.42 -20.66
C SER B 149 -11.69 -10.17 -20.78
N PHE B 150 -11.23 -9.90 -22.00
CA PHE B 150 -9.81 -9.71 -22.25
C PHE B 150 -9.39 -8.25 -22.27
N ALA B 151 -10.33 -7.31 -22.26
CA ALA B 151 -9.98 -5.90 -22.38
C ALA B 151 -9.01 -5.45 -21.31
N ASN B 152 -9.00 -6.12 -20.15
CA ASN B 152 -8.06 -5.84 -19.07
C ASN B 152 -7.28 -7.12 -18.79
N HIS B 153 -6.23 -7.37 -19.57
CA HIS B 153 -5.31 -8.43 -19.25
C HIS B 153 -4.13 -7.95 -18.44
N LYS B 154 -4.03 -6.63 -18.23
CA LYS B 154 -3.09 -6.09 -17.26
C LYS B 154 -3.65 -6.29 -15.85
N SER B 155 -2.78 -6.07 -14.86
CA SER B 155 -3.06 -6.20 -13.43
C SER B 155 -3.33 -7.64 -13.02
N HIS B 156 -3.38 -8.59 -13.96
CA HIS B 156 -3.37 -10.03 -13.70
C HIS B 156 -4.46 -10.47 -12.72
N PHE B 157 -5.46 -9.62 -12.49
CA PHE B 157 -6.60 -9.98 -11.66
C PHE B 157 -7.80 -10.39 -12.51
N TRP B 158 -7.65 -10.46 -13.82
CA TRP B 158 -8.72 -10.90 -14.71
C TRP B 158 -8.95 -12.39 -14.66
N LEU B 159 -8.31 -13.09 -13.72
CA LEU B 159 -8.43 -14.53 -13.60
C LEU B 159 -9.15 -14.99 -12.34
N ALA B 160 -9.38 -14.09 -11.38
CA ALA B 160 -10.02 -14.47 -10.13
C ALA B 160 -11.41 -15.07 -10.34
N SER B 161 -12.04 -14.77 -11.47
CA SER B 161 -13.40 -15.23 -11.70
C SER B 161 -13.48 -16.76 -11.76
N LEU B 162 -12.61 -17.40 -12.54
CA LEU B 162 -12.67 -18.84 -12.68
C LEU B 162 -12.08 -19.58 -11.48
N ALA B 163 -11.76 -18.88 -10.40
CA ALA B 163 -11.39 -19.56 -9.18
C ALA B 163 -12.60 -20.16 -8.46
N ASP B 164 -13.81 -19.73 -8.79
CA ASP B 164 -14.99 -20.23 -8.09
C ASP B 164 -16.20 -20.46 -8.99
N THR B 165 -16.04 -20.51 -10.31
CA THR B 165 -17.15 -20.74 -11.21
C THR B 165 -16.87 -21.94 -12.11
N ARG B 166 -17.93 -22.63 -12.50
CA ARG B 166 -17.81 -23.94 -13.12
C ARG B 166 -17.69 -23.90 -14.64
N ALA B 167 -17.85 -22.74 -15.28
CA ALA B 167 -17.68 -22.66 -16.73
C ALA B 167 -17.38 -21.21 -17.11
N ALA B 168 -16.10 -20.91 -17.35
CA ALA B 168 -15.73 -19.58 -17.80
C ALA B 168 -15.93 -19.46 -19.30
N LEU B 169 -15.85 -18.22 -19.79
CA LEU B 169 -15.95 -17.95 -21.22
C LEU B 169 -15.23 -16.66 -21.52
N VAL B 170 -14.53 -16.62 -22.66
CA VAL B 170 -13.84 -15.44 -23.14
C VAL B 170 -14.25 -15.22 -24.58
N ASP B 171 -15.02 -14.16 -24.83
CA ASP B 171 -15.40 -13.81 -26.19
C ASP B 171 -14.29 -13.00 -26.84
N ASP B 172 -14.44 -12.74 -28.14
CA ASP B 172 -13.53 -11.93 -28.95
C ASP B 172 -12.06 -12.32 -28.68
N ALA B 173 -11.76 -13.58 -28.97
CA ALA B 173 -10.42 -14.08 -28.72
C ALA B 173 -9.43 -13.52 -29.74
N THR B 174 -8.81 -12.40 -29.40
CA THR B 174 -7.81 -11.80 -30.26
C THR B 174 -6.53 -12.63 -30.25
N HIS B 175 -5.51 -12.15 -30.95
CA HIS B 175 -4.25 -12.88 -30.98
C HIS B 175 -3.58 -12.88 -29.62
N ALA B 176 -3.74 -11.81 -28.85
CA ALA B 176 -3.13 -11.75 -27.53
C ALA B 176 -3.73 -12.80 -26.60
N CYS B 177 -5.05 -12.99 -26.66
CA CYS B 177 -5.67 -14.00 -25.82
C CYS B 177 -5.19 -15.40 -26.20
N TRP B 178 -5.05 -15.66 -27.50
CA TRP B 178 -4.50 -16.94 -27.93
C TRP B 178 -3.08 -17.11 -27.43
N ARG B 179 -2.29 -16.02 -27.45
CA ARG B 179 -0.93 -16.11 -26.92
C ARG B 179 -0.93 -16.44 -25.43
N TYR B 180 -1.84 -15.84 -24.67
CA TYR B 180 -1.93 -16.15 -23.25
C TYR B 180 -2.32 -17.61 -23.04
N PHE B 181 -3.25 -18.12 -23.84
CA PHE B 181 -3.60 -19.53 -23.72
C PHE B 181 -2.42 -20.42 -24.12
N ASP B 182 -1.54 -19.93 -24.99
CA ASP B 182 -0.37 -20.71 -25.38
C ASP B 182 0.70 -20.71 -24.29
N THR B 183 0.93 -19.57 -23.64
CA THR B 183 2.12 -19.42 -22.80
C THR B 183 1.82 -19.25 -21.32
N TYR B 184 0.56 -19.09 -20.92
CA TYR B 184 0.24 -18.92 -19.51
C TYR B 184 -0.66 -20.00 -18.96
N LEU B 185 -1.75 -20.33 -19.66
CA LEU B 185 -2.77 -21.23 -19.14
C LEU B 185 -2.70 -22.60 -19.80
N ARG B 186 -1.48 -23.10 -20.04
CA ARG B 186 -1.34 -24.46 -20.53
C ARG B 186 -1.88 -25.47 -19.53
N ASN B 187 -1.62 -25.24 -18.25
CA ASN B 187 -2.10 -26.13 -17.20
C ASN B 187 -3.61 -26.25 -17.24
N ALA B 188 -4.30 -25.19 -17.65
CA ALA B 188 -5.76 -25.24 -17.72
C ALA B 188 -6.24 -26.30 -18.70
N LEU B 189 -5.62 -26.37 -19.87
CA LEU B 189 -6.01 -27.35 -20.87
C LEU B 189 -5.43 -28.72 -20.55
N ASP B 190 -4.30 -28.77 -19.85
CA ASP B 190 -3.64 -30.05 -19.58
C ASP B 190 -4.18 -30.75 -18.35
N GLY B 191 -5.11 -30.13 -17.62
CA GLY B 191 -5.72 -30.71 -16.45
C GLY B 191 -5.01 -30.41 -15.15
N TYR B 192 -3.76 -29.95 -15.22
CA TYR B 192 -2.99 -29.67 -14.02
C TYR B 192 -3.50 -28.41 -13.32
N PRO B 193 -3.33 -28.33 -12.01
CA PRO B 193 -3.84 -27.16 -11.27
C PRO B 193 -3.08 -25.90 -11.63
N VAL B 194 -3.76 -24.76 -11.47
CA VAL B 194 -3.19 -23.45 -11.74
C VAL B 194 -3.46 -22.56 -10.54
N SER B 195 -2.51 -21.71 -10.20
CA SER B 195 -2.63 -20.81 -9.05
C SER B 195 -3.32 -19.54 -9.51
N ILE B 196 -4.58 -19.37 -9.11
CA ILE B 196 -5.37 -18.19 -9.48
C ILE B 196 -5.26 -17.19 -8.33
N ASP B 197 -4.93 -15.95 -8.66
CA ASP B 197 -4.58 -14.95 -7.66
C ASP B 197 -5.79 -14.07 -7.37
N ARG B 198 -6.49 -14.37 -6.28
CA ARG B 198 -7.54 -13.50 -5.80
C ARG B 198 -6.94 -12.19 -5.29
N LYS B 199 -7.69 -11.12 -5.50
CA LYS B 199 -7.25 -9.74 -5.25
C LYS B 199 -7.12 -9.13 -3.86
N HIS B 200 -7.39 -9.89 -2.80
CA HIS B 200 -7.26 -9.30 -1.48
C HIS B 200 -6.48 -10.08 -0.43
N LYS B 201 -6.59 -11.41 -0.44
CA LYS B 201 -5.90 -12.18 0.59
C LYS B 201 -4.87 -13.15 0.03
N ALA B 202 -5.24 -14.10 -0.82
CA ALA B 202 -4.31 -15.18 -1.13
C ALA B 202 -4.75 -15.93 -2.38
N ALA B 203 -3.77 -16.53 -3.05
CA ALA B 203 -4.03 -17.34 -4.23
C ALA B 203 -4.70 -18.65 -3.82
N VAL B 204 -5.08 -19.44 -4.82
CA VAL B 204 -5.75 -20.71 -4.61
C VAL B 204 -5.17 -21.74 -5.56
N GLN B 205 -4.94 -22.95 -5.05
CA GLN B 205 -4.51 -24.07 -5.90
C GLN B 205 -5.75 -24.73 -6.50
N ILE B 206 -6.40 -23.99 -7.40
CA ILE B 206 -7.69 -24.36 -7.95
C ILE B 206 -7.49 -25.03 -9.30
N LYS B 207 -8.24 -26.09 -9.55
CA LYS B 207 -8.23 -26.74 -10.86
C LYS B 207 -9.00 -25.88 -11.85
N ALA B 208 -8.58 -25.91 -13.09
CA ALA B 208 -9.15 -25.01 -14.09
C ALA B 208 -10.54 -25.49 -14.51
N PRO B 209 -11.56 -24.66 -14.38
CA PRO B 209 -12.91 -25.08 -14.78
C PRO B 209 -13.00 -25.26 -16.28
N PRO B 210 -13.96 -26.05 -16.75
CA PRO B 210 -14.15 -26.19 -18.20
C PRO B 210 -14.40 -24.84 -18.86
N LEU B 211 -13.79 -24.64 -20.02
CA LEU B 211 -13.77 -23.34 -20.67
C LEU B 211 -14.59 -23.34 -21.95
N LEU B 212 -14.71 -22.16 -22.53
CA LEU B 212 -15.35 -21.95 -23.82
C LEU B 212 -14.76 -20.69 -24.41
N VAL B 213 -14.63 -20.63 -25.74
CA VAL B 213 -13.99 -19.50 -26.37
C VAL B 213 -14.56 -19.32 -27.77
N THR B 214 -14.80 -18.07 -28.14
CA THR B 214 -15.28 -17.69 -29.46
C THR B 214 -14.19 -16.91 -30.18
N SER B 215 -13.90 -17.28 -31.42
CA SER B 215 -12.79 -16.66 -32.12
C SER B 215 -13.00 -16.80 -33.62
N ASN B 216 -12.26 -15.99 -34.37
CA ASN B 216 -12.17 -16.11 -35.81
C ASN B 216 -10.86 -16.73 -36.25
N ILE B 217 -9.90 -16.87 -35.34
CA ILE B 217 -8.58 -17.40 -35.64
C ILE B 217 -8.66 -18.91 -35.53
N ASP B 218 -8.59 -19.59 -36.67
CA ASP B 218 -8.69 -21.05 -36.71
C ASP B 218 -7.39 -21.63 -36.17
N VAL B 219 -7.33 -21.73 -34.84
CA VAL B 219 -6.13 -22.19 -34.14
C VAL B 219 -5.70 -23.57 -34.61
N GLN B 220 -6.63 -24.37 -35.14
CA GLN B 220 -6.28 -25.65 -35.72
C GLN B 220 -5.51 -25.52 -37.03
N ALA B 221 -5.23 -24.31 -37.49
CA ALA B 221 -4.46 -24.09 -38.69
C ALA B 221 -3.21 -23.26 -38.48
N GLU B 222 -3.25 -22.28 -37.57
CA GLU B 222 -2.06 -21.49 -37.28
C GLU B 222 -1.02 -22.36 -36.57
N ASP B 223 0.18 -22.40 -37.12
CA ASP B 223 1.25 -23.20 -36.53
C ASP B 223 1.88 -22.55 -35.30
N ARG B 224 1.56 -21.29 -35.03
CA ARG B 224 2.11 -20.63 -33.84
C ARG B 224 1.49 -21.15 -32.56
N TYR B 225 0.43 -21.94 -32.63
CA TYR B 225 -0.19 -22.51 -31.45
C TYR B 225 -0.19 -24.04 -31.54
N LEU B 226 0.98 -24.60 -31.87
CA LEU B 226 1.11 -26.04 -32.00
C LEU B 226 0.72 -26.74 -30.71
N TYR B 227 0.96 -26.10 -29.57
CA TYR B 227 0.47 -26.66 -28.32
C TYR B 227 -1.05 -26.61 -28.24
N LEU B 228 -1.67 -25.55 -28.77
CA LEU B 228 -3.11 -25.40 -28.67
C LEU B 228 -3.87 -26.23 -29.68
N HIS B 229 -3.20 -26.81 -30.68
CA HIS B 229 -3.91 -27.63 -31.67
C HIS B 229 -4.71 -28.76 -31.02
N SER B 230 -4.05 -29.57 -30.19
CA SER B 230 -4.58 -30.87 -29.82
C SER B 230 -5.26 -30.87 -28.46
N ARG B 231 -5.58 -29.70 -27.91
CA ARG B 231 -6.23 -29.62 -26.61
C ARG B 231 -7.52 -28.80 -26.65
N VAL B 232 -8.06 -28.53 -27.82
CA VAL B 232 -9.35 -27.86 -27.98
C VAL B 232 -10.14 -28.59 -29.06
N GLN B 233 -11.44 -28.72 -28.86
CA GLN B 233 -12.31 -29.30 -29.87
C GLN B 233 -12.97 -28.15 -30.63
N THR B 234 -12.47 -27.87 -31.82
CA THR B 234 -12.98 -26.75 -32.62
C THR B 234 -14.24 -27.15 -33.35
N PHE B 235 -15.30 -26.37 -33.17
CA PHE B 235 -16.51 -26.50 -33.96
C PHE B 235 -16.61 -25.27 -34.85
N ARG B 236 -16.72 -25.48 -36.15
CA ARG B 236 -16.64 -24.41 -37.13
C ARG B 236 -18.04 -23.99 -37.55
N PHE B 237 -18.38 -22.74 -37.30
CA PHE B 237 -19.65 -22.16 -37.69
C PHE B 237 -19.42 -21.29 -38.92
N GLU B 238 -19.71 -21.83 -40.09
CA GLU B 238 -19.55 -21.11 -41.35
C GLU B 238 -20.84 -20.46 -41.83
N GLN B 239 -21.96 -21.17 -41.76
CA GLN B 239 -23.24 -20.60 -42.18
C GLN B 239 -23.63 -19.47 -41.23
N PRO B 240 -23.97 -18.30 -41.75
CA PRO B 240 -24.38 -17.21 -40.88
C PRO B 240 -25.89 -17.14 -40.66
N CYS B 241 -26.27 -16.60 -39.50
CA CYS B 241 -27.66 -16.39 -39.13
C CYS B 241 -27.95 -14.90 -38.96
N THR B 242 -27.36 -14.09 -39.84
CA THR B 242 -27.47 -12.63 -39.80
C THR B 242 -28.59 -12.11 -40.69
N ASP B 243 -29.70 -12.84 -40.80
CA ASP B 243 -30.73 -12.53 -41.79
C ASP B 243 -31.40 -11.22 -41.41
N GLU B 244 -30.98 -10.14 -42.07
CA GLU B 244 -31.59 -8.83 -41.90
C GLU B 244 -32.61 -8.53 -42.98
N SER B 245 -33.00 -9.52 -43.77
CA SER B 245 -33.93 -9.36 -44.87
C SER B 245 -35.16 -10.24 -44.70
N GLY B 246 -35.73 -10.27 -43.49
CA GLY B 246 -36.93 -11.05 -43.28
C GLY B 246 -37.09 -11.68 -41.91
N GLU B 247 -37.26 -13.01 -41.89
CA GLU B 247 -37.67 -13.72 -40.68
C GLU B 247 -36.61 -13.60 -39.59
N GLN B 248 -37.08 -13.71 -38.34
CA GLN B 248 -36.20 -13.55 -37.20
C GLN B 248 -35.20 -14.70 -37.13
N PRO B 249 -33.96 -14.45 -36.75
CA PRO B 249 -32.98 -15.54 -36.61
C PRO B 249 -33.21 -16.38 -35.37
N PHE B 250 -32.31 -17.33 -35.11
CA PHE B 250 -32.42 -18.18 -33.95
C PHE B 250 -32.07 -17.44 -32.67
N ASN B 251 -32.64 -17.91 -31.57
CA ASN B 251 -32.25 -17.47 -30.23
C ASN B 251 -32.55 -18.61 -29.28
N ILE B 252 -31.53 -19.06 -28.55
CA ILE B 252 -31.64 -20.20 -27.65
C ILE B 252 -31.88 -19.69 -26.25
N THR B 253 -32.92 -20.19 -25.61
CA THR B 253 -33.37 -19.70 -24.31
C THR B 253 -33.08 -20.73 -23.22
N ASP B 254 -33.19 -20.28 -21.98
CA ASP B 254 -32.91 -21.15 -20.83
C ASP B 254 -33.80 -22.39 -20.85
N ALA B 255 -35.10 -22.20 -21.10
CA ALA B 255 -36.01 -23.34 -21.14
C ALA B 255 -35.69 -24.29 -22.28
N ASP B 256 -35.14 -23.77 -23.38
CA ASP B 256 -34.68 -24.65 -24.46
C ASP B 256 -33.61 -25.60 -23.94
N TRP B 257 -32.63 -25.05 -23.21
CA TRP B 257 -31.59 -25.88 -22.62
C TRP B 257 -32.17 -26.85 -21.61
N LYS B 258 -33.12 -26.39 -20.79
CA LYS B 258 -33.71 -27.29 -19.80
C LYS B 258 -34.38 -28.47 -20.46
N SER B 259 -35.15 -28.21 -21.52
CA SER B 259 -35.80 -29.32 -22.21
C SER B 259 -34.79 -30.21 -22.90
N PHE B 260 -33.67 -29.64 -23.36
CA PHE B 260 -32.62 -30.46 -23.96
C PHE B 260 -32.04 -31.43 -22.93
N PHE B 261 -31.66 -30.92 -21.76
CA PHE B 261 -31.13 -31.80 -20.72
C PHE B 261 -32.15 -32.83 -20.25
N VAL B 262 -33.39 -32.41 -20.03
CA VAL B 262 -34.41 -33.35 -19.57
C VAL B 262 -34.61 -34.47 -20.57
N ARG B 263 -34.62 -34.13 -21.87
CA ARG B 263 -34.87 -35.16 -22.88
C ARG B 263 -33.66 -36.06 -23.08
N LEU B 264 -32.45 -35.48 -23.11
CA LEU B 264 -31.24 -36.24 -23.40
C LEU B 264 -30.43 -36.52 -22.14
N TRP B 265 -31.13 -36.64 -21.02
CA TRP B 265 -30.52 -37.08 -19.77
C TRP B 265 -29.76 -38.38 -19.95
N GLY B 266 -30.42 -39.39 -20.51
CA GLY B 266 -29.78 -40.69 -20.66
C GLY B 266 -28.62 -40.67 -21.62
N ARG B 267 -28.79 -40.01 -22.77
CA ARG B 267 -27.74 -39.96 -23.77
C ARG B 267 -26.57 -39.08 -23.35
N LEU B 268 -26.78 -38.17 -22.39
CA LEU B 268 -25.70 -37.34 -21.90
C LEU B 268 -24.99 -37.97 -20.71
N ASP B 269 -25.51 -39.07 -20.18
CA ASP B 269 -24.86 -39.87 -19.15
C ASP B 269 -24.50 -39.02 -17.92
N LEU B 270 -25.55 -38.58 -17.23
CA LEU B 270 -25.38 -37.93 -15.94
C LEU B 270 -26.04 -38.80 -14.89
N ILE B 271 -25.23 -39.41 -14.03
CA ILE B 271 -25.76 -40.23 -12.93
C ILE B 271 -24.76 -40.27 -11.80
N ASP B 272 -24.99 -39.47 -10.76
CA ASP B 272 -24.36 -39.67 -9.46
C ASP B 272 -25.21 -40.68 -8.71
N GLU B 273 -24.57 -41.58 -7.96
CA GLU B 273 -25.18 -42.84 -7.55
C GLU B 273 -26.61 -42.69 -7.07
N GLU B 274 -26.80 -42.00 -5.94
CA GLU B 274 -28.13 -41.76 -5.37
C GLU B 274 -27.97 -40.82 -4.19
N GLU B 275 -29.08 -40.59 -3.48
CA GLU B 275 -29.04 -39.92 -2.17
C GLU B 275 -30.26 -40.42 -1.40
N ASP B 276 -30.06 -41.46 -0.59
CA ASP B 276 -31.15 -42.06 0.16
C ASP B 276 -30.80 -42.43 1.59
N SER B 277 -29.56 -42.22 2.03
CA SER B 277 -29.14 -42.64 3.36
C SER B 277 -29.82 -41.78 4.43
N GLU B 278 -29.49 -42.07 5.69
CA GLU B 278 -30.08 -41.38 6.83
C GLU B 278 -29.60 -39.94 6.97
N GLU B 279 -28.80 -39.44 6.02
CA GLU B 279 -28.29 -38.08 6.10
C GLU B 279 -29.23 -37.04 5.50
N ASP B 280 -30.15 -37.45 4.63
CA ASP B 280 -31.00 -36.51 3.91
C ASP B 280 -32.44 -36.98 3.90
N GLY B 281 -32.94 -37.45 5.04
CA GLY B 281 -34.37 -37.75 5.14
C GLY B 281 -35.20 -36.48 5.01
N ASP B 282 -35.07 -35.57 5.97
CA ASP B 282 -35.76 -34.28 5.87
C ASP B 282 -34.94 -33.11 6.40
N SER B 283 -33.66 -33.30 6.75
CA SER B 283 -32.89 -32.24 7.37
C SER B 283 -32.65 -31.11 6.38
N MET B 284 -33.20 -29.93 6.68
CA MET B 284 -33.12 -28.81 5.76
C MET B 284 -32.64 -27.52 6.44
N ARG B 285 -32.93 -27.38 7.73
CA ARG B 285 -32.64 -26.14 8.44
C ARG B 285 -31.15 -25.87 8.61
N THR B 286 -30.29 -26.68 8.00
CA THR B 286 -28.85 -26.63 8.22
C THR B 286 -28.21 -25.28 7.93
N PHE B 287 -29.01 -24.33 7.41
CA PHE B 287 -28.51 -22.99 7.08
C PHE B 287 -27.62 -22.41 8.18
N THR B 288 -28.20 -22.15 9.34
CA THR B 288 -27.48 -21.67 10.51
C THR B 288 -28.44 -21.67 11.70
N CYS B 289 -27.97 -21.17 12.83
CA CYS B 289 -28.81 -21.07 14.03
C CYS B 289 -29.62 -19.79 14.00
N THR C 1 -26.28 13.59 29.11
CA THR C 1 -25.51 12.76 28.20
C THR C 1 -25.40 13.40 26.82
N GLU C 2 -24.28 14.05 26.56
CA GLU C 2 -24.06 14.72 25.28
C GLU C 2 -22.95 14.02 24.48
N LYS C 3 -23.06 12.70 24.35
CA LYS C 3 -22.08 11.91 23.62
C LYS C 3 -22.42 11.86 22.14
N PHE C 4 -21.40 11.66 21.31
CA PHE C 4 -21.59 11.59 19.87
C PHE C 4 -22.55 10.47 19.49
N ASP C 5 -23.32 10.70 18.42
CA ASP C 5 -24.29 9.73 17.89
C ASP C 5 -24.04 9.64 16.38
N PHE C 6 -23.23 8.66 15.99
CA PHE C 6 -22.88 8.50 14.58
C PHE C 6 -24.12 8.37 13.71
N GLY C 7 -25.16 7.71 14.23
CA GLY C 7 -26.39 7.56 13.46
C GLY C 7 -26.98 8.89 13.06
N THR C 8 -26.99 9.85 13.98
CA THR C 8 -27.50 11.18 13.66
C THR C 8 -26.68 11.82 12.55
N MET C 9 -25.36 11.70 12.62
CA MET C 9 -24.52 12.33 11.62
C MET C 9 -24.73 11.70 10.25
N VAL C 10 -24.86 10.38 10.20
CA VAL C 10 -25.08 9.71 8.91
C VAL C 10 -26.44 10.08 8.34
N GLN C 11 -27.48 10.08 9.18
CA GLN C 11 -28.79 10.48 8.71
C GLN C 11 -28.78 11.90 8.18
N TRP C 12 -28.09 12.80 8.87
CA TRP C 12 -28.00 14.18 8.42
C TRP C 12 -27.26 14.30 7.10
N ALA C 13 -26.09 13.65 7.00
CA ALA C 13 -25.32 13.68 5.76
C ALA C 13 -26.16 13.21 4.59
N TYR C 14 -26.83 12.07 4.75
CA TYR C 14 -27.72 11.60 3.70
C TYR C 14 -28.88 12.57 3.47
N ASP C 15 -29.27 13.32 4.50
CA ASP C 15 -30.35 14.26 4.36
C ASP C 15 -29.98 15.41 3.43
N HIS C 16 -28.74 15.89 3.52
CA HIS C 16 -28.30 16.96 2.64
C HIS C 16 -27.63 16.46 1.36
N LYS C 17 -27.55 15.15 1.18
CA LYS C 17 -26.89 14.51 0.03
C LYS C 17 -25.40 14.78 -0.02
N TYR C 18 -24.79 15.26 1.06
CA TYR C 18 -23.34 15.37 1.11
C TYR C 18 -22.71 13.99 1.02
N ALA C 19 -21.74 13.83 0.12
CA ALA C 19 -21.11 12.54 -0.09
C ALA C 19 -19.62 12.54 0.22
N GLU C 20 -18.85 13.45 -0.38
CA GLU C 20 -17.40 13.39 -0.24
C GLU C 20 -16.97 13.83 1.16
N GLU C 21 -15.77 13.40 1.54
CA GLU C 21 -15.28 13.64 2.90
C GLU C 21 -15.11 15.13 3.18
N SER C 22 -14.58 15.88 2.21
CA SER C 22 -14.26 17.29 2.45
C SER C 22 -15.52 18.07 2.84
N LYS C 23 -16.57 17.95 2.02
CA LYS C 23 -17.79 18.72 2.24
C LYS C 23 -18.41 18.36 3.57
N ILE C 24 -18.54 17.06 3.87
CA ILE C 24 -19.19 16.66 5.10
C ILE C 24 -18.40 17.13 6.31
N ALA C 25 -17.09 16.93 6.31
CA ALA C 25 -16.28 17.32 7.46
C ALA C 25 -16.38 18.82 7.70
N TYR C 26 -16.11 19.62 6.66
CA TYR C 26 -16.09 21.07 6.84
C TYR C 26 -17.48 21.60 7.21
N GLU C 27 -18.51 21.16 6.49
CA GLU C 27 -19.81 21.77 6.69
C GLU C 27 -20.39 21.34 8.03
N TYR C 28 -20.15 20.10 8.47
CA TYR C 28 -20.56 19.70 9.81
C TYR C 28 -19.82 20.49 10.88
N ALA C 29 -18.51 20.74 10.66
CA ALA C 29 -17.79 21.61 11.58
C ALA C 29 -18.43 22.98 11.66
N LEU C 30 -18.91 23.51 10.53
CA LEU C 30 -19.66 24.76 10.57
C LEU C 30 -20.96 24.60 11.35
N ALA C 31 -21.67 23.50 11.14
CA ALA C 31 -22.94 23.26 11.78
C ALA C 31 -22.81 23.03 13.27
N ALA C 32 -21.60 22.80 13.76
CA ALA C 32 -21.38 22.55 15.18
C ALA C 32 -21.80 23.73 16.06
N GLY C 33 -22.26 24.83 15.44
CA GLY C 33 -22.75 25.94 16.22
C GLY C 33 -24.03 25.62 16.97
N SER C 34 -25.02 25.03 16.28
CA SER C 34 -26.35 24.83 16.84
C SER C 34 -26.86 23.42 16.58
N ASP C 35 -25.95 22.48 16.31
CA ASP C 35 -26.28 21.06 16.18
C ASP C 35 -25.44 20.36 17.24
N SER C 36 -26.00 20.27 18.46
CA SER C 36 -25.30 19.79 19.64
C SER C 36 -24.44 18.57 19.36
N ASN C 37 -24.93 17.67 18.49
CA ASN C 37 -24.17 16.48 18.16
C ASN C 37 -22.86 16.82 17.46
N ALA C 38 -22.87 17.81 16.57
CA ALA C 38 -21.62 18.21 15.92
C ALA C 38 -20.67 18.87 16.90
N ARG C 39 -21.19 19.62 17.86
CA ARG C 39 -20.34 20.17 18.90
C ARG C 39 -19.70 19.06 19.73
N ALA C 40 -20.42 17.97 19.95
CA ALA C 40 -19.80 16.80 20.55
C ALA C 40 -18.75 16.19 19.64
N PHE C 41 -19.01 16.18 18.33
CA PHE C 41 -18.08 15.62 17.37
C PHE C 41 -16.74 16.33 17.43
N LEU C 42 -16.78 17.67 17.50
CA LEU C 42 -15.53 18.43 17.51
C LEU C 42 -14.62 18.04 18.66
N ALA C 43 -15.19 17.55 19.77
CA ALA C 43 -14.40 17.14 20.92
C ALA C 43 -13.91 15.70 20.85
N THR C 44 -14.38 14.93 19.86
CA THR C 44 -13.93 13.55 19.73
C THR C 44 -12.47 13.50 19.30
N ASN C 45 -11.75 12.48 19.78
CA ASN C 45 -10.33 12.35 19.48
C ASN C 45 -10.02 11.57 18.22
N SER C 46 -11.06 11.19 17.48
CA SER C 46 -10.89 10.45 16.23
C SER C 46 -11.76 11.05 15.13
N GLN C 47 -11.67 12.37 14.97
CA GLN C 47 -12.53 13.08 14.02
C GLN C 47 -12.40 12.50 12.61
N ALA C 48 -11.16 12.25 12.16
CA ALA C 48 -10.95 11.84 10.78
C ALA C 48 -11.58 10.49 10.48
N LYS C 49 -11.45 9.54 11.40
CA LYS C 49 -12.03 8.22 11.16
C LYS C 49 -13.54 8.29 11.08
N HIS C 50 -14.17 9.08 11.95
CA HIS C 50 -15.62 9.25 11.88
C HIS C 50 -16.04 9.89 10.57
N VAL C 51 -15.29 10.89 10.11
CA VAL C 51 -15.61 11.52 8.83
C VAL C 51 -15.52 10.50 7.69
N LYS C 52 -14.46 9.68 7.70
CA LYS C 52 -14.31 8.68 6.66
C LYS C 52 -15.45 7.68 6.68
N ASP C 53 -15.84 7.22 7.87
CA ASP C 53 -16.93 6.27 7.97
C ASP C 53 -18.26 6.88 7.54
N CYS C 54 -18.47 8.16 7.84
CA CYS C 54 -19.69 8.81 7.39
C CYS C 54 -19.74 8.90 5.87
N ALA C 55 -18.61 9.22 5.24
CA ALA C 55 -18.56 9.23 3.79
C ALA C 55 -18.89 7.85 3.23
N THR C 56 -18.29 6.81 3.80
CA THR C 56 -18.54 5.45 3.31
C THR C 56 -20.00 5.07 3.46
N MET C 57 -20.60 5.38 4.61
CA MET C 57 -21.98 4.99 4.85
C MET C 57 -22.93 5.73 3.91
N VAL C 58 -22.69 7.02 3.69
CA VAL C 58 -23.56 7.77 2.78
C VAL C 58 -23.42 7.23 1.36
N ARG C 59 -22.21 6.85 0.96
CA ARG C 59 -22.04 6.23 -0.35
C ARG C 59 -22.85 4.95 -0.45
N HIS C 60 -22.77 4.09 0.57
CA HIS C 60 -23.55 2.86 0.58
C HIS C 60 -25.03 3.16 0.39
N TYR C 61 -25.55 4.08 1.20
CA TYR C 61 -26.98 4.37 1.17
C TYR C 61 -27.42 4.89 -0.19
N LEU C 62 -26.72 5.91 -0.70
CA LEU C 62 -27.10 6.50 -1.98
C LEU C 62 -27.03 5.48 -3.11
N ARG C 63 -25.94 4.70 -3.15
CA ARG C 63 -25.76 3.75 -4.25
C ARG C 63 -26.83 2.67 -4.21
N ALA C 64 -27.05 2.07 -3.04
CA ALA C 64 -28.03 0.99 -2.96
C ALA C 64 -29.45 1.52 -3.07
N GLU C 65 -29.66 2.82 -2.92
CA GLU C 65 -30.99 3.36 -3.19
C GLU C 65 -31.19 3.56 -4.68
N THR C 66 -30.22 4.20 -5.35
CA THR C 66 -30.37 4.46 -6.78
C THR C 66 -30.44 3.17 -7.59
N GLN C 67 -29.61 2.17 -7.26
CA GLN C 67 -29.64 0.93 -8.03
C GLN C 67 -30.98 0.21 -7.95
N ALA C 68 -31.80 0.52 -6.94
CA ALA C 68 -33.08 -0.17 -6.79
C ALA C 68 -34.10 0.30 -7.82
N LEU C 69 -34.06 1.56 -8.22
CA LEU C 69 -35.11 2.13 -9.05
C LEU C 69 -35.14 1.49 -10.43
N SER C 70 -36.32 1.07 -10.87
CA SER C 70 -36.49 0.63 -12.24
C SER C 70 -36.38 1.82 -13.17
N MET C 71 -36.00 1.55 -14.43
CA MET C 71 -35.64 2.62 -15.34
C MET C 71 -36.71 3.69 -15.50
N PRO C 72 -37.98 3.36 -15.77
CA PRO C 72 -38.98 4.42 -15.84
C PRO C 72 -39.15 5.17 -14.53
N ALA C 73 -38.97 4.49 -13.40
CA ALA C 73 -38.98 5.19 -12.13
C ALA C 73 -37.80 6.16 -12.03
N TYR C 74 -36.64 5.77 -12.56
CA TYR C 74 -35.51 6.69 -12.59
C TYR C 74 -35.85 7.93 -13.43
N ILE C 75 -36.47 7.72 -14.58
CA ILE C 75 -36.83 8.86 -15.42
C ILE C 75 -37.83 9.76 -14.71
N LYS C 76 -38.79 9.17 -13.99
CA LYS C 76 -39.73 10.00 -13.22
C LYS C 76 -39.03 10.78 -12.12
N ALA C 77 -38.13 10.12 -11.38
CA ALA C 77 -37.42 10.79 -10.30
C ALA C 77 -36.58 11.94 -10.80
N ARG C 78 -35.93 11.76 -11.96
CA ARG C 78 -35.25 12.90 -12.57
C ARG C 78 -36.25 13.92 -13.10
N CYS C 79 -37.44 13.48 -13.52
CA CYS C 79 -38.42 14.39 -14.10
C CYS C 79 -38.90 15.41 -13.08
N LYS C 80 -39.25 14.97 -11.88
CA LYS C 80 -39.66 15.94 -10.87
C LYS C 80 -38.49 16.83 -10.47
N LEU C 81 -37.30 16.25 -10.36
CA LEU C 81 -36.11 17.01 -9.97
C LEU C 81 -35.78 18.11 -10.96
N ALA C 82 -36.07 17.90 -12.24
CA ALA C 82 -35.77 18.91 -13.25
C ALA C 82 -36.61 20.16 -12.98
N THR C 83 -35.93 21.27 -12.75
CA THR C 83 -36.58 22.55 -12.52
C THR C 83 -36.46 23.40 -13.78
N GLY C 84 -36.85 24.67 -13.67
CA GLY C 84 -36.68 25.61 -14.76
C GLY C 84 -37.94 25.76 -15.59
N GLU C 85 -37.80 26.55 -16.64
CA GLU C 85 -38.89 26.81 -17.56
C GLU C 85 -38.44 26.54 -18.98
N GLY C 86 -39.22 25.76 -19.71
CA GLY C 86 -38.91 25.40 -21.07
C GLY C 86 -39.91 24.40 -21.59
N SER C 87 -39.85 24.13 -22.88
CA SER C 87 -40.83 23.29 -23.54
C SER C 87 -40.10 22.27 -24.41
N TRP C 88 -40.88 21.32 -24.94
CA TRP C 88 -40.34 20.36 -25.89
C TRP C 88 -40.16 20.97 -27.26
N LYS C 89 -40.79 22.13 -27.52
CA LYS C 89 -40.73 22.74 -28.84
C LYS C 89 -39.30 22.98 -29.29
N SER C 90 -38.38 23.24 -28.35
CA SER C 90 -36.99 23.44 -28.72
C SER C 90 -36.44 22.21 -29.43
N ILE C 91 -36.68 21.03 -28.86
CA ILE C 91 -36.16 19.81 -29.47
C ILE C 91 -36.82 19.56 -30.81
N LEU C 92 -38.13 19.79 -30.90
CA LEU C 92 -38.84 19.58 -32.16
C LEU C 92 -38.26 20.46 -33.25
N THR C 93 -38.06 21.76 -32.97
CA THR C 93 -37.56 22.65 -34.00
C THR C 93 -36.12 22.32 -34.35
N PHE C 94 -35.31 21.94 -33.37
CA PHE C 94 -33.93 21.56 -33.67
C PHE C 94 -33.91 20.37 -34.62
N PHE C 95 -34.63 19.31 -34.30
CA PHE C 95 -34.55 18.11 -35.13
C PHE C 95 -35.20 18.32 -36.50
N ASN C 96 -36.40 18.92 -36.54
CA ASN C 96 -37.02 19.20 -37.83
C ASN C 96 -36.19 20.16 -38.66
N TYR C 97 -35.32 20.95 -38.03
CA TYR C 97 -34.34 21.71 -38.79
C TYR C 97 -33.37 20.77 -39.49
N GLN C 98 -32.84 19.78 -38.78
CA GLN C 98 -31.82 18.90 -39.31
C GLN C 98 -32.33 18.00 -40.43
N ASN C 99 -33.59 18.15 -40.84
CA ASN C 99 -34.22 17.31 -41.86
C ASN C 99 -34.45 15.88 -41.36
N ILE C 100 -34.51 15.71 -40.05
CA ILE C 100 -34.94 14.45 -39.42
C ILE C 100 -36.28 14.70 -38.74
N GLU C 101 -37.31 14.00 -39.21
CA GLU C 101 -38.59 14.04 -38.52
C GLU C 101 -38.44 13.41 -37.13
N LEU C 102 -39.14 13.98 -36.16
CA LEU C 102 -38.94 13.55 -34.77
C LEU C 102 -39.37 12.11 -34.54
N ILE C 103 -40.25 11.58 -35.39
CA ILE C 103 -40.72 10.20 -35.22
C ILE C 103 -39.54 9.23 -35.26
N THR C 104 -38.57 9.51 -36.13
CA THR C 104 -37.38 8.65 -36.22
C THR C 104 -36.60 8.64 -34.92
N PHE C 105 -36.32 9.83 -34.37
CA PHE C 105 -35.58 9.89 -33.11
C PHE C 105 -36.35 9.21 -31.99
N ILE C 106 -37.67 9.43 -31.94
CA ILE C 106 -38.47 8.84 -30.87
C ILE C 106 -38.45 7.32 -30.97
N ASN C 107 -38.62 6.79 -32.17
CA ASN C 107 -38.64 5.34 -32.35
C ASN C 107 -37.26 4.73 -32.19
N ALA C 108 -36.20 5.54 -32.22
CA ALA C 108 -34.90 5.01 -31.83
C ALA C 108 -34.68 5.09 -30.32
N LEU C 109 -35.17 6.16 -29.69
CA LEU C 109 -35.01 6.32 -28.26
C LEU C 109 -35.78 5.25 -27.50
N LYS C 110 -36.99 4.92 -27.96
CA LYS C 110 -37.80 3.94 -27.22
C LYS C 110 -37.13 2.58 -27.18
N LEU C 111 -36.24 2.30 -28.13
CA LEU C 111 -35.42 1.10 -28.03
C LEU C 111 -34.17 1.35 -27.20
N TRP C 112 -33.52 2.50 -27.40
CA TRP C 112 -32.25 2.75 -26.71
C TRP C 112 -32.42 2.69 -25.21
N LEU C 113 -33.57 3.15 -24.69
CA LEU C 113 -33.76 3.22 -23.25
C LEU C 113 -33.68 1.84 -22.61
N LYS C 114 -34.38 0.86 -23.19
CA LYS C 114 -34.49 -0.46 -22.58
C LYS C 114 -33.22 -1.30 -22.75
N GLY C 115 -32.18 -0.76 -23.38
CA GLY C 115 -30.99 -1.54 -23.62
C GLY C 115 -31.23 -2.76 -24.48
N ILE C 116 -32.17 -2.67 -25.42
CA ILE C 116 -32.48 -3.80 -26.30
C ILE C 116 -31.22 -4.20 -27.04
N PRO C 117 -30.89 -5.49 -27.14
CA PRO C 117 -29.66 -5.89 -27.82
C PRO C 117 -29.65 -5.45 -29.27
N LYS C 118 -28.45 -5.12 -29.75
CA LYS C 118 -28.16 -4.72 -31.13
C LYS C 118 -28.68 -3.32 -31.47
N LYS C 119 -29.38 -2.66 -30.54
CA LYS C 119 -29.76 -1.26 -30.72
C LYS C 119 -29.35 -0.43 -29.51
N ASN C 120 -28.24 -0.80 -28.89
CA ASN C 120 -27.82 -0.26 -27.60
C ASN C 120 -26.65 0.71 -27.76
N CYS C 121 -26.67 1.47 -28.84
CA CYS C 121 -25.65 2.50 -29.06
C CYS C 121 -26.21 3.48 -30.08
N LEU C 122 -26.40 4.72 -29.65
CA LEU C 122 -26.99 5.75 -30.49
C LEU C 122 -25.93 6.79 -30.78
N ALA C 123 -25.34 6.73 -31.97
CA ALA C 123 -24.24 7.61 -32.36
C ALA C 123 -24.79 8.77 -33.18
N PHE C 124 -24.32 9.98 -32.87
CA PHE C 124 -24.73 11.19 -33.57
C PHE C 124 -23.56 11.62 -34.45
N ILE C 125 -23.54 11.14 -35.68
CA ILE C 125 -22.40 11.27 -36.59
C ILE C 125 -22.73 12.34 -37.61
N GLY C 126 -21.82 13.30 -37.77
CA GLY C 126 -22.01 14.36 -38.74
C GLY C 126 -20.75 15.17 -38.98
N PRO C 127 -20.78 16.05 -39.99
CA PRO C 127 -19.67 16.96 -40.23
C PRO C 127 -19.35 17.78 -38.99
N PRO C 128 -18.15 18.35 -38.91
CA PRO C 128 -17.71 18.99 -37.67
C PRO C 128 -18.58 20.17 -37.29
N ASN C 129 -18.84 20.28 -35.98
CA ASN C 129 -19.57 21.39 -35.39
C ASN C 129 -20.87 21.68 -36.15
N THR C 130 -21.78 20.71 -36.09
CA THR C 130 -23.13 20.87 -36.60
C THR C 130 -24.20 20.76 -35.53
N GLY C 131 -23.83 20.65 -34.26
CA GLY C 131 -24.81 20.70 -33.19
C GLY C 131 -25.11 19.35 -32.55
N LYS C 132 -24.07 18.54 -32.38
CA LYS C 132 -24.26 17.22 -31.77
C LYS C 132 -23.83 17.22 -30.32
N SER C 133 -22.72 17.89 -30.02
CA SER C 133 -22.16 17.88 -28.68
C SER C 133 -23.12 18.46 -27.66
N MET C 134 -23.78 19.57 -28.02
CA MET C 134 -24.72 20.19 -27.08
C MET C 134 -25.85 19.23 -26.74
N LEU C 135 -26.41 18.57 -27.74
CA LEU C 135 -27.56 17.70 -27.50
C LEU C 135 -27.16 16.48 -26.66
N CYS C 136 -26.09 15.81 -27.05
CA CYS C 136 -25.66 14.64 -26.27
C CYS C 136 -25.28 15.01 -24.85
N ASN C 137 -24.55 16.11 -24.68
CA ASN C 137 -24.14 16.50 -23.34
C ASN C 137 -25.34 16.88 -22.49
N SER C 138 -26.31 17.60 -23.06
CA SER C 138 -27.49 17.95 -22.28
C SER C 138 -28.28 16.72 -21.88
N LEU C 139 -28.45 15.77 -22.80
CA LEU C 139 -29.22 14.57 -22.46
C LEU C 139 -28.51 13.76 -21.38
N ILE C 140 -27.18 13.66 -21.47
CA ILE C 140 -26.44 12.94 -20.43
C ILE C 140 -26.53 13.68 -19.10
N HIS C 141 -26.50 15.01 -19.14
CA HIS C 141 -26.63 15.79 -17.91
C HIS C 141 -28.00 15.55 -17.26
N PHE C 142 -29.05 15.47 -18.08
CA PHE C 142 -30.38 15.19 -17.53
C PHE C 142 -30.44 13.79 -16.95
N LEU C 143 -30.03 12.79 -17.71
CA LEU C 143 -30.18 11.42 -17.22
C LEU C 143 -29.23 11.08 -16.10
N GLY C 144 -28.48 12.03 -15.56
CA GLY C 144 -27.55 11.72 -14.49
C GLY C 144 -26.45 10.78 -14.89
N GLY C 145 -26.19 10.65 -16.18
CA GLY C 145 -25.13 9.77 -16.63
C GLY C 145 -23.76 10.40 -16.52
N SER C 146 -22.75 9.62 -16.85
CA SER C 146 -21.38 10.07 -16.75
C SER C 146 -20.75 10.18 -18.13
N VAL C 147 -19.83 11.13 -18.27
CA VAL C 147 -19.08 11.35 -19.51
C VAL C 147 -17.65 10.93 -19.25
N LEU C 148 -17.20 9.90 -19.94
CA LEU C 148 -15.84 9.43 -19.83
C LEU C 148 -14.93 10.25 -20.74
N SER C 149 -13.62 10.02 -20.63
CA SER C 149 -12.65 10.66 -21.51
C SER C 149 -11.74 9.59 -22.08
N PHE C 150 -11.34 9.76 -23.34
CA PHE C 150 -10.64 8.69 -24.04
C PHE C 150 -9.19 8.59 -23.56
N ALA C 151 -8.66 9.67 -22.97
CA ALA C 151 -7.24 9.73 -22.63
C ALA C 151 -6.82 8.62 -21.69
N ASN C 152 -7.69 8.22 -20.78
CA ASN C 152 -7.40 7.21 -19.78
C ASN C 152 -7.24 5.80 -20.36
N HIS C 153 -7.56 5.60 -21.64
CA HIS C 153 -7.69 4.26 -22.19
C HIS C 153 -6.43 3.42 -22.03
N LYS C 154 -5.26 4.06 -21.89
CA LYS C 154 -4.05 3.32 -21.57
C LYS C 154 -4.17 2.61 -20.23
N SER C 155 -5.09 3.06 -19.37
CA SER C 155 -5.42 2.40 -18.13
C SER C 155 -6.83 1.83 -18.23
N HIS C 156 -6.96 0.53 -17.97
CA HIS C 156 -8.24 -0.15 -18.10
C HIS C 156 -9.24 0.25 -17.04
N PHE C 157 -8.84 1.04 -16.05
CA PHE C 157 -9.71 1.46 -14.97
C PHE C 157 -10.66 2.57 -15.37
N TRP C 158 -10.58 3.07 -16.61
CA TRP C 158 -11.41 4.19 -17.04
C TRP C 158 -12.87 3.80 -17.24
N LEU C 159 -13.20 2.52 -17.19
CA LEU C 159 -14.59 2.08 -17.30
C LEU C 159 -15.20 1.74 -15.94
N ALA C 160 -14.53 2.14 -14.86
CA ALA C 160 -15.04 1.83 -13.52
C ALA C 160 -16.42 2.43 -13.28
N SER C 161 -16.73 3.56 -13.91
CA SER C 161 -18.01 4.21 -13.70
C SER C 161 -19.18 3.45 -14.31
N LEU C 162 -18.93 2.51 -15.21
CA LEU C 162 -20.02 1.80 -15.89
C LEU C 162 -20.80 0.88 -14.96
N ALA C 163 -20.29 0.61 -13.76
CA ALA C 163 -20.98 -0.28 -12.84
C ALA C 163 -22.01 0.43 -11.98
N ASP C 164 -22.19 1.73 -12.17
CA ASP C 164 -23.13 2.51 -11.36
C ASP C 164 -24.24 3.14 -12.17
N THR C 165 -23.91 3.88 -13.22
CA THR C 165 -24.85 4.79 -13.85
C THR C 165 -25.67 4.08 -14.91
N ARG C 166 -26.59 4.83 -15.53
CA ARG C 166 -27.54 4.28 -16.48
C ARG C 166 -27.59 5.07 -17.79
N ALA C 167 -26.56 5.87 -18.08
CA ALA C 167 -26.41 6.50 -19.39
C ALA C 167 -24.96 6.91 -19.54
N ALA C 168 -24.22 6.23 -20.40
CA ALA C 168 -22.79 6.45 -20.54
C ALA C 168 -22.47 7.09 -21.88
N LEU C 169 -21.60 8.09 -21.85
CA LEU C 169 -21.19 8.79 -23.06
C LEU C 169 -19.69 9.01 -23.06
N VAL C 170 -19.09 8.91 -24.24
CA VAL C 170 -17.78 9.45 -24.52
C VAL C 170 -17.91 10.33 -25.76
N ASP C 171 -17.35 11.53 -25.70
CA ASP C 171 -17.56 12.55 -26.71
C ASP C 171 -16.29 12.79 -27.49
N ASP C 172 -16.43 12.96 -28.80
CA ASP C 172 -15.31 13.10 -29.73
C ASP C 172 -14.35 11.92 -29.58
N ALA C 173 -14.89 10.73 -29.87
CA ALA C 173 -14.09 9.52 -29.87
C ALA C 173 -13.18 9.52 -31.10
N THR C 174 -11.91 9.24 -30.91
CA THR C 174 -10.96 9.20 -32.00
C THR C 174 -11.15 7.89 -32.75
N HIS C 175 -10.24 7.58 -33.67
CA HIS C 175 -10.36 6.35 -34.44
C HIS C 175 -9.96 5.15 -33.61
N ALA C 176 -8.96 5.31 -32.74
CA ALA C 176 -8.58 4.24 -31.83
C ALA C 176 -9.73 3.85 -30.92
N CYS C 177 -10.57 4.81 -30.53
CA CYS C 177 -11.74 4.47 -29.74
C CYS C 177 -12.71 3.58 -30.52
N TRP C 178 -12.88 3.86 -31.82
CA TRP C 178 -13.74 3.00 -32.62
C TRP C 178 -13.18 1.60 -32.73
N ARG C 179 -11.86 1.47 -32.95
CA ARG C 179 -11.28 0.13 -32.98
C ARG C 179 -11.42 -0.56 -31.62
N TYR C 180 -11.27 0.19 -30.54
CA TYR C 180 -11.46 -0.36 -29.19
C TYR C 180 -12.86 -0.91 -29.02
N PHE C 181 -13.87 -0.15 -29.45
CA PHE C 181 -15.24 -0.63 -29.38
C PHE C 181 -15.43 -1.89 -30.20
N ASP C 182 -14.88 -1.93 -31.42
CA ASP C 182 -15.10 -3.08 -32.27
C ASP C 182 -14.38 -4.33 -31.75
N THR C 183 -13.29 -4.15 -31.01
CA THR C 183 -12.47 -5.31 -30.65
C THR C 183 -12.70 -5.79 -29.22
N TYR C 184 -12.70 -4.90 -28.24
CA TYR C 184 -12.81 -5.35 -26.85
C TYR C 184 -14.24 -5.33 -26.33
N LEU C 185 -15.06 -4.40 -26.80
CA LEU C 185 -16.40 -4.17 -26.27
C LEU C 185 -17.47 -4.83 -27.12
N ARG C 186 -17.18 -6.01 -27.65
CA ARG C 186 -18.13 -6.68 -28.55
C ARG C 186 -19.36 -7.16 -27.80
N ASN C 187 -19.16 -8.03 -26.79
CA ASN C 187 -20.29 -8.63 -26.10
C ASN C 187 -21.12 -7.59 -25.38
N ALA C 188 -20.47 -6.65 -24.68
CA ALA C 188 -21.22 -5.67 -23.90
C ALA C 188 -22.14 -4.85 -24.78
N LEU C 189 -21.65 -4.38 -25.93
CA LEU C 189 -22.49 -3.62 -26.84
C LEU C 189 -23.51 -4.51 -27.54
N ASP C 190 -23.25 -5.80 -27.66
CA ASP C 190 -24.23 -6.68 -28.27
C ASP C 190 -25.39 -6.93 -27.32
N GLY C 191 -25.16 -6.86 -26.01
CA GLY C 191 -26.23 -7.10 -25.05
C GLY C 191 -25.90 -8.14 -23.99
N TYR C 192 -24.62 -8.39 -23.78
CA TYR C 192 -24.12 -9.43 -22.89
C TYR C 192 -23.51 -8.84 -21.63
N PRO C 193 -23.25 -9.65 -20.61
CA PRO C 193 -22.52 -9.15 -19.45
C PRO C 193 -21.05 -9.00 -19.74
N VAL C 194 -20.39 -8.15 -18.95
CA VAL C 194 -18.97 -7.86 -19.13
C VAL C 194 -18.38 -7.47 -17.78
N SER C 195 -17.15 -7.92 -17.54
CA SER C 195 -16.48 -7.63 -16.28
C SER C 195 -15.97 -6.20 -16.24
N ILE C 196 -16.00 -5.62 -15.04
CA ILE C 196 -15.52 -4.26 -14.80
C ILE C 196 -14.61 -4.29 -13.58
N ASP C 197 -13.40 -3.74 -13.72
CA ASP C 197 -12.47 -3.64 -12.60
C ASP C 197 -12.57 -2.26 -11.96
N ARG C 198 -12.32 -2.23 -10.65
CA ARG C 198 -12.39 -1.01 -9.87
C ARG C 198 -11.21 -0.95 -8.92
N LYS C 199 -10.94 0.27 -8.43
CA LYS C 199 -9.82 0.48 -7.51
C LYS C 199 -10.23 0.07 -6.10
N HIS C 200 -9.42 -0.79 -5.49
CA HIS C 200 -9.54 -1.25 -4.11
C HIS C 200 -10.76 -2.14 -3.87
N LYS C 201 -11.62 -2.34 -4.86
CA LYS C 201 -12.84 -3.12 -4.69
C LYS C 201 -12.86 -4.28 -5.67
N ALA C 202 -13.83 -5.17 -5.49
CA ALA C 202 -13.94 -6.36 -6.32
C ALA C 202 -14.54 -6.00 -7.67
N ALA C 203 -14.21 -6.82 -8.67
CA ALA C 203 -14.83 -6.69 -9.98
C ALA C 203 -16.25 -7.24 -9.94
N VAL C 204 -17.12 -6.63 -10.74
CA VAL C 204 -18.52 -7.04 -10.81
C VAL C 204 -18.88 -7.36 -12.26
N GLN C 205 -19.74 -8.35 -12.44
CA GLN C 205 -20.27 -8.71 -13.75
C GLN C 205 -21.65 -8.07 -13.87
N ILE C 206 -21.69 -6.90 -14.48
CA ILE C 206 -22.91 -6.11 -14.61
C ILE C 206 -23.19 -5.91 -16.09
N LYS C 207 -24.47 -5.78 -16.44
CA LYS C 207 -24.84 -5.55 -17.83
C LYS C 207 -24.29 -4.21 -18.31
N ALA C 208 -24.48 -3.95 -19.60
CA ALA C 208 -23.95 -2.74 -20.21
C ALA C 208 -24.99 -1.63 -20.17
N PRO C 209 -24.73 -0.52 -19.47
CA PRO C 209 -25.67 0.59 -19.52
C PRO C 209 -25.69 1.21 -20.90
N PRO C 210 -26.83 1.76 -21.32
CA PRO C 210 -26.93 2.31 -22.68
C PRO C 210 -25.91 3.41 -22.93
N LEU C 211 -25.64 3.65 -24.21
CA LEU C 211 -24.51 4.47 -24.62
C LEU C 211 -24.93 5.54 -25.62
N LEU C 212 -24.13 6.61 -25.66
CA LEU C 212 -24.27 7.67 -26.65
C LEU C 212 -22.87 8.11 -27.05
N VAL C 213 -22.60 8.16 -28.35
CA VAL C 213 -21.28 8.53 -28.85
C VAL C 213 -21.45 9.56 -29.97
N THR C 214 -20.51 10.49 -30.05
CA THR C 214 -20.45 11.46 -31.13
C THR C 214 -19.09 11.42 -31.79
N SER C 215 -19.06 11.67 -33.10
CA SER C 215 -17.82 11.71 -33.84
C SER C 215 -18.09 12.29 -35.22
N ASN C 216 -17.00 12.67 -35.89
CA ASN C 216 -17.05 13.02 -37.30
C ASN C 216 -16.80 11.82 -38.19
N ILE C 217 -16.40 10.69 -37.61
CA ILE C 217 -16.08 9.49 -38.35
C ILE C 217 -17.31 8.60 -38.42
N ASP C 218 -17.67 8.18 -39.61
CA ASP C 218 -18.83 7.33 -39.82
C ASP C 218 -18.44 5.88 -39.56
N VAL C 219 -19.35 5.11 -38.95
CA VAL C 219 -19.10 3.69 -38.74
C VAL C 219 -20.03 2.81 -39.56
N GLN C 220 -21.12 3.36 -40.08
CA GLN C 220 -21.99 2.61 -40.99
C GLN C 220 -21.46 2.59 -42.42
N ALA C 221 -20.48 3.42 -42.74
CA ALA C 221 -20.00 3.58 -44.10
C ALA C 221 -18.61 2.96 -44.32
N GLU C 222 -17.68 3.16 -43.40
CA GLU C 222 -16.36 2.56 -43.54
C GLU C 222 -16.48 1.04 -43.50
N ASP C 223 -15.98 0.39 -44.54
CA ASP C 223 -16.05 -1.07 -44.62
C ASP C 223 -15.01 -1.75 -43.75
N ARG C 224 -14.08 -0.99 -43.17
CA ARG C 224 -13.22 -1.56 -42.13
C ARG C 224 -14.08 -2.09 -40.98
N TYR C 225 -15.04 -1.30 -40.53
CA TYR C 225 -15.99 -1.72 -39.51
C TYR C 225 -17.22 -2.31 -40.19
N LEU C 226 -17.00 -3.46 -40.83
CA LEU C 226 -18.10 -4.27 -41.35
C LEU C 226 -18.89 -4.94 -40.23
N TYR C 227 -18.45 -4.76 -38.98
CA TYR C 227 -18.94 -5.50 -37.84
C TYR C 227 -19.82 -4.66 -36.92
N LEU C 228 -20.09 -3.40 -37.28
CA LEU C 228 -20.87 -2.49 -36.45
C LEU C 228 -22.10 -1.96 -37.17
N HIS C 229 -22.42 -2.46 -38.36
CA HIS C 229 -23.58 -1.93 -39.07
C HIS C 229 -24.89 -2.41 -38.47
N SER C 230 -24.90 -3.56 -37.80
CA SER C 230 -26.13 -4.12 -37.26
C SER C 230 -26.26 -3.95 -35.76
N ARG C 231 -25.27 -3.36 -35.10
CA ARG C 231 -25.27 -3.24 -33.65
C ARG C 231 -25.33 -1.80 -33.15
N VAL C 232 -25.47 -0.81 -34.04
CA VAL C 232 -25.61 0.59 -33.65
C VAL C 232 -26.66 1.25 -34.53
N GLN C 233 -27.09 2.44 -34.13
CA GLN C 233 -27.98 3.27 -34.93
C GLN C 233 -27.36 4.66 -35.07
N THR C 234 -27.27 5.15 -36.30
CA THR C 234 -26.53 6.36 -36.62
C THR C 234 -27.47 7.42 -37.18
N PHE C 235 -27.43 8.60 -36.57
CA PHE C 235 -28.17 9.76 -37.06
C PHE C 235 -27.21 10.77 -37.67
N ARG C 236 -27.50 11.21 -38.88
CA ARG C 236 -26.63 12.07 -39.65
C ARG C 236 -27.05 13.52 -39.46
N PHE C 237 -26.21 14.30 -38.77
CA PHE C 237 -26.43 15.72 -38.59
C PHE C 237 -25.62 16.46 -39.65
N GLU C 238 -26.30 17.26 -40.46
CA GLU C 238 -25.64 17.84 -41.64
C GLU C 238 -25.72 19.36 -41.72
N GLN C 239 -26.76 19.99 -41.21
CA GLN C 239 -26.93 21.42 -41.38
C GLN C 239 -25.97 22.20 -40.50
N PRO C 240 -25.72 23.48 -40.81
CA PRO C 240 -24.87 24.32 -39.97
C PRO C 240 -25.63 24.81 -38.75
N CYS C 241 -25.33 24.25 -37.60
CA CYS C 241 -25.93 24.68 -36.34
C CYS C 241 -24.92 25.14 -35.32
N THR C 242 -23.86 24.36 -35.08
CA THR C 242 -23.04 24.55 -33.89
C THR C 242 -22.19 25.80 -33.99
N ASP C 243 -22.80 26.95 -33.75
CA ASP C 243 -22.07 28.19 -33.55
C ASP C 243 -22.04 28.62 -32.09
N GLU C 244 -23.22 28.73 -31.47
CA GLU C 244 -23.36 29.26 -30.11
C GLU C 244 -22.79 30.67 -29.97
N SER C 245 -22.51 31.30 -31.11
CA SER C 245 -21.93 32.64 -31.11
C SER C 245 -22.70 33.63 -31.96
N GLY C 246 -23.21 33.23 -33.12
CA GLY C 246 -23.86 34.19 -33.99
C GLY C 246 -25.37 34.20 -33.94
N GLU C 247 -25.99 33.03 -34.14
CA GLU C 247 -27.44 32.92 -34.06
C GLU C 247 -27.82 31.90 -32.99
N GLN C 248 -27.18 30.73 -33.05
CA GLN C 248 -27.31 29.70 -32.03
C GLN C 248 -28.75 29.21 -31.84
N PRO C 249 -29.30 28.47 -32.81
CA PRO C 249 -30.60 27.82 -32.58
C PRO C 249 -30.51 26.54 -31.77
N PHE C 250 -29.31 26.04 -31.49
CA PHE C 250 -29.17 24.80 -30.72
C PHE C 250 -28.93 25.09 -29.24
N ASN C 251 -29.74 25.97 -28.65
CA ASN C 251 -29.54 26.35 -27.24
C ASN C 251 -30.48 25.50 -26.39
N ILE C 252 -30.05 24.27 -26.14
CA ILE C 252 -30.88 23.28 -25.47
C ILE C 252 -30.74 23.45 -23.95
N THR C 253 -31.87 23.39 -23.25
CA THR C 253 -31.94 23.47 -21.81
C THR C 253 -32.40 22.12 -21.26
N ASP C 254 -32.36 21.96 -19.94
CA ASP C 254 -32.86 20.73 -19.33
C ASP C 254 -34.38 20.67 -19.30
N ALA C 255 -35.05 21.82 -19.16
CA ALA C 255 -36.50 21.83 -19.21
C ALA C 255 -37.01 21.34 -20.56
N ASP C 256 -36.19 21.46 -21.61
CA ASP C 256 -36.54 20.85 -22.88
C ASP C 256 -36.79 19.36 -22.72
N TRP C 257 -35.84 18.65 -22.10
CA TRP C 257 -36.01 17.22 -21.86
C TRP C 257 -37.15 16.94 -20.89
N LYS C 258 -37.28 17.76 -19.84
CA LYS C 258 -38.35 17.53 -18.88
C LYS C 258 -39.72 17.53 -19.58
N SER C 259 -40.01 18.58 -20.33
CA SER C 259 -41.30 18.62 -21.00
C SER C 259 -41.35 17.66 -22.19
N PHE C 260 -40.19 17.26 -22.70
CA PHE C 260 -40.15 16.22 -23.73
C PHE C 260 -40.70 14.91 -23.19
N PHE C 261 -40.19 14.46 -22.06
CA PHE C 261 -40.65 13.20 -21.46
C PHE C 261 -42.06 13.34 -20.92
N VAL C 262 -42.40 14.47 -20.31
CA VAL C 262 -43.78 14.66 -19.85
C VAL C 262 -44.75 14.58 -21.01
N ARG C 263 -44.38 15.12 -22.17
CA ARG C 263 -45.29 15.14 -23.31
C ARG C 263 -45.21 13.87 -24.15
N LEU C 264 -44.25 12.99 -23.89
CA LEU C 264 -44.08 11.79 -24.70
C LEU C 264 -44.08 10.55 -23.82
N TRP C 265 -45.05 10.46 -22.93
CA TRP C 265 -45.13 9.35 -21.99
C TRP C 265 -45.96 8.20 -22.51
N GLY C 266 -46.50 8.33 -23.73
CA GLY C 266 -47.27 7.25 -24.33
C GLY C 266 -46.58 6.61 -25.51
N ARG C 267 -45.78 7.38 -26.24
CA ARG C 267 -45.05 6.88 -27.38
C ARG C 267 -43.62 6.48 -27.05
N LEU C 268 -43.22 6.59 -25.78
CA LEU C 268 -41.95 6.07 -25.32
C LEU C 268 -42.12 4.76 -24.55
N ASP C 269 -43.31 4.18 -24.57
CA ASP C 269 -43.57 2.86 -23.99
C ASP C 269 -43.05 2.77 -22.56
N LEU C 270 -43.27 3.83 -21.80
CA LEU C 270 -42.69 3.96 -20.48
C LEU C 270 -43.72 3.96 -19.36
N ILE C 271 -45.01 4.02 -19.67
CA ILE C 271 -46.03 4.20 -18.63
C ILE C 271 -45.94 3.15 -17.54
N ASP C 272 -45.62 1.90 -17.90
CA ASP C 272 -45.51 0.84 -16.91
C ASP C 272 -44.23 1.01 -16.10
N GLU C 273 -44.17 2.06 -15.30
CA GLU C 273 -43.02 2.35 -14.45
C GLU C 273 -43.06 1.51 -13.19
N GLU C 274 -42.20 1.85 -12.23
CA GLU C 274 -42.38 1.35 -10.87
C GLU C 274 -43.53 2.02 -10.15
N GLU C 275 -44.29 2.86 -10.87
CA GLU C 275 -45.47 3.56 -10.36
C GLU C 275 -46.67 3.25 -11.24
N ASP C 276 -46.85 1.97 -11.57
CA ASP C 276 -48.03 1.55 -12.32
C ASP C 276 -49.30 1.84 -11.54
N SER C 277 -49.35 1.39 -10.29
CA SER C 277 -50.45 1.70 -9.37
C SER C 277 -49.86 2.50 -8.20
N GLU C 278 -49.75 3.81 -8.38
CA GLU C 278 -49.15 4.68 -7.39
C GLU C 278 -50.25 5.30 -6.54
N GLU C 279 -50.46 4.74 -5.35
CA GLU C 279 -51.46 5.25 -4.43
C GLU C 279 -50.92 5.55 -3.04
N ASP C 280 -49.75 5.02 -2.66
CA ASP C 280 -49.16 5.29 -1.37
C ASP C 280 -47.67 5.02 -1.46
N GLY C 281 -46.86 6.07 -1.40
CA GLY C 281 -45.41 5.91 -1.46
C GLY C 281 -44.64 6.80 -0.50
N ASP C 282 -45.31 7.66 0.26
CA ASP C 282 -44.63 8.67 1.08
C ASP C 282 -43.96 8.00 2.26
N SER C 283 -42.67 7.71 2.13
CA SER C 283 -41.90 7.10 3.21
C SER C 283 -40.42 7.39 2.99
N MET C 284 -39.74 7.84 4.04
CA MET C 284 -38.31 8.09 3.98
C MET C 284 -37.68 8.20 5.35
N ARG C 285 -36.73 7.33 5.65
CA ARG C 285 -35.91 7.41 6.86
C ARG C 285 -34.78 6.40 6.75
N THR C 286 -33.58 6.82 7.14
CA THR C 286 -32.41 5.95 7.13
C THR C 286 -31.55 6.20 8.36
N PHE C 287 -32.18 6.33 9.52
CA PHE C 287 -31.50 6.67 10.76
C PHE C 287 -30.26 5.82 11.01
N THR D 1 -0.42 18.36 32.10
CA THR D 1 -1.15 17.98 33.30
C THR D 1 -2.63 17.91 33.02
N GLU D 2 -2.99 18.04 31.74
CA GLU D 2 -4.36 17.98 31.30
C GLU D 2 -4.48 16.95 30.18
N LYS D 3 -5.70 16.53 29.86
CA LYS D 3 -5.93 15.55 28.81
C LYS D 3 -5.84 16.16 27.42
N PHE D 4 -5.04 15.55 26.56
CA PHE D 4 -4.88 16.03 25.20
C PHE D 4 -6.24 16.24 24.54
N ASP D 5 -6.33 17.25 23.68
CA ASP D 5 -7.55 17.52 22.92
C ASP D 5 -7.16 17.75 21.47
N PHE D 6 -7.40 16.75 20.64
CA PHE D 6 -7.00 16.80 19.23
C PHE D 6 -7.56 18.05 18.55
N GLY D 7 -8.79 18.44 18.90
CA GLY D 7 -9.42 19.57 18.26
C GLY D 7 -8.62 20.85 18.40
N THR D 8 -8.03 21.07 19.57
CA THR D 8 -7.23 22.28 19.78
C THR D 8 -6.05 22.31 18.83
N MET D 9 -5.38 21.18 18.65
CA MET D 9 -4.24 21.16 17.74
C MET D 9 -4.68 21.31 16.30
N VAL D 10 -5.83 20.76 15.93
CA VAL D 10 -6.32 20.97 14.57
C VAL D 10 -6.59 22.45 14.34
N GLN D 11 -7.25 23.11 15.29
CA GLN D 11 -7.55 24.54 15.15
C GLN D 11 -6.26 25.36 15.06
N TRP D 12 -5.29 25.08 15.94
CA TRP D 12 -4.05 25.84 15.91
C TRP D 12 -3.32 25.63 14.59
N ALA D 13 -3.28 24.37 14.12
CA ALA D 13 -2.67 24.09 12.83
C ALA D 13 -3.33 24.89 11.73
N TYR D 14 -4.67 24.94 11.73
CA TYR D 14 -5.35 25.69 10.69
C TYR D 14 -5.10 27.19 10.82
N ASP D 15 -4.78 27.67 12.03
CA ASP D 15 -4.47 29.08 12.18
C ASP D 15 -3.26 29.48 11.33
N HIS D 16 -2.21 28.66 11.37
CA HIS D 16 -0.99 28.95 10.61
C HIS D 16 -1.00 28.33 9.23
N LYS D 17 -2.06 27.61 8.85
CA LYS D 17 -2.15 26.94 7.57
C LYS D 17 -0.97 26.00 7.36
N TYR D 18 -0.60 25.27 8.40
CA TYR D 18 0.36 24.17 8.29
C TYR D 18 -0.39 22.92 7.86
N ALA D 19 0.02 22.31 6.75
CA ALA D 19 -0.68 21.17 6.19
C ALA D 19 0.17 19.90 6.16
N GLU D 20 1.45 20.01 5.80
CA GLU D 20 2.28 18.83 5.67
C GLU D 20 2.71 18.28 7.04
N GLU D 21 3.05 16.99 7.05
CA GLU D 21 3.38 16.30 8.30
C GLU D 21 4.54 16.97 9.03
N SER D 22 5.72 16.99 8.40
CA SER D 22 6.92 17.39 9.11
C SER D 22 6.77 18.79 9.69
N LYS D 23 6.16 19.70 8.94
CA LYS D 23 6.01 21.06 9.44
C LYS D 23 5.15 21.10 10.70
N ILE D 24 4.01 20.41 10.69
CA ILE D 24 3.14 20.46 11.86
C ILE D 24 3.84 19.85 13.07
N ALA D 25 4.53 18.72 12.87
CA ALA D 25 5.20 18.08 13.98
C ALA D 25 6.28 18.98 14.57
N TYR D 26 7.18 19.48 13.71
CA TYR D 26 8.29 20.29 14.17
C TYR D 26 7.80 21.57 14.83
N GLU D 27 6.88 22.29 14.19
CA GLU D 27 6.43 23.56 14.73
C GLU D 27 5.70 23.37 16.04
N TYR D 28 4.89 22.32 16.16
CA TYR D 28 4.18 22.09 17.42
C TYR D 28 5.16 21.75 18.54
N ALA D 29 6.12 20.86 18.25
CA ALA D 29 7.11 20.51 19.26
C ALA D 29 7.93 21.72 19.68
N LEU D 30 8.15 22.67 18.78
CA LEU D 30 8.79 23.92 19.16
C LEU D 30 7.86 24.86 19.88
N ALA D 31 6.54 24.72 19.68
CA ALA D 31 5.55 25.54 20.33
C ALA D 31 5.10 24.98 21.66
N ALA D 32 5.68 23.87 22.09
CA ALA D 32 5.33 23.32 23.40
C ALA D 32 5.68 24.25 24.56
N GLY D 33 6.23 25.44 24.36
CA GLY D 33 6.60 26.31 25.46
C GLY D 33 5.43 26.89 26.26
N SER D 34 4.45 27.45 25.56
CA SER D 34 3.32 28.12 26.20
C SER D 34 2.00 27.58 25.69
N ASP D 35 1.89 26.26 25.60
CA ASP D 35 0.69 25.58 25.10
C ASP D 35 0.59 24.28 25.88
N SER D 36 -0.18 24.30 26.97
CA SER D 36 -0.30 23.12 27.82
C SER D 36 -0.79 21.92 27.04
N ASN D 37 -1.61 22.14 26.01
CA ASN D 37 -2.03 21.04 25.15
C ASN D 37 -0.84 20.41 24.46
N ALA D 38 0.14 21.22 24.02
CA ALA D 38 1.32 20.66 23.39
C ALA D 38 2.12 19.81 24.37
N ARG D 39 2.30 20.30 25.59
CA ARG D 39 3.03 19.55 26.60
C ARG D 39 2.28 18.29 27.03
N ALA D 40 0.96 18.23 26.81
CA ALA D 40 0.24 16.98 26.96
C ALA D 40 0.39 16.11 25.71
N PHE D 41 0.66 16.73 24.57
CA PHE D 41 0.85 15.99 23.33
C PHE D 41 2.17 15.22 23.36
N LEU D 42 3.24 15.85 23.85
CA LEU D 42 4.55 15.22 23.79
C LEU D 42 4.59 13.90 24.57
N ALA D 43 4.00 13.88 25.75
CA ALA D 43 4.05 12.68 26.58
C ALA D 43 3.00 11.64 26.20
N THR D 44 2.40 11.74 25.02
CA THR D 44 1.44 10.74 24.56
C THR D 44 2.15 9.76 23.62
N ASN D 45 1.90 8.48 23.81
CA ASN D 45 2.61 7.43 23.10
C ASN D 45 2.13 7.24 21.66
N SER D 46 1.34 8.15 21.12
CA SER D 46 0.84 8.04 19.76
C SER D 46 0.97 9.37 19.02
N GLN D 47 2.14 10.00 19.13
CA GLN D 47 2.36 11.29 18.50
C GLN D 47 2.20 11.20 16.98
N ALA D 48 2.73 10.13 16.38
CA ALA D 48 2.72 10.02 14.92
C ALA D 48 1.31 9.96 14.36
N LYS D 49 0.47 9.14 14.99
CA LYS D 49 -0.92 8.99 14.56
C LYS D 49 -1.65 10.32 14.63
N HIS D 50 -1.45 11.05 15.72
CA HIS D 50 -2.09 12.35 15.89
C HIS D 50 -1.60 13.36 14.86
N VAL D 51 -0.31 13.32 14.55
CA VAL D 51 0.20 14.23 13.51
C VAL D 51 -0.44 13.91 12.16
N LYS D 52 -0.55 12.63 11.86
CA LYS D 52 -1.15 12.18 10.61
C LYS D 52 -2.60 12.65 10.50
N ASP D 53 -3.35 12.51 11.59
CA ASP D 53 -4.75 12.93 11.59
C ASP D 53 -4.89 14.44 11.54
N CYS D 54 -4.00 15.17 12.23
CA CYS D 54 -4.08 16.62 12.19
C CYS D 54 -3.83 17.16 10.79
N ALA D 55 -2.82 16.61 10.11
CA ALA D 55 -2.57 17.05 8.74
C ALA D 55 -3.74 16.72 7.84
N THR D 56 -4.29 15.51 7.96
CA THR D 56 -5.43 15.15 7.12
C THR D 56 -6.62 16.06 7.38
N MET D 57 -6.88 16.37 8.64
CA MET D 57 -8.04 17.17 8.99
C MET D 57 -7.88 18.60 8.48
N VAL D 58 -6.69 19.18 8.63
CA VAL D 58 -6.47 20.53 8.13
C VAL D 58 -6.55 20.55 6.61
N ARG D 59 -6.08 19.48 5.96
CA ARG D 59 -6.20 19.38 4.52
C ARG D 59 -7.66 19.37 4.10
N HIS D 60 -8.50 18.59 4.78
CA HIS D 60 -9.93 18.58 4.50
C HIS D 60 -10.51 19.98 4.61
N TYR D 61 -10.24 20.64 5.74
CA TYR D 61 -10.79 21.97 5.98
C TYR D 61 -10.38 22.94 4.87
N LEU D 62 -9.09 22.99 4.55
CA LEU D 62 -8.62 23.96 3.56
C LEU D 62 -9.16 23.65 2.18
N ARG D 63 -9.19 22.38 1.79
CA ARG D 63 -9.70 22.02 0.47
C ARG D 63 -11.16 22.43 0.34
N ALA D 64 -11.98 22.10 1.35
CA ALA D 64 -13.39 22.47 1.26
C ALA D 64 -13.58 23.97 1.26
N GLU D 65 -12.82 24.69 2.09
CA GLU D 65 -12.96 26.15 2.13
C GLU D 65 -12.61 26.78 0.79
N THR D 66 -11.52 26.31 0.17
CA THR D 66 -11.15 26.86 -1.13
C THR D 66 -12.19 26.53 -2.19
N GLN D 67 -12.68 25.29 -2.21
CA GLN D 67 -13.67 24.91 -3.21
C GLN D 67 -14.98 25.68 -3.05
N ALA D 68 -15.31 26.06 -1.81
CA ALA D 68 -16.58 26.75 -1.57
C ALA D 68 -16.58 28.14 -2.19
N LEU D 69 -15.49 28.89 -2.04
CA LEU D 69 -15.48 30.30 -2.43
C LEU D 69 -15.75 30.47 -3.92
N SER D 70 -16.67 31.36 -4.24
CA SER D 70 -16.95 31.72 -5.62
C SER D 70 -15.90 32.71 -6.13
N MET D 71 -15.83 32.84 -7.46
CA MET D 71 -14.75 33.59 -8.09
C MET D 71 -14.55 35.00 -7.56
N PRO D 72 -15.57 35.85 -7.45
CA PRO D 72 -15.31 37.17 -6.86
C PRO D 72 -14.76 37.08 -5.45
N ALA D 73 -15.28 36.14 -4.65
CA ALA D 73 -14.77 35.97 -3.30
C ALA D 73 -13.35 35.43 -3.31
N TYR D 74 -13.03 34.53 -4.24
CA TYR D 74 -11.67 34.02 -4.32
C TYR D 74 -10.68 35.10 -4.70
N ILE D 75 -11.02 35.91 -5.71
CA ILE D 75 -10.11 36.98 -6.10
C ILE D 75 -10.01 38.03 -5.00
N LYS D 76 -11.07 38.21 -4.21
CA LYS D 76 -10.94 39.06 -3.04
C LYS D 76 -9.97 38.46 -2.02
N ALA D 77 -10.11 37.16 -1.74
CA ALA D 77 -9.25 36.50 -0.78
C ALA D 77 -7.83 36.36 -1.28
N ARG D 78 -7.59 36.65 -2.55
CA ARG D 78 -6.23 36.69 -3.07
C ARG D 78 -5.69 38.11 -3.21
N CYS D 79 -6.57 39.09 -3.40
CA CYS D 79 -6.14 40.48 -3.26
C CYS D 79 -5.78 40.81 -1.83
N LYS D 80 -6.33 40.06 -0.88
CA LYS D 80 -5.88 40.21 0.51
C LYS D 80 -4.43 39.76 0.68
N LEU D 81 -4.05 38.66 0.02
CA LEU D 81 -2.71 38.10 0.22
C LEU D 81 -1.64 38.79 -0.62
N ALA D 82 -2.02 39.56 -1.62
CA ALA D 82 -1.02 40.22 -2.46
C ALA D 82 -0.34 41.33 -1.68
N THR D 83 0.93 41.13 -1.34
CA THR D 83 1.68 42.04 -0.50
C THR D 83 2.65 42.85 -1.34
N GLY D 84 2.59 44.17 -1.22
CA GLY D 84 3.56 45.02 -1.85
C GLY D 84 2.95 46.34 -2.27
N GLU D 85 3.72 47.10 -3.03
CA GLU D 85 3.32 48.41 -3.54
C GLU D 85 3.70 48.52 -5.00
N GLY D 86 2.73 48.88 -5.84
CA GLY D 86 2.96 49.06 -7.26
C GLY D 86 1.65 49.17 -8.03
N SER D 87 1.59 50.09 -8.97
CA SER D 87 0.36 50.39 -9.67
C SER D 87 0.13 49.39 -10.80
N TRP D 88 -0.87 49.67 -11.64
CA TRP D 88 -1.15 48.85 -12.81
C TRP D 88 -0.50 49.39 -14.07
N LYS D 89 0.14 50.57 -14.01
CA LYS D 89 0.70 51.18 -15.21
C LYS D 89 1.71 50.27 -15.90
N SER D 90 2.34 49.37 -15.15
CA SER D 90 3.23 48.40 -15.77
C SER D 90 2.49 47.55 -16.80
N ILE D 91 1.25 47.16 -16.48
CA ILE D 91 0.47 46.32 -17.39
C ILE D 91 0.25 47.05 -18.71
N LEU D 92 -0.26 48.28 -18.64
CA LEU D 92 -0.58 49.03 -19.85
C LEU D 92 0.69 49.34 -20.64
N THR D 93 1.76 49.70 -19.96
CA THR D 93 3.00 50.02 -20.67
C THR D 93 3.56 48.79 -21.37
N PHE D 94 3.50 47.63 -20.73
CA PHE D 94 3.96 46.40 -21.38
C PHE D 94 3.12 46.09 -22.62
N PHE D 95 1.80 46.18 -22.50
CA PHE D 95 0.97 45.84 -23.66
C PHE D 95 1.14 46.85 -24.79
N ASN D 96 1.33 48.13 -24.46
CA ASN D 96 1.63 49.09 -25.51
C ASN D 96 3.02 48.88 -26.11
N TYR D 97 3.94 48.29 -25.35
CA TYR D 97 5.21 47.86 -25.94
C TYR D 97 4.97 46.76 -26.97
N GLN D 98 4.08 45.82 -26.66
CA GLN D 98 3.69 44.80 -27.62
C GLN D 98 2.68 45.28 -28.65
N ASN D 99 2.39 46.59 -28.68
CA ASN D 99 1.52 47.19 -29.68
C ASN D 99 0.12 46.57 -29.68
N ILE D 100 -0.33 46.13 -28.51
CA ILE D 100 -1.67 45.58 -28.33
C ILE D 100 -2.41 46.52 -27.40
N GLU D 101 -3.46 47.15 -27.90
CA GLU D 101 -4.27 48.01 -27.05
C GLU D 101 -4.90 47.19 -25.94
N LEU D 102 -5.09 47.84 -24.78
CA LEU D 102 -5.59 47.12 -23.61
C LEU D 102 -6.98 46.58 -23.84
N ILE D 103 -7.87 47.36 -24.46
CA ILE D 103 -9.29 47.06 -24.43
C ILE D 103 -9.57 45.67 -25.00
N THR D 104 -8.80 45.24 -26.00
CA THR D 104 -8.98 43.89 -26.51
C THR D 104 -8.63 42.85 -25.44
N PHE D 105 -7.52 43.06 -24.75
CA PHE D 105 -7.11 42.11 -23.73
C PHE D 105 -8.11 42.08 -22.59
N ILE D 106 -8.68 43.24 -22.24
CA ILE D 106 -9.67 43.26 -21.16
C ILE D 106 -10.94 42.56 -21.63
N ASN D 107 -11.31 42.74 -22.90
CA ASN D 107 -12.51 42.12 -23.45
C ASN D 107 -12.34 40.62 -23.67
N ALA D 108 -11.11 40.12 -23.59
CA ALA D 108 -10.91 38.68 -23.59
C ALA D 108 -10.77 38.10 -22.18
N LEU D 109 -10.09 38.79 -21.28
CA LEU D 109 -9.98 38.31 -19.90
C LEU D 109 -11.34 38.30 -19.23
N LYS D 110 -12.18 39.29 -19.54
CA LYS D 110 -13.54 39.34 -19.03
C LYS D 110 -14.27 38.03 -19.28
N LEU D 111 -14.20 37.53 -20.51
CA LEU D 111 -14.87 36.26 -20.83
C LEU D 111 -14.12 35.08 -20.25
N TRP D 112 -12.79 35.11 -20.32
CA TRP D 112 -12.01 33.95 -19.90
C TRP D 112 -12.26 33.62 -18.45
N LEU D 113 -12.40 34.65 -17.60
CA LEU D 113 -12.60 34.40 -16.17
C LEU D 113 -13.90 33.66 -15.91
N LYS D 114 -14.97 34.01 -16.64
CA LYS D 114 -16.27 33.38 -16.42
C LYS D 114 -16.32 31.94 -16.89
N GLY D 115 -15.30 31.47 -17.62
CA GLY D 115 -15.34 30.11 -18.14
C GLY D 115 -16.38 29.91 -19.21
N ILE D 116 -16.78 30.97 -19.90
CA ILE D 116 -17.72 30.85 -21.02
C ILE D 116 -17.14 29.89 -22.04
N PRO D 117 -17.85 28.84 -22.44
CA PRO D 117 -17.24 27.84 -23.30
C PRO D 117 -17.05 28.32 -24.72
N LYS D 118 -16.05 27.73 -25.39
CA LYS D 118 -15.46 28.12 -26.67
C LYS D 118 -14.54 29.33 -26.52
N LYS D 119 -14.46 29.93 -25.32
CA LYS D 119 -13.55 31.02 -25.03
C LYS D 119 -12.81 30.75 -23.72
N ASN D 120 -12.36 29.51 -23.53
CA ASN D 120 -11.80 29.07 -22.27
C ASN D 120 -10.31 28.81 -22.34
N CYS D 121 -9.59 29.55 -23.20
CA CYS D 121 -8.16 29.37 -23.34
C CYS D 121 -7.57 30.59 -24.03
N LEU D 122 -6.64 31.27 -23.35
CA LEU D 122 -5.83 32.27 -24.00
C LEU D 122 -4.60 31.62 -24.63
N ALA D 123 -4.10 32.27 -25.67
CA ALA D 123 -2.87 31.83 -26.32
C ALA D 123 -2.00 33.05 -26.53
N PHE D 124 -0.77 33.01 -26.02
CA PHE D 124 0.21 34.07 -26.20
C PHE D 124 1.34 33.48 -27.05
N ILE D 125 1.23 33.66 -28.36
CA ILE D 125 2.09 33.00 -29.33
C ILE D 125 3.04 34.03 -29.91
N GLY D 126 4.34 33.76 -29.77
CA GLY D 126 5.35 34.65 -30.28
C GLY D 126 6.74 34.04 -30.23
N PRO D 127 7.71 34.74 -30.83
CA PRO D 127 9.08 34.23 -30.85
C PRO D 127 9.64 34.08 -29.45
N PRO D 128 10.69 33.29 -29.27
CA PRO D 128 11.30 33.17 -27.94
C PRO D 128 11.96 34.46 -27.52
N ASN D 129 12.01 34.68 -26.21
CA ASN D 129 12.49 35.92 -25.60
C ASN D 129 11.69 37.11 -26.13
N THR D 130 10.38 37.05 -25.88
CA THR D 130 9.47 38.12 -26.25
C THR D 130 8.63 38.59 -25.07
N GLY D 131 8.71 37.91 -23.93
CA GLY D 131 7.94 38.31 -22.77
C GLY D 131 6.57 37.69 -22.68
N LYS D 132 6.43 36.43 -23.09
CA LYS D 132 5.19 35.71 -22.86
C LYS D 132 5.27 34.90 -21.56
N SER D 133 6.45 34.38 -21.26
CA SER D 133 6.62 33.56 -20.07
C SER D 133 6.44 34.39 -18.80
N MET D 134 7.10 35.55 -18.72
CA MET D 134 6.98 36.37 -17.53
C MET D 134 5.53 36.77 -17.27
N LEU D 135 4.87 37.32 -18.29
CA LEU D 135 3.48 37.74 -18.13
C LEU D 135 2.59 36.58 -17.70
N CYS D 136 2.56 35.52 -18.51
CA CYS D 136 1.64 34.43 -18.24
C CYS D 136 1.93 33.77 -16.90
N ASN D 137 3.20 33.54 -16.58
CA ASN D 137 3.50 32.83 -15.35
C ASN D 137 3.27 33.71 -14.14
N SER D 138 3.46 35.03 -14.26
CA SER D 138 3.09 35.92 -13.16
C SER D 138 1.58 35.95 -12.96
N LEU D 139 0.83 35.99 -14.06
CA LEU D 139 -0.62 35.98 -13.95
C LEU D 139 -1.10 34.69 -13.31
N ILE D 140 -0.41 33.58 -13.56
CA ILE D 140 -0.72 32.34 -12.86
C ILE D 140 -0.33 32.43 -11.40
N HIS D 141 0.82 33.03 -11.09
CA HIS D 141 1.26 33.15 -9.72
C HIS D 141 0.28 33.95 -8.89
N PHE D 142 -0.30 34.99 -9.47
CA PHE D 142 -1.24 35.82 -8.73
C PHE D 142 -2.63 35.19 -8.63
N LEU D 143 -2.93 34.19 -9.45
CA LEU D 143 -4.19 33.47 -9.36
C LEU D 143 -4.05 32.13 -8.67
N GLY D 144 -2.88 31.83 -8.12
CA GLY D 144 -2.68 30.59 -7.40
C GLY D 144 -2.98 29.34 -8.21
N GLY D 145 -2.58 29.34 -9.49
CA GLY D 145 -2.76 28.19 -10.34
C GLY D 145 -1.56 27.28 -10.33
N SER D 146 -1.70 26.15 -11.03
CA SER D 146 -0.64 25.15 -11.11
C SER D 146 -0.13 25.06 -12.53
N VAL D 147 1.19 24.92 -12.66
CA VAL D 147 1.83 24.77 -13.96
C VAL D 147 1.77 23.31 -14.36
N LEU D 148 1.21 23.03 -15.53
CA LEU D 148 1.17 21.69 -16.07
C LEU D 148 2.39 21.48 -16.96
N SER D 149 3.06 20.35 -16.80
CA SER D 149 4.27 20.06 -17.54
C SER D 149 4.02 18.89 -18.49
N PHE D 150 4.36 19.09 -19.76
CA PHE D 150 4.16 18.10 -20.81
C PHE D 150 5.17 16.96 -20.76
N ALA D 151 6.19 17.06 -19.91
CA ALA D 151 7.27 16.07 -19.90
C ALA D 151 6.74 14.67 -19.65
N ASN D 152 5.79 14.54 -18.72
CA ASN D 152 5.25 13.24 -18.34
C ASN D 152 3.88 12.97 -18.92
N HIS D 153 3.61 13.42 -20.16
CA HIS D 153 2.31 13.15 -20.75
C HIS D 153 2.11 11.68 -21.05
N LYS D 154 3.20 10.91 -21.15
CA LYS D 154 3.07 9.46 -21.32
C LYS D 154 2.49 8.79 -20.09
N SER D 155 2.46 9.49 -18.96
CA SER D 155 1.78 9.03 -17.75
C SER D 155 0.50 9.84 -17.62
N HIS D 156 -0.64 9.17 -17.80
CA HIS D 156 -1.93 9.86 -17.87
C HIS D 156 -2.33 10.51 -16.55
N PHE D 157 -1.48 10.44 -15.51
CA PHE D 157 -1.74 11.13 -14.26
C PHE D 157 -1.33 12.60 -14.31
N TRP D 158 -0.70 13.05 -15.40
CA TRP D 158 -0.23 14.43 -15.46
C TRP D 158 -1.35 15.45 -15.45
N LEU D 159 -2.60 15.03 -15.67
CA LEU D 159 -3.75 15.92 -15.59
C LEU D 159 -4.39 15.93 -14.21
N ALA D 160 -3.75 15.30 -13.23
CA ALA D 160 -4.33 15.22 -11.89
C ALA D 160 -4.53 16.60 -11.27
N SER D 161 -3.62 17.54 -11.54
CA SER D 161 -3.69 18.84 -10.90
C SER D 161 -4.90 19.66 -11.33
N LEU D 162 -5.58 19.27 -12.41
CA LEU D 162 -6.75 20.01 -12.84
C LEU D 162 -7.93 19.85 -11.88
N ALA D 163 -7.85 18.91 -10.94
CA ALA D 163 -8.94 18.70 -9.99
C ALA D 163 -8.97 19.75 -8.89
N ASP D 164 -7.89 20.52 -8.72
CA ASP D 164 -7.79 21.48 -7.62
C ASP D 164 -7.74 22.91 -8.08
N THR D 165 -6.79 23.25 -8.95
CA THR D 165 -6.43 24.65 -9.17
C THR D 165 -7.40 25.32 -10.13
N ARG D 166 -7.38 26.64 -10.11
CA ARG D 166 -8.37 27.47 -10.79
C ARG D 166 -7.81 28.17 -12.02
N ALA D 167 -6.52 28.01 -12.31
CA ALA D 167 -5.94 28.55 -13.54
C ALA D 167 -4.70 27.75 -13.88
N ALA D 168 -4.83 26.81 -14.80
CA ALA D 168 -3.72 25.97 -15.22
C ALA D 168 -2.95 26.64 -16.36
N LEU D 169 -1.65 26.39 -16.41
CA LEU D 169 -0.82 26.89 -17.49
C LEU D 169 0.14 25.80 -17.95
N VAL D 170 0.14 25.52 -19.24
CA VAL D 170 1.16 24.70 -19.88
C VAL D 170 1.96 25.61 -20.79
N ASP D 171 3.28 25.55 -20.67
CA ASP D 171 4.17 26.55 -21.26
C ASP D 171 5.05 25.90 -22.32
N ASP D 172 5.30 26.64 -23.40
CA ASP D 172 6.12 26.20 -24.52
C ASP D 172 5.58 24.89 -25.11
N ALA D 173 4.37 25.01 -25.67
CA ALA D 173 3.70 23.86 -26.27
C ALA D 173 4.29 23.55 -27.64
N THR D 174 4.73 22.31 -27.82
CA THR D 174 5.23 21.84 -29.10
C THR D 174 4.07 21.41 -30.00
N HIS D 175 4.40 20.93 -31.18
CA HIS D 175 3.36 20.47 -32.11
C HIS D 175 2.59 19.29 -31.52
N ALA D 176 3.31 18.38 -30.85
CA ALA D 176 2.64 17.26 -30.19
C ALA D 176 1.63 17.76 -29.17
N CYS D 177 1.94 18.87 -28.48
CA CYS D 177 0.99 19.42 -27.52
C CYS D 177 -0.28 19.90 -28.19
N TRP D 178 -0.16 20.61 -29.32
CA TRP D 178 -1.34 21.09 -30.01
C TRP D 178 -2.18 19.94 -30.55
N ARG D 179 -1.53 18.93 -31.12
CA ARG D 179 -2.27 17.76 -31.59
C ARG D 179 -2.94 17.03 -30.43
N TYR D 180 -2.25 16.94 -29.29
CA TYR D 180 -2.83 16.34 -28.10
C TYR D 180 -4.08 17.10 -27.66
N PHE D 181 -4.01 18.43 -27.67
CA PHE D 181 -5.18 19.22 -27.31
C PHE D 181 -6.33 19.01 -28.28
N ASP D 182 -6.03 18.99 -29.59
CA ASP D 182 -7.10 18.82 -30.56
C ASP D 182 -7.72 17.43 -30.46
N THR D 183 -6.92 16.43 -30.09
CA THR D 183 -7.37 15.05 -30.17
C THR D 183 -8.02 14.57 -28.89
N TYR D 184 -7.38 14.78 -27.75
CA TYR D 184 -7.89 14.27 -26.47
C TYR D 184 -8.72 15.31 -25.73
N LEU D 185 -8.10 16.44 -25.37
CA LEU D 185 -8.75 17.42 -24.50
C LEU D 185 -9.60 18.38 -25.31
N ARG D 186 -10.50 17.84 -26.13
CA ARG D 186 -11.44 18.69 -26.85
C ARG D 186 -12.48 19.27 -25.91
N ASN D 187 -12.93 18.47 -24.94
CA ASN D 187 -13.97 18.92 -24.02
C ASN D 187 -13.45 20.00 -23.09
N ALA D 188 -12.28 19.78 -22.49
CA ALA D 188 -11.76 20.72 -21.49
C ALA D 188 -11.53 22.09 -22.11
N LEU D 189 -10.85 22.13 -23.25
CA LEU D 189 -10.58 23.42 -23.88
C LEU D 189 -11.87 24.07 -24.38
N ASP D 190 -12.88 23.26 -24.72
CA ASP D 190 -14.21 23.80 -24.93
C ASP D 190 -14.74 24.46 -23.66
N GLY D 191 -14.54 23.80 -22.52
CA GLY D 191 -15.13 24.23 -21.26
C GLY D 191 -16.15 23.28 -20.68
N TYR D 192 -16.58 22.29 -21.45
CA TYR D 192 -17.55 21.28 -21.05
C TYR D 192 -16.90 20.30 -20.08
N PRO D 193 -17.70 19.59 -19.29
CA PRO D 193 -17.12 18.73 -18.25
C PRO D 193 -16.28 17.61 -18.83
N VAL D 194 -15.26 17.21 -18.08
CA VAL D 194 -14.32 16.18 -18.51
C VAL D 194 -13.86 15.41 -17.29
N SER D 195 -13.64 14.11 -17.46
CA SER D 195 -13.19 13.29 -16.35
C SER D 195 -11.72 13.55 -16.05
N ILE D 196 -11.34 13.29 -14.80
CA ILE D 196 -9.97 13.44 -14.34
C ILE D 196 -9.58 12.18 -13.58
N ASP D 197 -8.54 11.50 -14.03
CA ASP D 197 -7.97 10.37 -13.31
C ASP D 197 -7.01 10.91 -12.25
N ARG D 198 -7.08 10.34 -11.06
CA ARG D 198 -6.21 10.75 -9.97
C ARG D 198 -5.52 9.53 -9.40
N LYS D 199 -4.61 9.78 -8.46
CA LYS D 199 -3.80 8.72 -7.88
C LYS D 199 -4.31 8.11 -6.58
N HIS D 200 -4.38 6.78 -6.57
CA HIS D 200 -4.78 6.02 -5.40
C HIS D 200 -6.27 6.17 -5.09
N LYS D 201 -6.98 7.00 -5.84
CA LYS D 201 -8.39 7.24 -5.54
C LYS D 201 -9.34 7.10 -6.71
N ALA D 202 -10.52 7.70 -6.57
CA ALA D 202 -11.53 7.62 -7.60
C ALA D 202 -11.45 8.84 -8.52
N ALA D 203 -11.78 8.61 -9.79
CA ALA D 203 -11.82 9.70 -10.75
C ALA D 203 -12.94 10.68 -10.40
N VAL D 204 -12.66 11.96 -10.59
CA VAL D 204 -13.61 13.03 -10.25
C VAL D 204 -13.97 13.79 -11.51
N GLN D 205 -15.26 13.82 -11.84
CA GLN D 205 -15.76 14.58 -12.98
C GLN D 205 -15.94 16.03 -12.54
N ILE D 206 -15.27 16.95 -13.24
CA ILE D 206 -15.25 18.34 -12.87
C ILE D 206 -15.41 19.21 -14.10
N LYS D 207 -15.73 20.48 -13.88
CA LYS D 207 -15.63 21.49 -14.92
C LYS D 207 -14.17 21.63 -15.35
N ALA D 208 -13.96 22.28 -16.49
CA ALA D 208 -12.61 22.53 -16.98
C ALA D 208 -12.17 23.92 -16.53
N PRO D 209 -11.21 24.02 -15.62
CA PRO D 209 -10.81 25.33 -15.11
C PRO D 209 -10.12 26.15 -16.19
N PRO D 210 -10.14 27.47 -16.07
CA PRO D 210 -9.55 28.33 -17.10
C PRO D 210 -8.07 28.03 -17.29
N LEU D 211 -7.59 28.21 -18.53
CA LEU D 211 -6.24 27.83 -18.91
C LEU D 211 -5.48 29.04 -19.46
N LEU D 212 -4.19 28.80 -19.75
CA LEU D 212 -3.32 29.74 -20.44
C LEU D 212 -2.22 28.93 -21.11
N VAL D 213 -1.87 29.31 -22.33
CA VAL D 213 -0.86 28.58 -23.10
C VAL D 213 0.04 29.59 -23.81
N THR D 214 1.34 29.31 -23.77
CA THR D 214 2.34 30.06 -24.52
C THR D 214 3.07 29.08 -25.44
N SER D 215 3.14 29.40 -26.72
CA SER D 215 3.76 28.49 -27.66
C SER D 215 4.28 29.26 -28.86
N ASN D 216 5.44 28.85 -29.35
CA ASN D 216 5.98 29.44 -30.57
C ASN D 216 5.08 29.14 -31.77
N ILE D 217 4.43 27.99 -31.76
CA ILE D 217 3.61 27.56 -32.89
C ILE D 217 2.31 28.35 -32.90
N ASP D 218 2.04 29.03 -34.01
CA ASP D 218 0.75 29.66 -34.18
C ASP D 218 -0.30 28.62 -34.53
N VAL D 219 -1.53 28.87 -34.09
CA VAL D 219 -2.64 27.97 -34.37
C VAL D 219 -3.72 28.64 -35.22
N GLN D 220 -3.74 29.96 -35.28
CA GLN D 220 -4.67 30.68 -36.12
C GLN D 220 -4.30 30.62 -37.59
N ALA D 221 -3.22 29.91 -37.94
CA ALA D 221 -2.77 29.81 -39.31
C ALA D 221 -2.67 28.38 -39.83
N GLU D 222 -2.23 27.44 -38.98
CA GLU D 222 -2.09 26.05 -39.40
C GLU D 222 -3.47 25.46 -39.71
N ASP D 223 -3.77 25.22 -40.99
CA ASP D 223 -5.10 24.82 -41.38
C ASP D 223 -5.44 23.39 -40.97
N ARG D 224 -4.47 22.62 -40.49
CA ARG D 224 -4.78 21.30 -39.95
C ARG D 224 -5.25 21.36 -38.51
N TYR D 225 -5.15 22.53 -37.87
CA TYR D 225 -5.76 22.78 -36.57
C TYR D 225 -7.08 23.52 -36.72
N LEU D 226 -7.84 23.20 -37.76
CA LEU D 226 -9.05 23.96 -38.09
C LEU D 226 -10.07 23.95 -36.97
N TYR D 227 -9.99 22.99 -36.05
CA TYR D 227 -10.95 22.88 -34.96
C TYR D 227 -10.54 23.69 -33.74
N LEU D 228 -9.43 24.42 -33.80
CA LEU D 228 -8.99 25.27 -32.71
C LEU D 228 -8.98 26.75 -33.05
N HIS D 229 -9.27 27.11 -34.30
CA HIS D 229 -9.30 28.53 -34.66
C HIS D 229 -10.34 29.29 -33.84
N SER D 230 -11.45 28.64 -33.51
CA SER D 230 -12.56 29.32 -32.86
C SER D 230 -12.64 29.06 -31.36
N ARG D 231 -11.87 28.12 -30.83
CA ARG D 231 -11.97 27.73 -29.44
C ARG D 231 -10.93 28.35 -28.52
N VAL D 232 -10.06 29.22 -29.05
CA VAL D 232 -9.04 29.90 -28.25
C VAL D 232 -9.03 31.37 -28.63
N GLN D 233 -8.37 32.17 -27.79
CA GLN D 233 -8.14 33.58 -28.06
C GLN D 233 -6.63 33.80 -28.11
N THR D 234 -6.12 34.05 -29.31
CA THR D 234 -4.68 34.19 -29.52
C THR D 234 -4.31 35.66 -29.51
N PHE D 235 -3.39 36.03 -28.63
CA PHE D 235 -2.76 37.34 -28.63
C PHE D 235 -1.31 37.19 -29.05
N ARG D 236 -0.87 38.06 -29.96
CA ARG D 236 0.42 37.92 -30.58
C ARG D 236 1.44 38.81 -29.88
N PHE D 237 2.49 38.20 -29.33
CA PHE D 237 3.59 38.91 -28.69
C PHE D 237 4.79 38.80 -29.61
N GLU D 238 5.04 39.86 -30.39
CA GLU D 238 6.04 39.81 -31.45
C GLU D 238 7.21 40.77 -31.23
N GLN D 239 7.38 41.28 -30.02
CA GLN D 239 8.46 42.19 -29.72
C GLN D 239 9.25 41.68 -28.52
N PRO D 240 10.52 42.06 -28.39
CA PRO D 240 11.33 41.50 -27.32
C PRO D 240 11.26 42.33 -26.05
N CYS D 241 11.19 41.62 -24.91
CA CYS D 241 11.29 42.30 -23.62
C CYS D 241 12.74 42.54 -23.25
N THR D 242 13.53 41.47 -23.16
CA THR D 242 14.93 41.55 -22.73
C THR D 242 15.75 42.16 -23.86
N ASP D 243 15.61 43.46 -24.02
CA ASP D 243 16.32 44.23 -25.03
C ASP D 243 17.63 44.73 -24.42
N GLU D 244 18.27 45.71 -25.07
CA GLU D 244 19.54 46.24 -24.59
C GLU D 244 19.45 46.86 -23.21
N SER D 245 18.24 47.17 -22.73
CA SER D 245 18.08 47.69 -21.38
C SER D 245 18.63 46.70 -20.37
N GLY D 246 19.38 47.22 -19.40
CA GLY D 246 20.15 46.40 -18.47
C GLY D 246 19.35 45.29 -17.81
N GLU D 247 18.43 45.65 -16.93
CA GLU D 247 17.50 44.65 -16.42
C GLU D 247 16.44 44.38 -17.49
N GLN D 248 15.66 43.32 -17.25
CA GLN D 248 14.50 43.12 -18.10
C GLN D 248 13.61 44.35 -17.91
N PRO D 249 13.50 45.22 -18.92
CA PRO D 249 12.91 46.55 -18.68
C PRO D 249 11.52 46.47 -18.09
N PHE D 250 10.81 45.39 -18.36
CA PHE D 250 9.48 45.16 -17.81
C PHE D 250 9.52 43.92 -16.95
N ASN D 251 9.19 44.08 -15.67
CA ASN D 251 8.98 42.95 -14.77
C ASN D 251 7.70 43.21 -14.00
N ILE D 252 7.05 42.13 -13.60
CA ILE D 252 5.66 42.16 -13.15
C ILE D 252 5.56 41.45 -11.81
N THR D 253 4.99 42.14 -10.82
CA THR D 253 4.95 41.66 -9.45
C THR D 253 3.51 41.65 -8.96
N ASP D 254 3.31 40.99 -7.82
CA ASP D 254 1.96 40.84 -7.27
C ASP D 254 1.29 42.17 -6.99
N ALA D 255 2.07 43.22 -6.75
CA ALA D 255 1.47 44.54 -6.56
C ALA D 255 0.80 45.02 -7.84
N ASP D 256 1.45 44.78 -8.98
CA ASP D 256 0.87 45.19 -10.26
C ASP D 256 -0.51 44.56 -10.45
N TRP D 257 -0.60 43.24 -10.31
CA TRP D 257 -1.87 42.56 -10.48
C TRP D 257 -2.87 42.96 -9.40
N LYS D 258 -2.41 43.15 -8.17
CA LYS D 258 -3.33 43.49 -7.08
C LYS D 258 -4.01 44.82 -7.37
N SER D 259 -3.24 45.86 -7.65
CA SER D 259 -3.87 47.14 -7.97
C SER D 259 -4.59 47.08 -9.31
N PHE D 260 -4.20 46.16 -10.20
CA PHE D 260 -4.94 45.97 -11.43
C PHE D 260 -6.35 45.49 -11.16
N PHE D 261 -6.50 44.55 -10.24
CA PHE D 261 -7.83 44.04 -9.91
C PHE D 261 -8.61 45.00 -9.04
N VAL D 262 -7.93 45.74 -8.15
CA VAL D 262 -8.64 46.69 -7.31
C VAL D 262 -9.18 47.86 -8.14
N ARG D 263 -8.38 48.32 -9.11
CA ARG D 263 -8.85 49.40 -9.99
C ARG D 263 -9.88 48.90 -10.99
N LEU D 264 -9.69 47.70 -11.53
CA LEU D 264 -10.58 47.15 -12.55
C LEU D 264 -11.53 46.13 -11.97
N TRP D 265 -12.04 46.39 -10.77
CA TRP D 265 -13.11 45.57 -10.20
C TRP D 265 -14.35 45.60 -11.08
N GLY D 266 -14.61 46.73 -11.72
CA GLY D 266 -15.82 46.88 -12.52
C GLY D 266 -15.75 46.32 -13.92
N ARG D 267 -14.77 46.78 -14.70
CA ARG D 267 -14.69 46.39 -16.10
C ARG D 267 -14.43 44.90 -16.31
N LEU D 268 -13.96 44.19 -15.29
CA LEU D 268 -13.91 42.74 -15.38
C LEU D 268 -15.21 42.09 -14.95
N ASP D 269 -16.18 42.88 -14.48
CA ASP D 269 -17.48 42.40 -14.03
C ASP D 269 -17.35 41.38 -12.90
N LEU D 270 -16.81 41.86 -11.78
CA LEU D 270 -16.70 41.10 -10.55
C LEU D 270 -17.52 41.77 -9.47
N ILE D 271 -18.27 40.97 -8.71
CA ILE D 271 -19.10 41.51 -7.64
C ILE D 271 -19.60 40.37 -6.76
N ASP D 272 -19.65 40.63 -5.46
CA ASP D 272 -20.32 39.78 -4.50
C ASP D 272 -21.64 40.44 -4.12
N GLU D 273 -22.64 39.63 -3.76
CA GLU D 273 -24.01 40.11 -3.81
C GLU D 273 -24.35 41.24 -2.84
N GLU D 274 -24.45 40.95 -1.55
CA GLU D 274 -24.98 42.00 -0.70
C GLU D 274 -24.23 42.22 0.62
N GLU D 275 -23.79 41.15 1.28
CA GLU D 275 -23.47 41.20 2.70
C GLU D 275 -21.97 41.20 2.91
N ASP D 276 -21.43 42.37 3.31
CA ASP D 276 -20.04 42.51 3.71
C ASP D 276 -19.91 43.42 4.92
N SER D 277 -20.79 43.26 5.90
CA SER D 277 -20.86 44.15 7.06
C SER D 277 -20.87 43.31 8.34
N GLU D 278 -19.69 43.07 8.91
CA GLU D 278 -19.55 42.30 10.13
C GLU D 278 -18.10 42.39 10.61
N GLU D 279 -17.88 41.87 11.81
CA GLU D 279 -16.54 41.62 12.34
C GLU D 279 -16.14 40.18 12.06
N ASP D 280 -14.83 39.94 12.02
CA ASP D 280 -14.30 38.70 11.47
C ASP D 280 -14.76 37.49 12.28
N GLY D 281 -14.97 36.38 11.57
CA GLY D 281 -15.32 35.10 12.17
C GLY D 281 -14.99 34.01 11.16
N ASP D 282 -14.54 32.86 11.65
CA ASP D 282 -14.11 31.76 10.78
C ASP D 282 -14.41 30.44 11.45
N SER D 283 -14.10 29.35 10.74
CA SER D 283 -14.28 28.01 11.28
C SER D 283 -13.44 27.83 12.54
N MET D 284 -14.03 27.22 13.57
CA MET D 284 -13.39 27.05 14.87
C MET D 284 -13.65 25.64 15.37
N ARG D 285 -12.74 24.72 15.05
CA ARG D 285 -12.83 23.34 15.52
C ARG D 285 -12.02 23.11 16.78
N THR D 286 -12.19 23.97 17.79
CA THR D 286 -11.40 23.85 19.01
C THR D 286 -12.27 23.66 20.24
N PHE D 287 -13.30 24.49 20.38
CA PHE D 287 -14.11 24.56 21.59
C PHE D 287 -13.25 24.87 22.82
N THR E 1 8.80 5.47 37.93
CA THR E 1 8.04 4.33 37.45
C THR E 1 8.71 3.70 36.23
N GLU E 2 8.35 2.46 35.94
CA GLU E 2 8.93 1.74 34.81
C GLU E 2 8.12 1.87 33.53
N LYS E 3 6.93 2.48 33.60
CA LYS E 3 6.10 2.64 32.41
C LYS E 3 6.91 3.26 31.28
N PHE E 4 6.81 2.68 30.08
CA PHE E 4 7.56 3.21 28.95
C PHE E 4 7.00 4.56 28.51
N ASP E 5 7.89 5.45 28.09
CA ASP E 5 7.52 6.81 27.70
C ASP E 5 8.09 7.09 26.32
N PHE E 6 7.19 7.22 25.33
CA PHE E 6 7.61 7.32 23.93
C PHE E 6 8.38 8.60 23.64
N GLY E 7 8.03 9.69 24.31
CA GLY E 7 8.73 10.94 24.08
C GLY E 7 10.22 10.82 24.34
N THR E 8 10.59 10.11 25.39
CA THR E 8 12.01 9.90 25.69
C THR E 8 12.69 9.16 24.56
N MET E 9 12.04 8.13 24.01
CA MET E 9 12.63 7.39 22.91
C MET E 9 12.82 8.27 21.68
N VAL E 10 11.83 9.11 21.37
CA VAL E 10 11.99 10.00 20.23
C VAL E 10 13.13 10.98 20.46
N GLN E 11 13.23 11.52 21.68
CA GLN E 11 14.31 12.44 21.99
C GLN E 11 15.66 11.76 21.84
N TRP E 12 15.77 10.51 22.29
CA TRP E 12 17.05 9.81 22.19
C TRP E 12 17.40 9.52 20.73
N ALA E 13 16.43 9.05 19.95
CA ALA E 13 16.71 8.72 18.55
C ALA E 13 17.09 9.97 17.77
N TYR E 14 16.40 11.08 18.00
CA TYR E 14 16.82 12.33 17.40
C TYR E 14 18.18 12.76 17.93
N ASP E 15 18.53 12.34 19.15
CA ASP E 15 19.73 12.86 19.79
C ASP E 15 20.99 12.47 19.03
N HIS E 16 21.06 11.21 18.58
CA HIS E 16 22.20 10.76 17.78
C HIS E 16 21.93 10.78 16.29
N LYS E 17 20.74 11.21 15.86
CA LYS E 17 20.36 11.28 14.46
C LYS E 17 20.27 9.89 13.81
N TYR E 18 19.60 8.96 14.48
CA TYR E 18 19.20 7.70 13.85
C TYR E 18 17.81 7.86 13.26
N ALA E 19 17.70 7.63 11.94
CA ALA E 19 16.44 7.75 11.24
C ALA E 19 15.87 6.39 10.83
N GLU E 20 16.69 5.51 10.26
CA GLU E 20 16.21 4.23 9.79
C GLU E 20 15.82 3.33 10.96
N GLU E 21 14.74 2.56 10.76
CA GLU E 21 14.18 1.76 11.84
C GLU E 21 15.20 0.78 12.41
N SER E 22 15.88 0.04 11.53
CA SER E 22 16.75 -1.04 11.98
C SER E 22 17.81 -0.54 12.93
N LYS E 23 18.45 0.58 12.60
CA LYS E 23 19.47 1.12 13.49
C LYS E 23 18.86 1.56 14.82
N ILE E 24 17.67 2.15 14.79
CA ILE E 24 17.01 2.55 16.03
C ILE E 24 16.79 1.35 16.93
N ALA E 25 16.21 0.28 16.38
CA ALA E 25 15.89 -0.89 17.18
C ALA E 25 17.17 -1.52 17.73
N TYR E 26 18.17 -1.71 16.88
CA TYR E 26 19.40 -2.36 17.33
C TYR E 26 20.11 -1.54 18.39
N GLU E 27 20.32 -0.25 18.11
CA GLU E 27 21.03 0.62 19.05
C GLU E 27 20.27 0.77 20.35
N TYR E 28 18.94 0.76 20.30
CA TYR E 28 18.16 0.95 21.52
C TYR E 28 18.17 -0.32 22.37
N ALA E 29 18.03 -1.49 21.74
CA ALA E 29 18.21 -2.74 22.47
C ALA E 29 19.61 -2.82 23.08
N LEU E 30 20.62 -2.30 22.40
CA LEU E 30 21.95 -2.25 22.98
C LEU E 30 22.00 -1.30 24.17
N ALA E 31 21.39 -0.13 24.04
CA ALA E 31 21.38 0.86 25.11
C ALA E 31 20.54 0.41 26.30
N ALA E 32 19.74 -0.64 26.14
CA ALA E 32 18.90 -1.14 27.22
C ALA E 32 19.68 -1.51 28.48
N GLY E 33 21.01 -1.49 28.41
CA GLY E 33 21.81 -1.78 29.59
C GLY E 33 21.66 -0.73 30.67
N SER E 34 21.62 0.55 30.29
CA SER E 34 21.61 1.64 31.25
C SER E 34 20.57 2.69 30.89
N ASP E 35 19.36 2.23 30.60
CA ASP E 35 18.26 3.15 30.29
C ASP E 35 16.96 2.49 30.76
N SER E 36 16.35 3.04 31.81
CA SER E 36 15.16 2.44 32.38
C SER E 36 14.03 2.37 31.36
N ASN E 37 13.87 3.43 30.56
CA ASN E 37 12.86 3.41 29.51
C ASN E 37 13.15 2.31 28.50
N ALA E 38 14.43 2.04 28.25
CA ALA E 38 14.80 0.98 27.31
C ALA E 38 14.43 -0.40 27.85
N ARG E 39 14.84 -0.69 29.08
CA ARG E 39 14.50 -1.95 29.72
C ARG E 39 12.99 -2.09 29.90
N ALA E 40 12.27 -0.97 29.88
CA ALA E 40 10.82 -1.04 29.77
C ALA E 40 10.37 -1.39 28.36
N PHE E 41 11.02 -0.80 27.36
CA PHE E 41 10.60 -1.02 25.97
C PHE E 41 10.74 -2.48 25.58
N LEU E 42 11.83 -3.12 25.99
CA LEU E 42 12.06 -4.51 25.61
C LEU E 42 10.88 -5.40 25.97
N ALA E 43 10.20 -5.09 27.08
CA ALA E 43 9.09 -5.90 27.55
C ALA E 43 7.74 -5.49 26.96
N THR E 44 7.64 -4.33 26.33
CA THR E 44 6.38 -3.87 25.78
C THR E 44 6.06 -4.68 24.53
N ASN E 45 4.96 -5.44 24.59
CA ASN E 45 4.66 -6.40 23.53
C ASN E 45 4.33 -5.76 22.21
N SER E 46 4.40 -4.44 22.08
CA SER E 46 4.13 -3.78 20.81
C SER E 46 5.38 -3.09 20.30
N GLN E 47 6.52 -3.79 20.34
CA GLN E 47 7.80 -3.17 20.03
C GLN E 47 7.81 -2.59 18.62
N ALA E 48 7.33 -3.35 17.64
CA ALA E 48 7.47 -2.93 16.24
C ALA E 48 6.75 -1.60 15.99
N LYS E 49 5.55 -1.45 16.55
CA LYS E 49 4.80 -0.21 16.32
C LYS E 49 5.52 0.99 16.92
N HIS E 50 6.08 0.81 18.13
CA HIS E 50 6.84 1.89 18.75
C HIS E 50 8.05 2.26 17.91
N VAL E 51 8.76 1.25 17.38
CA VAL E 51 9.93 1.53 16.55
C VAL E 51 9.51 2.29 15.30
N LYS E 52 8.41 1.88 14.67
CA LYS E 52 7.97 2.57 13.46
C LYS E 52 7.60 4.02 13.76
N ASP E 53 6.86 4.25 14.85
CA ASP E 53 6.51 5.62 15.21
C ASP E 53 7.74 6.46 15.52
N CYS E 54 8.71 5.88 16.24
CA CYS E 54 9.91 6.63 16.58
C CYS E 54 10.69 7.02 15.33
N ALA E 55 10.84 6.08 14.39
CA ALA E 55 11.53 6.41 13.15
C ALA E 55 10.79 7.48 12.37
N THR E 56 9.46 7.37 12.29
CA THR E 56 8.70 8.36 11.54
C THR E 56 8.82 9.74 12.17
N MET E 57 8.77 9.81 13.51
CA MET E 57 8.88 11.11 14.16
C MET E 57 10.27 11.71 13.98
N VAL E 58 11.31 10.89 14.06
CA VAL E 58 12.66 11.42 13.84
C VAL E 58 12.80 11.92 12.42
N ARG E 59 12.24 11.19 11.45
CA ARG E 59 12.29 11.63 10.06
C ARG E 59 11.57 12.96 9.89
N HIS E 60 10.38 13.09 10.49
CA HIS E 60 9.64 14.35 10.42
C HIS E 60 10.45 15.49 11.00
N TYR E 61 10.99 15.30 12.20
CA TYR E 61 11.74 16.36 12.87
C TYR E 61 12.94 16.78 12.05
N LEU E 62 13.72 15.82 11.56
CA LEU E 62 14.93 16.15 10.81
C LEU E 62 14.59 16.84 9.50
N ARG E 63 13.60 16.31 8.76
CA ARG E 63 13.26 16.92 7.48
C ARG E 63 12.75 18.33 7.65
N ALA E 64 11.88 18.56 8.64
CA ALA E 64 11.38 19.91 8.86
C ALA E 64 12.40 20.80 9.53
N GLU E 65 13.49 20.23 10.05
CA GLU E 65 14.57 21.05 10.56
C GLU E 65 15.50 21.53 9.45
N THR E 66 15.77 20.67 8.46
CA THR E 66 16.63 21.07 7.37
C THR E 66 15.97 22.12 6.49
N GLN E 67 14.70 21.93 6.14
CA GLN E 67 14.01 22.85 5.25
C GLN E 67 13.76 24.21 5.88
N ALA E 68 13.97 24.36 7.18
CA ALA E 68 13.72 25.63 7.85
C ALA E 68 14.94 26.54 7.89
N LEU E 69 16.05 26.15 7.25
CA LEU E 69 17.26 26.95 7.25
C LEU E 69 17.44 27.66 5.92
N SER E 70 17.62 28.98 5.98
CA SER E 70 18.02 29.71 4.78
C SER E 70 19.44 29.31 4.38
N MET E 71 19.81 29.64 3.15
CA MET E 71 21.02 29.08 2.55
C MET E 71 22.28 29.31 3.37
N PRO E 72 22.60 30.53 3.83
CA PRO E 72 23.84 30.69 4.59
C PRO E 72 23.90 29.82 5.83
N ALA E 73 22.77 29.61 6.50
CA ALA E 73 22.75 28.69 7.63
C ALA E 73 23.04 27.27 7.18
N TYR E 74 22.52 26.88 6.01
CA TYR E 74 22.79 25.55 5.49
C TYR E 74 24.28 25.35 5.23
N ILE E 75 24.92 26.33 4.59
CA ILE E 75 26.34 26.20 4.33
C ILE E 75 27.13 26.24 5.63
N LYS E 76 26.68 27.02 6.61
CA LYS E 76 27.34 27.01 7.91
C LYS E 76 27.27 25.62 8.55
N ALA E 77 26.10 24.98 8.47
CA ALA E 77 25.96 23.64 9.04
C ALA E 77 26.85 22.64 8.32
N ARG E 78 26.90 22.72 6.98
CA ARG E 78 27.75 21.81 6.24
C ARG E 78 29.23 22.03 6.55
N CYS E 79 29.64 23.27 6.74
CA CYS E 79 31.01 23.55 7.18
C CYS E 79 31.27 22.97 8.58
N LYS E 80 30.29 23.09 9.48
CA LYS E 80 30.43 22.51 10.80
C LYS E 80 30.57 21.00 10.72
N LEU E 81 29.95 20.36 9.73
CA LEU E 81 29.99 18.91 9.62
C LEU E 81 31.26 18.39 8.92
N ALA E 82 32.05 19.27 8.32
CA ALA E 82 33.21 18.85 7.55
C ALA E 82 34.48 18.89 8.38
N THR E 83 35.23 17.79 8.38
CA THR E 83 36.49 17.69 9.10
C THR E 83 37.57 17.12 8.19
N GLY E 84 38.82 17.40 8.53
CA GLY E 84 39.96 16.91 7.80
C GLY E 84 41.09 17.90 7.89
N GLU E 85 42.08 17.72 7.02
CA GLU E 85 43.22 18.62 6.93
C GLU E 85 43.38 19.04 5.47
N GLY E 86 43.42 20.34 5.22
CA GLY E 86 43.49 20.84 3.86
C GLY E 86 43.44 22.35 3.85
N SER E 87 43.36 22.90 2.64
CA SER E 87 43.37 24.35 2.47
C SER E 87 42.75 24.68 1.13
N TRP E 88 42.59 25.99 0.88
CA TRP E 88 42.15 26.44 -0.43
C TRP E 88 43.26 26.39 -1.47
N LYS E 89 44.51 26.34 -1.03
CA LYS E 89 45.61 26.22 -1.99
C LYS E 89 45.47 24.97 -2.83
N SER E 90 45.02 23.87 -2.22
CA SER E 90 44.81 22.60 -2.91
C SER E 90 43.66 22.65 -3.91
N ILE E 91 43.06 23.82 -4.11
CA ILE E 91 42.04 24.05 -5.12
C ILE E 91 42.49 25.09 -6.13
N LEU E 92 42.95 26.25 -5.65
CA LEU E 92 43.46 27.28 -6.55
C LEU E 92 44.65 26.78 -7.35
N THR E 93 45.44 25.86 -6.79
CA THR E 93 46.52 25.27 -7.57
C THR E 93 45.96 24.48 -8.74
N PHE E 94 44.87 23.74 -8.52
CA PHE E 94 44.24 23.02 -9.62
C PHE E 94 43.68 23.98 -10.67
N PHE E 95 43.04 25.06 -10.23
CA PHE E 95 42.49 26.01 -11.19
C PHE E 95 43.59 26.66 -12.01
N ASN E 96 44.68 27.07 -11.37
CA ASN E 96 45.82 27.58 -12.13
C ASN E 96 46.43 26.51 -13.03
N TYR E 97 46.32 25.24 -12.65
CA TYR E 97 46.75 24.16 -13.52
C TYR E 97 45.90 24.11 -14.79
N GLN E 98 44.61 24.38 -14.68
CA GLN E 98 43.75 24.48 -15.86
C GLN E 98 43.76 25.87 -16.49
N ASN E 99 44.49 26.82 -15.91
CA ASN E 99 44.64 28.17 -16.46
C ASN E 99 43.32 28.94 -16.50
N ILE E 100 42.65 29.00 -15.35
CA ILE E 100 41.51 29.88 -15.14
C ILE E 100 41.71 30.61 -13.82
N GLU E 101 41.46 31.92 -13.83
CA GLU E 101 41.50 32.66 -12.59
C GLU E 101 40.42 32.16 -11.64
N LEU E 102 40.66 32.32 -10.34
CA LEU E 102 39.64 31.97 -9.37
C LEU E 102 38.63 33.09 -9.18
N ILE E 103 39.04 34.34 -9.39
CA ILE E 103 38.14 35.46 -9.16
C ILE E 103 36.91 35.37 -10.04
N THR E 104 37.08 34.94 -11.28
CA THR E 104 35.93 34.74 -12.16
C THR E 104 35.02 33.65 -11.63
N PHE E 105 35.63 32.56 -11.12
CA PHE E 105 34.82 31.49 -10.55
C PHE E 105 34.03 31.98 -9.34
N ILE E 106 34.60 32.89 -8.55
CA ILE E 106 33.87 33.44 -7.40
C ILE E 106 32.73 34.33 -7.86
N ASN E 107 33.00 35.20 -8.83
CA ASN E 107 31.96 36.06 -9.37
C ASN E 107 30.83 35.25 -9.98
N ALA E 108 31.10 34.02 -10.39
CA ALA E 108 30.02 33.14 -10.85
C ALA E 108 29.36 32.39 -9.69
N LEU E 109 30.14 31.95 -8.72
CA LEU E 109 29.61 31.14 -7.62
C LEU E 109 28.64 31.94 -6.79
N LYS E 110 28.92 33.22 -6.58
CA LYS E 110 28.01 34.07 -5.82
C LYS E 110 26.62 34.05 -6.42
N LEU E 111 26.52 34.34 -7.72
CA LEU E 111 25.23 34.32 -8.39
C LEU E 111 24.62 32.93 -8.36
N TRP E 112 25.42 31.90 -8.66
CA TRP E 112 24.87 30.55 -8.71
C TRP E 112 24.23 30.17 -7.39
N LEU E 113 24.91 30.43 -6.28
CA LEU E 113 24.35 30.12 -4.98
C LEU E 113 23.10 30.95 -4.71
N LYS E 114 23.11 32.24 -5.09
CA LYS E 114 21.92 33.03 -4.84
C LYS E 114 20.72 32.60 -5.69
N GLY E 115 20.90 31.67 -6.61
CA GLY E 115 19.78 31.21 -7.41
C GLY E 115 19.21 32.24 -8.35
N ILE E 116 19.96 33.30 -8.65
CA ILE E 116 19.47 34.38 -9.50
C ILE E 116 19.07 33.81 -10.86
N PRO E 117 17.94 34.20 -11.42
CA PRO E 117 17.51 33.62 -12.69
C PRO E 117 18.47 33.93 -13.83
N LYS E 118 18.51 33.02 -14.81
CA LYS E 118 19.29 33.13 -16.03
C LYS E 118 20.78 32.94 -15.78
N LYS E 119 21.18 32.79 -14.53
CA LYS E 119 22.58 32.54 -14.16
C LYS E 119 22.65 31.45 -13.10
N ASN E 120 21.90 30.36 -13.32
CA ASN E 120 21.74 29.33 -12.31
C ASN E 120 22.07 27.96 -12.91
N CYS E 121 23.17 27.89 -13.65
CA CYS E 121 23.67 26.62 -14.17
C CYS E 121 25.12 26.81 -14.59
N LEU E 122 26.05 26.14 -13.91
CA LEU E 122 27.44 26.13 -14.32
C LEU E 122 27.72 24.88 -15.15
N ALA E 123 28.20 25.09 -16.37
CA ALA E 123 28.60 24.00 -17.24
C ALA E 123 30.11 23.93 -17.30
N PHE E 124 30.66 22.77 -17.02
CA PHE E 124 32.09 22.53 -17.12
C PHE E 124 32.34 21.71 -18.38
N ILE E 125 32.89 22.35 -19.41
CA ILE E 125 33.11 21.71 -20.70
C ILE E 125 34.59 21.40 -20.85
N GLY E 126 34.90 20.13 -21.07
CA GLY E 126 36.26 19.70 -21.30
C GLY E 126 36.29 18.31 -21.91
N PRO E 127 37.34 18.03 -22.68
CA PRO E 127 37.49 16.71 -23.28
C PRO E 127 37.53 15.62 -22.23
N PRO E 128 37.29 14.36 -22.60
CA PRO E 128 37.36 13.28 -21.60
C PRO E 128 38.75 13.17 -21.01
N ASN E 129 38.78 12.83 -19.72
CA ASN E 129 40.02 12.73 -18.94
C ASN E 129 40.75 14.09 -18.86
N THR E 130 40.06 15.07 -18.28
CA THR E 130 40.66 16.34 -17.89
C THR E 130 40.31 16.78 -16.48
N GLY E 131 39.51 16.02 -15.75
CA GLY E 131 39.26 16.30 -14.35
C GLY E 131 37.93 16.96 -14.02
N LYS E 132 37.05 17.13 -14.99
CA LYS E 132 35.77 17.80 -14.74
C LYS E 132 35.03 17.13 -13.58
N SER E 133 34.72 15.84 -13.74
CA SER E 133 33.88 15.15 -12.76
C SER E 133 34.54 15.13 -11.40
N MET E 134 35.87 15.22 -11.33
CA MET E 134 36.52 15.28 -10.03
C MET E 134 36.10 16.52 -9.26
N LEU E 135 36.24 17.69 -9.87
CA LEU E 135 35.86 18.93 -9.19
C LEU E 135 34.37 18.97 -8.92
N CYS E 136 33.55 18.60 -9.90
CA CYS E 136 32.10 18.69 -9.71
C CYS E 136 31.63 17.74 -8.62
N ASN E 137 32.14 16.51 -8.60
CA ASN E 137 31.72 15.57 -7.57
C ASN E 137 32.18 16.02 -6.21
N SER E 138 33.39 16.57 -6.11
CA SER E 138 33.83 17.09 -4.81
C SER E 138 32.91 18.21 -4.33
N LEU E 139 32.60 19.16 -5.21
CA LEU E 139 31.79 20.31 -4.79
C LEU E 139 30.38 19.88 -4.41
N ILE E 140 29.79 18.98 -5.17
CA ILE E 140 28.43 18.55 -4.86
C ILE E 140 28.41 17.66 -3.64
N HIS E 141 29.51 16.93 -3.38
CA HIS E 141 29.61 16.21 -2.11
C HIS E 141 29.61 17.18 -0.94
N PHE E 142 30.34 18.29 -1.07
CA PHE E 142 30.34 19.24 0.04
C PHE E 142 28.99 19.89 0.22
N LEU E 143 28.35 20.33 -0.85
CA LEU E 143 27.06 20.98 -0.70
C LEU E 143 25.93 20.01 -0.34
N GLY E 144 26.23 18.73 -0.19
CA GLY E 144 25.24 17.75 0.20
C GLY E 144 24.07 17.71 -0.77
N GLY E 145 24.37 17.85 -2.06
CA GLY E 145 23.36 17.81 -3.10
C GLY E 145 23.37 16.45 -3.79
N SER E 146 22.24 16.09 -4.38
CA SER E 146 22.17 14.83 -5.08
C SER E 146 22.72 14.97 -6.50
N VAL E 147 23.01 13.83 -7.11
CA VAL E 147 23.50 13.76 -8.48
C VAL E 147 22.45 13.06 -9.32
N LEU E 148 22.08 13.66 -10.44
CA LEU E 148 21.11 13.06 -11.34
C LEU E 148 21.80 12.12 -12.31
N SER E 149 21.00 11.53 -13.20
CA SER E 149 21.50 10.56 -14.17
C SER E 149 20.59 10.59 -15.38
N PHE E 150 21.13 10.99 -16.53
CA PHE E 150 20.33 11.06 -17.75
C PHE E 150 19.99 9.69 -18.33
N ALA E 151 20.45 8.61 -17.71
CA ALA E 151 20.09 7.28 -18.18
C ALA E 151 18.58 7.08 -18.21
N ASN E 152 17.90 7.46 -17.14
CA ASN E 152 16.50 7.12 -16.94
C ASN E 152 15.55 8.10 -17.61
N HIS E 153 16.04 9.02 -18.45
CA HIS E 153 15.15 10.07 -18.96
C HIS E 153 14.03 9.50 -19.81
N LYS E 154 14.15 8.25 -20.26
CA LYS E 154 13.00 7.57 -20.83
C LYS E 154 11.89 7.41 -19.81
N SER E 155 12.24 7.10 -18.56
CA SER E 155 11.30 7.01 -17.45
C SER E 155 11.31 8.34 -16.71
N HIS E 156 10.26 9.11 -16.87
CA HIS E 156 10.24 10.52 -16.47
C HIS E 156 10.38 10.72 -14.96
N PHE E 157 10.59 9.69 -14.15
CA PHE E 157 10.73 9.88 -12.71
C PHE E 157 12.16 10.17 -12.29
N TRP E 158 13.09 10.32 -13.23
CA TRP E 158 14.48 10.58 -12.88
C TRP E 158 14.68 11.94 -12.23
N LEU E 159 13.67 12.80 -12.26
CA LEU E 159 13.72 14.10 -11.61
C LEU E 159 13.24 14.04 -10.16
N ALA E 160 12.84 12.86 -9.68
CA ALA E 160 12.29 12.75 -8.34
C ALA E 160 13.24 13.31 -7.29
N SER E 161 14.55 13.15 -7.49
CA SER E 161 15.51 13.66 -6.53
C SER E 161 15.57 15.18 -6.50
N LEU E 162 14.95 15.87 -7.46
CA LEU E 162 15.02 17.31 -7.51
C LEU E 162 14.13 17.98 -6.46
N ALA E 163 13.31 17.19 -5.75
CA ALA E 163 12.36 17.73 -4.80
C ALA E 163 12.96 17.99 -3.42
N ASP E 164 14.16 17.50 -3.13
CA ASP E 164 14.74 17.68 -1.81
C ASP E 164 16.05 18.47 -1.84
N THR E 165 17.01 18.04 -2.64
CA THR E 165 18.38 18.54 -2.51
C THR E 165 18.54 19.91 -3.16
N ARG E 166 19.51 20.66 -2.67
CA ARG E 166 19.69 22.06 -3.02
C ARG E 166 20.82 22.30 -4.00
N ALA E 167 21.40 21.24 -4.57
CA ALA E 167 22.43 21.41 -5.60
C ALA E 167 22.44 20.13 -6.44
N ALA E 168 21.82 20.18 -7.61
CA ALA E 168 21.75 19.04 -8.49
C ALA E 168 22.95 19.01 -9.42
N LEU E 169 23.48 17.81 -9.64
CA LEU E 169 24.58 17.58 -10.58
C LEU E 169 24.11 16.65 -11.68
N VAL E 170 24.39 17.01 -12.92
CA VAL E 170 24.17 16.14 -14.07
C VAL E 170 25.51 16.01 -14.77
N ASP E 171 26.12 14.83 -14.69
CA ASP E 171 27.45 14.62 -15.24
C ASP E 171 27.39 13.95 -16.60
N ASP E 172 28.26 14.39 -17.51
CA ASP E 172 28.38 13.84 -18.85
C ASP E 172 27.06 13.93 -19.61
N ALA E 173 26.66 15.19 -19.85
CA ALA E 173 25.47 15.46 -20.63
C ALA E 173 25.77 15.29 -22.11
N THR E 174 25.02 14.41 -22.76
CA THR E 174 25.20 14.12 -24.17
C THR E 174 24.51 15.18 -25.01
N HIS E 175 24.40 14.94 -26.33
CA HIS E 175 23.59 15.81 -27.17
C HIS E 175 22.13 15.74 -26.76
N ALA E 176 21.64 14.54 -26.45
CA ALA E 176 20.24 14.39 -26.06
C ALA E 176 19.92 15.15 -24.79
N CYS E 177 20.84 15.14 -23.82
CA CYS E 177 20.59 15.87 -22.57
C CYS E 177 20.50 17.36 -22.82
N TRP E 178 21.39 17.90 -23.67
CA TRP E 178 21.34 19.32 -23.95
C TRP E 178 20.08 19.70 -24.72
N ARG E 179 19.65 18.85 -25.65
CA ARG E 179 18.39 19.12 -26.33
C ARG E 179 17.22 19.06 -25.37
N TYR E 180 17.25 18.12 -24.42
CA TYR E 180 16.20 18.04 -23.41
C TYR E 180 16.15 19.32 -22.57
N PHE E 181 17.32 19.81 -22.16
CA PHE E 181 17.35 21.06 -21.40
C PHE E 181 16.85 22.24 -22.24
N ASP E 182 17.21 22.28 -23.52
CA ASP E 182 16.78 23.37 -24.38
C ASP E 182 15.27 23.37 -24.55
N THR E 183 14.67 22.19 -24.69
CA THR E 183 13.24 22.13 -25.00
C THR E 183 12.37 22.12 -23.74
N TYR E 184 12.54 21.10 -22.89
CA TYR E 184 11.61 20.88 -21.80
C TYR E 184 11.95 21.73 -20.58
N LEU E 185 13.17 21.59 -20.06
CA LEU E 185 13.55 22.09 -18.75
C LEU E 185 14.18 23.48 -18.81
N ARG E 186 13.75 24.31 -19.78
CA ARG E 186 14.23 25.69 -19.85
C ARG E 186 13.87 26.47 -18.60
N ASN E 187 12.72 26.15 -17.97
CA ASN E 187 12.27 26.91 -16.81
C ASN E 187 13.24 26.80 -15.66
N ALA E 188 13.78 25.61 -15.42
CA ALA E 188 14.71 25.42 -14.31
C ALA E 188 15.96 26.26 -14.48
N LEU E 189 16.52 26.28 -15.69
CA LEU E 189 17.67 27.14 -15.94
C LEU E 189 17.30 28.61 -15.81
N ASP E 190 16.08 28.97 -16.23
CA ASP E 190 15.59 30.30 -15.90
C ASP E 190 15.50 30.42 -14.38
N GLY E 191 14.62 29.63 -13.76
CA GLY E 191 14.45 29.71 -12.32
C GLY E 191 12.99 29.80 -11.93
N TYR E 192 12.11 29.66 -12.91
CA TYR E 192 10.68 29.67 -12.68
C TYR E 192 10.24 28.31 -12.16
N PRO E 193 9.12 28.24 -11.44
CA PRO E 193 8.72 26.97 -10.84
C PRO E 193 8.43 25.91 -11.90
N VAL E 194 8.70 24.66 -11.52
CA VAL E 194 8.45 23.49 -12.36
C VAL E 194 7.74 22.44 -11.53
N SER E 195 7.15 21.46 -12.22
CA SER E 195 6.43 20.38 -11.57
C SER E 195 7.28 19.11 -11.64
N ILE E 196 7.40 18.43 -10.51
CA ILE E 196 8.18 17.20 -10.43
C ILE E 196 7.47 16.14 -9.61
N ASP E 197 7.46 14.90 -10.12
CA ASP E 197 6.80 13.80 -9.44
C ASP E 197 7.76 13.12 -8.45
N ARG E 198 7.21 12.22 -7.64
CA ARG E 198 8.01 11.50 -6.65
C ARG E 198 7.48 10.09 -6.42
N LYS E 199 7.75 9.20 -7.37
CA LYS E 199 7.31 7.81 -7.31
C LYS E 199 5.82 7.69 -6.99
N HIS E 200 5.52 7.39 -5.73
CA HIS E 200 4.13 7.25 -5.30
C HIS E 200 3.65 8.50 -4.58
N LYS E 201 3.78 9.64 -5.25
CA LYS E 201 3.35 10.91 -4.68
C LYS E 201 2.76 11.82 -5.76
N ALA E 202 2.48 13.07 -5.38
CA ALA E 202 1.91 14.04 -6.31
C ALA E 202 2.96 15.03 -6.78
N ALA E 203 2.79 15.53 -8.00
CA ALA E 203 3.73 16.50 -8.58
C ALA E 203 3.81 17.76 -7.72
N VAL E 204 4.83 17.82 -6.87
CA VAL E 204 5.02 18.96 -5.99
C VAL E 204 5.73 20.10 -6.73
N GLN E 205 5.00 21.19 -6.94
CA GLN E 205 5.56 22.35 -7.62
C GLN E 205 6.49 23.14 -6.72
N ILE E 206 7.76 23.22 -7.12
CA ILE E 206 8.76 23.94 -6.34
C ILE E 206 9.65 24.72 -7.30
N LYS E 207 10.30 25.74 -6.77
CA LYS E 207 11.32 26.43 -7.53
C LYS E 207 12.47 25.46 -7.81
N ALA E 208 13.08 25.62 -8.96
CA ALA E 208 14.15 24.71 -9.35
C ALA E 208 15.43 25.08 -8.63
N PRO E 209 16.04 24.17 -7.88
CA PRO E 209 17.27 24.47 -7.17
C PRO E 209 18.43 24.61 -8.13
N PRO E 210 19.55 25.18 -7.70
CA PRO E 210 20.69 25.37 -8.59
C PRO E 210 21.23 24.06 -9.12
N LEU E 211 21.81 24.11 -10.32
CA LEU E 211 22.32 22.94 -11.00
C LEU E 211 23.83 23.06 -11.21
N LEU E 212 24.40 21.99 -11.74
CA LEU E 212 25.84 21.92 -12.03
C LEU E 212 26.04 20.78 -13.02
N VAL E 213 26.48 21.09 -14.23
CA VAL E 213 26.56 20.08 -15.28
C VAL E 213 27.96 20.04 -15.87
N THR E 214 28.35 18.85 -16.33
CA THR E 214 29.61 18.62 -17.04
C THR E 214 29.27 18.00 -18.38
N SER E 215 29.74 18.61 -19.46
CA SER E 215 29.42 18.09 -20.78
C SER E 215 30.54 18.42 -21.75
N ASN E 216 30.86 17.45 -22.61
CA ASN E 216 31.84 17.69 -23.66
C ASN E 216 31.35 18.72 -24.67
N ILE E 217 30.03 18.89 -24.78
CA ILE E 217 29.44 19.74 -25.79
C ILE E 217 29.55 21.20 -25.35
N ASP E 218 30.02 22.06 -26.25
CA ASP E 218 30.12 23.49 -25.99
C ASP E 218 28.79 24.11 -26.42
N VAL E 219 27.91 24.33 -25.45
CA VAL E 219 26.60 24.91 -25.75
C VAL E 219 26.75 26.32 -26.31
N GLN E 220 27.72 27.08 -25.83
CA GLN E 220 27.92 28.45 -26.28
C GLN E 220 28.68 28.55 -27.59
N ALA E 221 28.75 27.47 -28.36
CA ALA E 221 29.35 27.50 -29.69
C ALA E 221 28.37 26.98 -30.72
N GLU E 222 27.53 26.02 -30.34
CA GLU E 222 26.57 25.45 -31.26
C GLU E 222 25.51 26.49 -31.63
N ASP E 223 24.73 26.15 -32.66
CA ASP E 223 23.64 27.02 -33.10
C ASP E 223 22.26 26.43 -32.83
N ARG E 224 22.17 25.14 -32.51
CA ARG E 224 20.90 24.58 -32.10
C ARG E 224 20.52 25.04 -30.70
N TYR E 225 21.50 25.35 -29.88
CA TYR E 225 21.28 25.73 -28.49
C TYR E 225 21.43 27.24 -28.31
N LEU E 226 20.98 27.98 -29.32
CA LEU E 226 21.02 29.44 -29.27
C LEU E 226 20.26 29.97 -28.06
N TYR E 227 19.23 29.26 -27.63
CA TYR E 227 18.37 29.69 -26.53
C TYR E 227 18.85 29.17 -25.19
N LEU E 228 20.10 28.73 -25.10
CA LEU E 228 20.75 28.45 -23.84
C LEU E 228 21.96 29.33 -23.58
N HIS E 229 22.37 30.16 -24.54
CA HIS E 229 23.49 31.06 -24.33
C HIS E 229 23.20 32.08 -23.24
N SER E 230 21.94 32.31 -22.90
CA SER E 230 21.56 33.27 -21.88
C SER E 230 21.09 32.59 -20.59
N ARG E 231 21.41 31.31 -20.39
CA ARG E 231 21.00 30.62 -19.18
C ARG E 231 22.10 29.72 -18.61
N VAL E 232 23.31 29.78 -19.14
CA VAL E 232 24.38 28.87 -18.76
C VAL E 232 25.69 29.64 -18.65
N GLN E 233 26.41 29.43 -17.54
CA GLN E 233 27.76 29.96 -17.39
C GLN E 233 28.74 28.81 -17.56
N THR E 234 29.73 28.99 -18.41
CA THR E 234 30.66 27.92 -18.76
C THR E 234 32.06 28.22 -18.25
N PHE E 235 32.78 27.14 -17.94
CA PHE E 235 34.19 27.21 -17.57
C PHE E 235 34.93 26.11 -18.30
N ARG E 236 36.01 26.47 -18.97
CA ARG E 236 36.70 25.55 -19.86
C ARG E 236 37.78 24.79 -19.10
N PHE E 237 37.76 23.46 -19.21
CA PHE E 237 38.81 22.60 -18.67
C PHE E 237 39.58 22.00 -19.84
N GLU E 238 40.85 22.36 -19.96
CA GLU E 238 41.64 21.93 -21.11
C GLU E 238 42.86 21.09 -20.75
N GLN E 239 43.61 21.48 -19.72
CA GLN E 239 44.86 20.80 -19.40
C GLN E 239 44.59 19.39 -18.88
N PRO E 240 45.51 18.45 -19.10
CA PRO E 240 45.24 17.05 -18.80
C PRO E 240 45.22 16.78 -17.30
N CYS E 241 44.73 15.57 -16.98
CA CYS E 241 44.51 15.13 -15.61
C CYS E 241 44.73 13.62 -15.54
N THR E 242 44.16 12.98 -14.52
CA THR E 242 44.60 11.68 -14.03
C THR E 242 44.91 10.65 -15.12
N ASP E 243 46.19 10.29 -15.21
CA ASP E 243 46.63 9.11 -15.96
C ASP E 243 47.81 8.45 -15.28
N GLU E 244 48.06 8.75 -14.00
CA GLU E 244 49.36 8.48 -13.39
C GLU E 244 49.17 7.61 -12.14
N SER E 245 49.41 6.31 -12.29
CA SER E 245 49.55 5.38 -11.17
C SER E 245 48.34 5.40 -10.24
N GLY E 246 47.14 5.52 -10.82
CA GLY E 246 45.93 5.47 -10.04
C GLY E 246 45.78 6.59 -9.04
N GLU E 247 46.59 7.63 -9.14
CA GLU E 247 46.53 8.79 -8.25
C GLU E 247 46.41 10.04 -9.11
N GLN E 248 45.20 10.58 -9.21
CA GLN E 248 45.00 11.84 -9.89
C GLN E 248 45.86 12.91 -9.24
N PRO E 249 46.63 13.68 -10.02
CA PRO E 249 47.53 14.66 -9.40
C PRO E 249 46.79 15.71 -8.56
N PHE E 250 45.46 15.65 -8.56
CA PHE E 250 44.66 16.58 -7.77
C PHE E 250 43.41 15.87 -7.28
N ASN E 251 43.22 15.84 -5.96
CA ASN E 251 42.00 15.35 -5.34
C ASN E 251 41.53 16.38 -4.33
N ILE E 252 40.27 16.77 -4.42
CA ILE E 252 39.72 17.87 -3.63
C ILE E 252 39.00 17.28 -2.42
N THR E 253 39.44 17.66 -1.23
CA THR E 253 38.89 17.12 0.00
C THR E 253 37.68 17.93 0.44
N ASP E 254 37.25 17.70 1.67
CA ASP E 254 36.24 18.54 2.28
C ASP E 254 36.85 19.64 3.14
N ALA E 255 38.06 19.40 3.67
CA ALA E 255 38.77 20.47 4.36
C ALA E 255 39.10 21.61 3.41
N ASP E 256 39.46 21.28 2.17
CA ASP E 256 39.68 22.32 1.16
C ASP E 256 38.46 23.21 1.01
N TRP E 257 37.28 22.60 0.83
CA TRP E 257 36.06 23.38 0.69
C TRP E 257 35.76 24.16 1.96
N LYS E 258 36.00 23.57 3.12
CA LYS E 258 35.72 24.27 4.36
C LYS E 258 36.57 25.52 4.48
N SER E 259 37.86 25.41 4.22
CA SER E 259 38.73 26.58 4.30
C SER E 259 38.44 27.56 3.19
N PHE E 260 37.96 27.06 2.05
CA PHE E 260 37.56 27.93 0.95
C PHE E 260 36.39 28.81 1.36
N PHE E 261 35.28 28.20 1.78
CA PHE E 261 34.11 28.97 2.16
C PHE E 261 34.39 29.87 3.35
N VAL E 262 35.10 29.36 4.36
CA VAL E 262 35.36 30.15 5.56
C VAL E 262 36.25 31.34 5.22
N ARG E 263 37.28 31.12 4.41
CA ARG E 263 38.20 32.21 4.08
C ARG E 263 37.56 33.25 3.17
N LEU E 264 36.51 32.89 2.45
CA LEU E 264 35.85 33.80 1.51
C LEU E 264 34.40 34.06 1.90
N TRP E 265 34.11 34.15 3.19
CA TRP E 265 32.76 34.48 3.63
C TRP E 265 32.39 35.92 3.27
N GLY E 266 33.36 36.73 2.85
CA GLY E 266 33.09 38.09 2.45
C GLY E 266 32.91 38.24 0.95
N ARG E 267 33.69 37.50 0.18
CA ARG E 267 33.63 37.62 -1.28
C ARG E 267 32.38 36.94 -1.84
N LEU E 268 32.03 35.76 -1.35
CA LEU E 268 30.74 35.18 -1.72
C LEU E 268 29.57 35.91 -1.10
N ASP E 269 29.82 36.80 -0.14
CA ASP E 269 28.79 37.65 0.46
C ASP E 269 27.65 36.82 1.05
N LEU E 270 28.03 35.90 1.92
CA LEU E 270 27.08 35.10 2.69
C LEU E 270 27.07 35.61 4.12
N ILE E 271 25.89 35.92 4.65
CA ILE E 271 25.77 36.44 6.00
C ILE E 271 24.34 36.26 6.47
N ASP E 272 24.12 36.54 7.75
CA ASP E 272 22.80 36.46 8.36
C ASP E 272 22.43 37.81 8.95
N GLU E 273 21.17 37.92 9.37
CA GLU E 273 20.61 39.18 9.84
C GLU E 273 21.03 39.47 11.27
N GLU E 274 20.36 40.46 11.90
CA GLU E 274 20.65 40.83 13.28
C GLU E 274 20.62 39.60 14.17
N GLU E 275 21.77 39.32 14.79
CA GLU E 275 21.98 38.08 15.53
C GLU E 275 22.26 38.38 17.00
N ASP E 276 21.55 37.68 17.88
CA ASP E 276 21.83 37.73 19.31
C ASP E 276 21.79 36.34 19.93
N SER E 277 21.78 35.28 19.13
CA SER E 277 21.83 33.91 19.66
C SER E 277 22.39 33.01 18.56
N GLU E 278 23.68 32.73 18.64
CA GLU E 278 24.32 31.79 17.72
C GLU E 278 24.86 30.56 18.42
N GLU E 279 25.73 30.73 19.43
CA GLU E 279 26.34 29.61 20.13
C GLU E 279 25.64 29.42 21.47
N ASP E 280 24.43 28.85 21.39
CA ASP E 280 23.62 28.66 22.58
C ASP E 280 23.14 27.22 22.68
N GLY E 281 22.24 26.95 23.62
CA GLY E 281 21.66 25.61 23.74
C GLY E 281 20.74 25.36 22.54
N ASP E 282 21.02 24.28 21.82
CA ASP E 282 20.18 23.91 20.69
C ASP E 282 18.77 23.58 21.16
N SER E 283 17.78 24.08 20.42
CA SER E 283 16.39 23.85 20.81
C SER E 283 16.05 22.38 20.60
N MET E 284 16.14 21.61 21.68
CA MET E 284 15.86 20.18 21.63
C MET E 284 14.49 19.85 22.19
N ARG E 285 13.53 20.77 22.01
CA ARG E 285 12.17 20.57 22.49
C ARG E 285 11.48 19.55 21.59
N THR E 286 11.93 18.30 21.70
CA THR E 286 11.26 17.17 21.07
C THR E 286 11.46 15.99 22.01
N PHE E 287 10.52 15.82 22.94
CA PHE E 287 10.75 14.91 24.06
C PHE E 287 9.47 14.21 24.48
N THR F 1 -2.41 -18.02 34.34
CA THR F 1 -1.44 -18.82 35.09
C THR F 1 -0.02 -18.46 34.70
N GLU F 2 0.19 -18.21 33.40
CA GLU F 2 1.52 -17.84 32.90
C GLU F 2 1.29 -16.77 31.83
N LYS F 3 1.58 -15.52 32.18
CA LYS F 3 1.40 -14.43 31.22
C LYS F 3 2.41 -14.54 30.09
N PHE F 4 2.01 -14.12 28.89
CA PHE F 4 2.90 -14.09 27.76
C PHE F 4 3.89 -12.94 27.90
N ASP F 5 5.07 -13.10 27.32
CA ASP F 5 6.13 -12.09 27.41
C ASP F 5 6.88 -12.08 26.08
N PHE F 6 6.53 -11.12 25.21
CA PHE F 6 7.08 -11.08 23.86
C PHE F 6 8.60 -10.98 23.88
N GLY F 7 9.17 -10.41 24.93
CA GLY F 7 10.61 -10.23 24.98
C GLY F 7 11.38 -11.54 24.95
N THR F 8 10.97 -12.49 25.79
CA THR F 8 11.69 -13.77 25.79
C THR F 8 11.44 -14.55 24.51
N MET F 9 10.30 -14.33 23.86
CA MET F 9 10.07 -14.99 22.58
C MET F 9 10.98 -14.41 21.51
N VAL F 10 11.19 -13.10 21.48
CA VAL F 10 12.09 -12.56 20.48
C VAL F 10 13.53 -12.95 20.80
N GLN F 11 13.84 -13.09 22.09
CA GLN F 11 15.17 -13.59 22.45
C GLN F 11 15.37 -15.02 21.97
N TRP F 12 14.35 -15.87 22.11
CA TRP F 12 14.48 -17.24 21.63
C TRP F 12 14.60 -17.28 20.12
N ALA F 13 13.82 -16.45 19.42
CA ALA F 13 13.90 -16.41 17.96
C ALA F 13 15.28 -15.95 17.49
N TYR F 14 15.81 -14.91 18.10
CA TYR F 14 17.15 -14.47 17.76
C TYR F 14 18.20 -15.48 18.16
N ASP F 15 17.91 -16.34 19.14
CA ASP F 15 18.86 -17.37 19.52
C ASP F 15 19.12 -18.33 18.36
N HIS F 16 18.06 -18.72 17.64
CA HIS F 16 18.16 -19.70 16.57
C HIS F 16 18.17 -19.07 15.19
N LYS F 17 18.16 -17.74 15.10
CA LYS F 17 18.20 -17.02 13.82
C LYS F 17 17.04 -17.44 12.91
N TYR F 18 15.87 -17.69 13.50
CA TYR F 18 14.68 -18.04 12.74
C TYR F 18 14.05 -16.76 12.20
N ALA F 19 14.59 -16.26 11.10
CA ALA F 19 14.12 -14.99 10.56
C ALA F 19 12.71 -15.04 9.99
N GLU F 20 12.40 -16.03 9.14
CA GLU F 20 11.13 -16.10 8.45
C GLU F 20 9.99 -16.46 9.38
N GLU F 21 8.78 -16.01 9.05
CA GLU F 21 7.65 -16.10 9.98
C GLU F 21 7.18 -17.54 10.16
N SER F 22 7.04 -18.28 9.06
CA SER F 22 6.47 -19.62 9.16
C SER F 22 7.32 -20.52 10.03
N LYS F 23 8.64 -20.43 9.89
CA LYS F 23 9.53 -21.24 10.71
C LYS F 23 9.37 -20.89 12.19
N ILE F 24 9.27 -19.59 12.49
CA ILE F 24 8.93 -19.16 13.85
C ILE F 24 7.70 -19.89 14.35
N ALA F 25 6.58 -19.74 13.62
CA ALA F 25 5.33 -20.28 14.10
C ALA F 25 5.44 -21.77 14.36
N TYR F 26 5.97 -22.51 13.39
CA TYR F 26 6.00 -23.96 13.50
C TYR F 26 6.93 -24.41 14.62
N GLU F 27 8.16 -23.89 14.64
CA GLU F 27 9.11 -24.34 15.66
C GLU F 27 8.64 -23.98 17.05
N TYR F 28 8.01 -22.81 17.22
CA TYR F 28 7.58 -22.43 18.56
C TYR F 28 6.37 -23.24 19.00
N ALA F 29 5.42 -23.47 18.10
CA ALA F 29 4.31 -24.36 18.43
C ALA F 29 4.82 -25.75 18.79
N LEU F 30 5.91 -26.20 18.17
CA LEU F 30 6.52 -27.46 18.56
C LEU F 30 7.15 -27.36 19.95
N ALA F 31 7.87 -26.26 20.21
CA ALA F 31 8.57 -26.10 21.48
C ALA F 31 7.63 -25.87 22.64
N ALA F 32 6.34 -25.65 22.37
CA ALA F 32 5.35 -25.47 23.43
C ALA F 32 5.34 -26.60 24.45
N GLY F 33 5.98 -27.74 24.15
CA GLY F 33 5.96 -28.84 25.09
C GLY F 33 6.68 -28.53 26.39
N SER F 34 7.79 -27.79 26.32
CA SER F 34 8.65 -27.59 27.48
C SER F 34 9.10 -26.13 27.57
N ASP F 35 8.17 -25.20 27.33
CA ASP F 35 8.48 -23.78 27.47
C ASP F 35 7.18 -23.08 27.81
N SER F 36 7.00 -22.75 29.10
CA SER F 36 5.73 -22.21 29.59
C SER F 36 5.27 -21.02 28.76
N ASN F 37 6.20 -20.16 28.36
CA ASN F 37 5.84 -19.03 27.52
C ASN F 37 5.21 -19.51 26.22
N ALA F 38 5.63 -20.67 25.72
CA ALA F 38 5.09 -21.14 24.45
C ALA F 38 3.66 -21.66 24.62
N ARG F 39 3.36 -22.30 25.74
CA ARG F 39 1.97 -22.62 26.02
C ARG F 39 1.12 -21.37 26.14
N ALA F 40 1.66 -20.34 26.80
CA ALA F 40 0.95 -19.06 26.83
C ALA F 40 0.72 -18.52 25.43
N PHE F 41 1.70 -18.69 24.55
CA PHE F 41 1.54 -18.28 23.16
C PHE F 41 0.43 -19.06 22.49
N LEU F 42 0.39 -20.38 22.71
CA LEU F 42 -0.62 -21.20 22.07
C LEU F 42 -2.03 -20.82 22.52
N ALA F 43 -2.19 -20.53 23.81
CA ALA F 43 -3.50 -20.10 24.31
C ALA F 43 -3.81 -18.65 23.98
N THR F 44 -2.84 -17.90 23.47
CA THR F 44 -3.05 -16.49 23.16
C THR F 44 -4.05 -16.33 22.02
N ASN F 45 -4.78 -15.22 22.03
CA ASN F 45 -5.89 -15.00 21.11
C ASN F 45 -5.51 -14.19 19.88
N SER F 46 -4.24 -13.79 19.75
CA SER F 46 -3.78 -12.98 18.61
C SER F 46 -2.45 -13.51 18.09
N GLN F 47 -2.39 -14.81 17.83
CA GLN F 47 -1.13 -15.50 17.57
C GLN F 47 -0.42 -14.95 16.34
N ALA F 48 -1.17 -14.71 15.26
CA ALA F 48 -0.54 -14.31 14.00
C ALA F 48 0.17 -12.96 14.14
N LYS F 49 -0.42 -12.04 14.88
CA LYS F 49 0.22 -10.75 15.12
C LYS F 49 1.56 -10.92 15.81
N HIS F 50 1.61 -11.79 16.83
CA HIS F 50 2.87 -12.01 17.54
C HIS F 50 3.91 -12.64 16.62
N VAL F 51 3.51 -13.59 15.78
CA VAL F 51 4.48 -14.17 14.84
C VAL F 51 5.02 -13.11 13.90
N LYS F 52 4.14 -12.26 13.36
CA LYS F 52 4.58 -11.22 12.44
C LYS F 52 5.54 -10.24 13.12
N ASP F 53 5.20 -9.81 14.34
CA ASP F 53 6.06 -8.86 15.03
C ASP F 53 7.40 -9.48 15.36
N CYS F 54 7.41 -10.76 15.76
CA CYS F 54 8.68 -11.42 16.03
C CYS F 54 9.54 -11.51 14.78
N ALA F 55 8.93 -11.83 13.64
CA ALA F 55 9.69 -11.88 12.40
C ALA F 55 10.30 -10.52 12.09
N THR F 56 9.50 -9.45 12.22
CA THR F 56 10.02 -8.11 11.94
C THR F 56 11.17 -7.76 12.87
N MET F 57 11.03 -8.04 14.16
CA MET F 57 12.05 -7.67 15.12
C MET F 57 13.35 -8.41 14.86
N VAL F 58 13.25 -9.71 14.56
CA VAL F 58 14.45 -10.49 14.26
C VAL F 58 15.12 -9.98 13.00
N ARG F 59 14.33 -9.64 11.98
CA ARG F 59 14.93 -9.10 10.76
C ARG F 59 15.67 -7.80 11.03
N HIS F 60 15.07 -6.90 11.81
CA HIS F 60 15.75 -5.67 12.17
C HIS F 60 17.08 -5.96 12.85
N TYR F 61 17.06 -6.83 13.85
CA TYR F 61 18.28 -7.14 14.58
C TYR F 61 19.36 -7.69 13.65
N LEU F 62 19.02 -8.70 12.84
CA LEU F 62 20.03 -9.33 12.00
C LEU F 62 20.58 -8.38 10.95
N ARG F 63 19.71 -7.61 10.30
CA ARG F 63 20.18 -6.69 9.27
C ARG F 63 21.09 -5.62 9.85
N ALA F 64 20.68 -5.03 10.97
CA ALA F 64 21.53 -4.02 11.60
C ALA F 64 22.85 -4.61 12.06
N GLU F 65 22.82 -5.84 12.58
CA GLU F 65 24.06 -6.48 13.00
C GLU F 65 25.00 -6.67 11.82
N THR F 66 24.47 -7.07 10.67
CA THR F 66 25.32 -7.22 9.49
C THR F 66 25.89 -5.88 9.05
N GLN F 67 25.08 -4.82 9.04
CA GLN F 67 25.54 -3.54 8.54
C GLN F 67 26.60 -2.88 9.43
N ALA F 68 26.70 -3.28 10.68
CA ALA F 68 27.57 -2.59 11.63
C ALA F 68 28.95 -3.23 11.76
N LEU F 69 29.23 -4.31 11.04
CA LEU F 69 30.51 -5.00 11.19
C LEU F 69 31.53 -4.42 10.23
N SER F 70 32.66 -3.95 10.77
CA SER F 70 33.74 -3.47 9.93
C SER F 70 34.33 -4.62 9.13
N MET F 71 35.02 -4.26 8.04
CA MET F 71 35.35 -5.25 7.02
C MET F 71 36.20 -6.40 7.54
N PRO F 72 37.27 -6.18 8.33
CA PRO F 72 37.97 -7.34 8.90
C PRO F 72 37.10 -8.18 9.81
N ALA F 73 36.23 -7.54 10.61
CA ALA F 73 35.33 -8.30 11.46
C ALA F 73 34.34 -9.10 10.62
N TYR F 74 33.85 -8.52 9.53
CA TYR F 74 32.94 -9.25 8.67
C TYR F 74 33.64 -10.42 7.99
N ILE F 75 34.91 -10.25 7.61
CA ILE F 75 35.65 -11.37 7.06
C ILE F 75 35.84 -12.46 8.11
N LYS F 76 36.06 -12.08 9.36
CA LYS F 76 36.13 -13.10 10.40
C LYS F 76 34.80 -13.82 10.56
N ALA F 77 33.69 -13.08 10.49
CA ALA F 77 32.37 -13.69 10.63
C ALA F 77 31.97 -14.52 9.42
N ARG F 78 32.57 -14.27 8.27
CA ARG F 78 32.33 -15.13 7.12
C ARG F 78 33.33 -16.29 7.09
N CYS F 79 34.44 -16.15 7.80
CA CYS F 79 35.37 -17.26 7.97
C CYS F 79 34.84 -18.28 8.96
N LYS F 80 34.15 -17.82 10.00
CA LYS F 80 33.57 -18.75 10.96
C LYS F 80 32.51 -19.63 10.32
N LEU F 81 31.66 -19.04 9.49
CA LEU F 81 30.46 -19.73 9.01
C LEU F 81 30.74 -20.69 7.86
N ALA F 82 31.87 -20.56 7.17
CA ALA F 82 32.17 -21.47 6.07
C ALA F 82 32.52 -22.85 6.62
N THR F 83 31.84 -23.87 6.10
CA THR F 83 31.97 -25.23 6.60
C THR F 83 32.63 -26.13 5.57
N GLY F 84 33.46 -27.04 6.05
CA GLY F 84 34.20 -27.96 5.21
C GLY F 84 35.67 -27.99 5.58
N GLU F 85 36.36 -28.97 5.00
CA GLU F 85 37.80 -29.12 5.18
C GLU F 85 38.46 -29.26 3.82
N GLY F 86 39.54 -28.51 3.61
CA GLY F 86 40.26 -28.51 2.36
C GLY F 86 41.61 -27.84 2.52
N SER F 87 42.03 -27.06 1.54
CA SER F 87 43.31 -26.37 1.64
C SER F 87 43.37 -25.25 0.63
N TRP F 88 44.19 -24.24 0.95
CA TRP F 88 44.53 -23.19 0.00
C TRP F 88 45.33 -23.74 -1.17
N LYS F 89 45.87 -24.96 -1.04
CA LYS F 89 46.66 -25.54 -2.11
C LYS F 89 45.90 -25.56 -3.42
N SER F 90 44.57 -25.68 -3.36
CA SER F 90 43.79 -25.65 -4.58
C SER F 90 43.91 -24.30 -5.28
N ILE F 91 43.82 -23.20 -4.51
CA ILE F 91 43.97 -21.88 -5.11
C ILE F 91 45.38 -21.72 -5.68
N LEU F 92 46.39 -22.07 -4.89
CA LEU F 92 47.77 -21.90 -5.35
C LEU F 92 48.03 -22.68 -6.62
N THR F 93 47.61 -23.96 -6.66
CA THR F 93 47.89 -24.82 -7.79
C THR F 93 47.03 -24.48 -9.00
N PHE F 94 45.80 -24.03 -8.78
CA PHE F 94 45.00 -23.48 -9.87
C PHE F 94 45.74 -22.31 -10.53
N PHE F 95 46.18 -21.35 -9.72
CA PHE F 95 46.89 -20.21 -10.29
C PHE F 95 48.15 -20.66 -11.02
N ASN F 96 48.99 -21.47 -10.37
CA ASN F 96 50.23 -21.91 -11.00
C ASN F 96 49.96 -22.76 -12.23
N TYR F 97 48.78 -23.35 -12.34
CA TYR F 97 48.39 -24.01 -13.57
C TYR F 97 47.99 -23.00 -14.64
N GLN F 98 47.49 -21.84 -14.23
CA GLN F 98 47.26 -20.75 -15.18
C GLN F 98 48.50 -19.90 -15.38
N ASN F 99 49.66 -20.36 -14.91
CA ASN F 99 50.94 -19.66 -15.06
C ASN F 99 50.92 -18.27 -14.45
N ILE F 100 49.98 -18.00 -13.54
CA ILE F 100 49.90 -16.74 -12.83
C ILE F 100 50.39 -16.94 -11.41
N GLU F 101 51.45 -16.23 -11.05
CA GLU F 101 51.94 -16.25 -9.68
C GLU F 101 50.82 -15.83 -8.72
N LEU F 102 50.75 -16.51 -7.57
CA LEU F 102 49.76 -16.11 -6.57
C LEU F 102 50.01 -14.70 -6.09
N ILE F 103 51.27 -14.34 -5.86
CA ILE F 103 51.61 -13.02 -5.32
C ILE F 103 50.94 -11.92 -6.12
N THR F 104 50.72 -12.14 -7.42
CA THR F 104 49.96 -11.18 -8.20
C THR F 104 48.53 -11.08 -7.69
N PHE F 105 47.87 -12.22 -7.46
CA PHE F 105 46.50 -12.16 -6.99
C PHE F 105 46.43 -11.56 -5.59
N ILE F 106 47.44 -11.82 -4.75
CA ILE F 106 47.47 -11.16 -3.45
C ILE F 106 47.54 -9.65 -3.63
N ASN F 107 48.61 -9.17 -4.27
CA ASN F 107 48.80 -7.75 -4.48
C ASN F 107 47.66 -7.11 -5.24
N ALA F 108 46.74 -7.88 -5.80
CA ALA F 108 45.49 -7.31 -6.28
C ALA F 108 44.39 -7.34 -5.24
N LEU F 109 44.32 -8.39 -4.41
CA LEU F 109 43.32 -8.47 -3.36
C LEU F 109 43.54 -7.40 -2.30
N LYS F 110 44.80 -7.16 -1.97
CA LYS F 110 45.17 -6.16 -0.97
C LYS F 110 44.49 -4.83 -1.26
N LEU F 111 44.51 -4.40 -2.52
CA LEU F 111 43.81 -3.18 -2.90
C LEU F 111 42.32 -3.40 -3.05
N TRP F 112 41.91 -4.43 -3.80
CA TRP F 112 40.51 -4.59 -4.16
C TRP F 112 39.62 -4.66 -2.92
N LEU F 113 40.13 -5.21 -1.82
CA LEU F 113 39.32 -5.25 -0.60
C LEU F 113 39.27 -3.90 0.10
N LYS F 114 40.36 -3.13 0.04
CA LYS F 114 40.39 -1.84 0.72
C LYS F 114 39.50 -0.80 0.07
N GLY F 115 38.97 -1.07 -1.11
CA GLY F 115 38.13 -0.09 -1.78
C GLY F 115 38.88 1.10 -2.31
N ILE F 116 40.19 0.99 -2.47
CA ILE F 116 40.96 2.10 -3.03
C ILE F 116 40.45 2.42 -4.42
N PRO F 117 40.10 3.67 -4.72
CA PRO F 117 39.59 4.00 -6.06
C PRO F 117 40.63 3.76 -7.12
N LYS F 118 40.16 3.51 -8.35
CA LYS F 118 40.95 3.24 -9.54
C LYS F 118 41.64 1.89 -9.48
N LYS F 119 41.51 1.15 -8.39
CA LYS F 119 42.01 -0.22 -8.26
C LYS F 119 40.98 -1.07 -7.58
N ASN F 120 39.72 -0.85 -7.92
CA ASN F 120 38.58 -1.43 -7.23
C ASN F 120 37.70 -2.20 -8.21
N CYS F 121 38.36 -2.98 -9.06
CA CYS F 121 37.69 -3.91 -9.98
C CYS F 121 38.70 -4.88 -10.54
N LEU F 122 38.46 -6.17 -10.39
CA LEU F 122 39.37 -7.19 -10.87
C LEU F 122 38.71 -7.96 -12.01
N ALA F 123 39.26 -7.82 -13.22
CA ALA F 123 38.69 -8.44 -14.41
C ALA F 123 39.45 -9.70 -14.74
N PHE F 124 38.72 -10.78 -15.00
CA PHE F 124 39.30 -12.06 -15.39
C PHE F 124 38.98 -12.28 -16.87
N ILE F 125 40.01 -12.30 -17.70
CA ILE F 125 39.85 -12.30 -19.15
C ILE F 125 40.49 -13.56 -19.72
N GLY F 126 39.72 -14.31 -20.50
CA GLY F 126 40.21 -15.49 -21.18
C GLY F 126 39.11 -16.16 -21.97
N PRO F 127 39.49 -16.92 -23.00
CA PRO F 127 38.49 -17.64 -23.77
C PRO F 127 37.72 -18.60 -22.89
N PRO F 128 36.44 -18.83 -23.18
CA PRO F 128 35.56 -19.52 -22.22
C PRO F 128 36.04 -20.92 -21.91
N ASN F 129 35.46 -21.48 -20.85
CA ASN F 129 35.82 -22.81 -20.35
C ASN F 129 37.29 -22.87 -19.97
N THR F 130 37.78 -21.81 -19.33
CA THR F 130 39.15 -21.74 -18.86
C THR F 130 39.28 -21.60 -17.36
N GLY F 131 38.17 -21.57 -16.62
CA GLY F 131 38.20 -21.47 -15.18
C GLY F 131 37.89 -20.11 -14.62
N LYS F 132 37.50 -19.14 -15.46
CA LYS F 132 37.14 -17.83 -14.95
C LYS F 132 36.00 -17.92 -13.95
N SER F 133 34.84 -18.39 -14.42
CA SER F 133 33.64 -18.38 -13.58
C SER F 133 33.82 -19.24 -12.34
N MET F 134 34.62 -20.30 -12.43
CA MET F 134 34.89 -21.12 -11.25
C MET F 134 35.42 -20.26 -10.10
N LEU F 135 36.58 -19.66 -10.29
CA LEU F 135 37.19 -18.87 -9.23
C LEU F 135 36.34 -17.65 -8.88
N CYS F 136 35.83 -16.94 -9.89
CA CYS F 136 35.11 -15.71 -9.61
C CYS F 136 33.85 -15.98 -8.79
N ASN F 137 33.06 -16.99 -9.17
CA ASN F 137 31.84 -17.27 -8.45
C ASN F 137 32.10 -17.93 -7.11
N SER F 138 33.15 -18.76 -7.00
CA SER F 138 33.51 -19.28 -5.69
C SER F 138 33.89 -18.16 -4.73
N LEU F 139 34.66 -17.19 -5.21
CA LEU F 139 35.09 -16.10 -4.34
C LEU F 139 33.93 -15.19 -3.97
N ILE F 140 33.05 -14.88 -4.92
CA ILE F 140 31.87 -14.09 -4.60
C ILE F 140 30.98 -14.83 -3.61
N HIS F 141 30.81 -16.14 -3.77
CA HIS F 141 30.03 -16.91 -2.83
C HIS F 141 30.64 -16.85 -1.43
N PHE F 142 31.97 -16.92 -1.36
CA PHE F 142 32.62 -16.79 -0.05
C PHE F 142 32.33 -15.43 0.59
N LEU F 143 32.47 -14.36 -0.18
CA LEU F 143 32.28 -13.01 0.34
C LEU F 143 30.82 -12.68 0.61
N GLY F 144 29.91 -13.65 0.44
CA GLY F 144 28.51 -13.38 0.68
C GLY F 144 27.91 -12.33 -0.19
N GLY F 145 28.49 -12.09 -1.37
CA GLY F 145 28.01 -11.07 -2.27
C GLY F 145 26.84 -11.54 -3.09
N SER F 146 26.50 -10.74 -4.11
CA SER F 146 25.37 -11.02 -4.98
C SER F 146 25.85 -11.06 -6.43
N VAL F 147 25.49 -12.13 -7.12
CA VAL F 147 25.84 -12.30 -8.53
C VAL F 147 24.89 -11.45 -9.36
N LEU F 148 25.43 -10.50 -10.10
CA LEU F 148 24.61 -9.64 -10.94
C LEU F 148 24.36 -10.33 -12.28
N SER F 149 23.63 -9.64 -13.17
CA SER F 149 23.21 -10.24 -14.43
C SER F 149 23.20 -9.13 -15.49
N PHE F 150 24.20 -9.13 -16.36
CA PHE F 150 24.33 -8.09 -17.37
C PHE F 150 23.18 -8.09 -18.36
N ALA F 151 22.39 -9.17 -18.42
CA ALA F 151 21.38 -9.31 -19.46
C ALA F 151 20.32 -8.21 -19.37
N ASN F 152 19.89 -7.86 -18.18
CA ASN F 152 18.73 -6.98 -17.99
C ASN F 152 19.15 -5.51 -18.06
N HIS F 153 20.25 -5.21 -18.76
CA HIS F 153 20.68 -3.83 -18.86
C HIS F 153 19.78 -3.00 -19.75
N LYS F 154 18.81 -3.62 -20.43
CA LYS F 154 17.73 -2.87 -21.06
C LYS F 154 17.00 -2.04 -20.01
N SER F 155 16.81 -2.61 -18.83
CA SER F 155 16.25 -1.87 -17.70
C SER F 155 17.38 -1.39 -16.80
N HIS F 156 17.17 -0.23 -16.19
CA HIS F 156 18.13 0.29 -15.23
C HIS F 156 17.92 -0.27 -13.83
N PHE F 157 17.17 -1.36 -13.71
CA PHE F 157 16.85 -1.95 -12.42
C PHE F 157 17.80 -3.07 -12.04
N TRP F 158 18.82 -3.35 -12.86
CA TRP F 158 19.72 -4.47 -12.61
C TRP F 158 20.89 -4.12 -11.69
N LEU F 159 21.00 -2.87 -11.26
CA LEU F 159 21.96 -2.49 -10.24
C LEU F 159 21.36 -2.51 -8.84
N ALA F 160 20.07 -2.82 -8.73
CA ALA F 160 19.40 -2.79 -7.42
C ALA F 160 20.00 -3.80 -6.47
N SER F 161 20.62 -4.85 -6.98
CA SER F 161 21.22 -5.86 -6.12
C SER F 161 22.52 -5.41 -5.50
N LEU F 162 22.87 -4.13 -5.59
CA LEU F 162 24.06 -3.59 -4.97
C LEU F 162 23.74 -2.64 -3.82
N ALA F 163 22.47 -2.53 -3.44
CA ALA F 163 22.12 -1.65 -2.32
C ALA F 163 22.57 -2.24 -0.99
N ASP F 164 22.72 -3.56 -0.91
CA ASP F 164 23.05 -4.23 0.33
C ASP F 164 24.40 -4.93 0.31
N THR F 165 24.63 -5.80 -0.67
CA THR F 165 25.77 -6.70 -0.63
C THR F 165 27.08 -5.94 -0.80
N ARG F 166 28.16 -6.57 -0.34
CA ARG F 166 29.48 -5.95 -0.30
C ARG F 166 30.44 -6.54 -1.33
N ALA F 167 29.90 -7.23 -2.34
CA ALA F 167 30.71 -7.74 -3.44
C ALA F 167 29.76 -8.17 -4.55
N ALA F 168 30.02 -7.72 -5.77
CA ALA F 168 29.18 -8.07 -6.90
C ALA F 168 30.02 -8.74 -7.98
N LEU F 169 29.38 -9.66 -8.70
CA LEU F 169 29.99 -10.34 -9.84
C LEU F 169 29.16 -10.01 -11.08
N VAL F 170 29.85 -9.58 -12.13
CA VAL F 170 29.23 -9.39 -13.44
C VAL F 170 29.84 -10.43 -14.35
N ASP F 171 29.03 -11.39 -14.79
CA ASP F 171 29.52 -12.60 -15.45
C ASP F 171 29.42 -12.46 -16.95
N ASP F 172 30.52 -12.75 -17.64
CA ASP F 172 30.60 -12.71 -19.11
C ASP F 172 30.14 -11.36 -19.65
N ALA F 173 30.89 -10.33 -19.28
CA ALA F 173 30.60 -8.98 -19.76
C ALA F 173 31.03 -8.86 -21.21
N THR F 174 30.07 -8.78 -22.11
CA THR F 174 30.35 -8.61 -23.53
C THR F 174 30.53 -7.12 -23.84
N HIS F 175 30.72 -6.78 -25.11
CA HIS F 175 30.99 -5.39 -25.47
C HIS F 175 29.89 -4.46 -24.96
N ALA F 176 28.64 -4.91 -24.96
CA ALA F 176 27.55 -4.08 -24.46
C ALA F 176 27.75 -3.75 -22.99
N CYS F 177 28.13 -4.75 -22.18
CA CYS F 177 28.37 -4.50 -20.76
C CYS F 177 29.55 -3.56 -20.55
N TRP F 178 30.62 -3.72 -21.35
CA TRP F 178 31.77 -2.84 -21.21
C TRP F 178 31.39 -1.40 -21.55
N ARG F 179 30.62 -1.22 -22.62
CA ARG F 179 30.17 0.14 -22.96
C ARG F 179 29.30 0.70 -21.85
N TYR F 180 28.42 -0.12 -21.29
CA TYR F 180 27.55 0.35 -20.21
C TYR F 180 28.38 0.78 -18.99
N PHE F 181 29.41 0.01 -18.65
CA PHE F 181 30.29 0.43 -17.57
C PHE F 181 31.01 1.73 -17.90
N ASP F 182 31.52 1.84 -19.13
CA ASP F 182 32.29 3.02 -19.50
C ASP F 182 31.41 4.28 -19.55
N THR F 183 30.11 4.11 -19.76
CA THR F 183 29.26 5.29 -19.95
C THR F 183 28.59 5.75 -18.66
N TYR F 184 27.95 4.82 -17.93
CA TYR F 184 27.12 5.22 -16.80
C TYR F 184 27.74 4.93 -15.44
N LEU F 185 28.61 3.92 -15.33
CA LEU F 185 29.30 3.63 -14.08
C LEU F 185 30.77 4.01 -14.14
N ARG F 186 31.08 5.16 -14.75
CA ARG F 186 32.42 5.72 -14.64
C ARG F 186 32.77 6.00 -13.19
N ASN F 187 31.78 6.42 -12.40
CA ASN F 187 32.03 6.79 -11.01
C ASN F 187 32.31 5.57 -10.15
N ALA F 188 31.54 4.49 -10.33
CA ALA F 188 31.59 3.36 -9.42
C ALA F 188 32.99 2.81 -9.28
N LEU F 189 33.65 2.52 -10.40
CA LEU F 189 35.01 1.99 -10.35
C LEU F 189 35.98 3.00 -9.78
N ASP F 190 35.60 4.27 -9.72
CA ASP F 190 36.38 5.28 -9.02
C ASP F 190 35.99 5.40 -7.56
N GLY F 191 35.20 4.46 -7.02
CA GLY F 191 34.91 4.39 -5.60
C GLY F 191 33.92 5.42 -5.08
N TYR F 192 33.76 6.54 -5.75
CA TYR F 192 32.90 7.62 -5.27
C TYR F 192 31.43 7.24 -5.37
N PRO F 193 30.56 7.87 -4.58
CA PRO F 193 29.18 7.40 -4.49
C PRO F 193 28.44 7.46 -5.82
N VAL F 194 27.56 6.49 -6.01
CA VAL F 194 26.78 6.36 -7.23
C VAL F 194 25.30 6.42 -6.88
N SER F 195 24.46 6.44 -7.91
CA SER F 195 23.01 6.57 -7.77
C SER F 195 22.35 5.36 -8.42
N ILE F 196 22.10 4.33 -7.62
CA ILE F 196 21.40 3.15 -8.08
C ILE F 196 19.90 3.38 -7.99
N ASP F 197 19.14 2.59 -8.74
CA ASP F 197 17.69 2.71 -8.75
C ASP F 197 17.03 1.34 -8.72
N ARG F 198 15.99 1.20 -7.89
CA ARG F 198 15.27 -0.05 -7.76
C ARG F 198 13.90 0.02 -8.42
N LYS F 199 13.19 -1.10 -8.43
CA LYS F 199 11.86 -1.16 -9.02
C LYS F 199 10.79 -0.66 -8.05
N HIS F 200 9.88 0.16 -8.55
CA HIS F 200 8.81 0.71 -7.73
C HIS F 200 9.32 1.32 -6.43
N LYS F 201 10.33 2.19 -6.55
CA LYS F 201 10.90 2.83 -5.38
C LYS F 201 11.69 4.08 -5.76
N ALA F 202 12.47 4.60 -4.83
CA ALA F 202 13.28 5.78 -5.07
C ALA F 202 14.77 5.43 -5.09
N ALA F 203 15.55 6.21 -5.83
CA ALA F 203 16.98 5.99 -5.94
C ALA F 203 17.68 6.33 -4.63
N VAL F 204 18.74 5.57 -4.33
CA VAL F 204 19.57 5.80 -3.16
C VAL F 204 20.99 6.08 -3.63
N GLN F 205 21.72 6.86 -2.85
CA GLN F 205 23.06 7.32 -3.20
C GLN F 205 24.04 6.67 -2.23
N ILE F 206 24.65 5.56 -2.64
CA ILE F 206 25.54 4.79 -1.80
C ILE F 206 26.90 4.65 -2.47
N LYS F 207 27.92 4.35 -1.66
CA LYS F 207 29.22 4.04 -2.21
C LYS F 207 29.14 2.77 -3.06
N ALA F 208 29.93 2.73 -4.12
CA ALA F 208 29.99 1.55 -4.97
C ALA F 208 30.88 0.50 -4.32
N PRO F 209 30.38 -0.69 -4.04
CA PRO F 209 31.21 -1.71 -3.41
C PRO F 209 32.24 -2.25 -4.38
N PRO F 210 33.19 -3.05 -3.91
CA PRO F 210 34.13 -3.70 -4.83
C PRO F 210 33.43 -4.56 -5.86
N LEU F 211 34.15 -5.02 -6.88
CA LEU F 211 33.55 -5.75 -7.97
C LEU F 211 34.49 -6.83 -8.48
N LEU F 212 33.90 -7.82 -9.12
CA LEU F 212 34.63 -8.82 -9.90
C LEU F 212 33.88 -9.01 -11.21
N VAL F 213 34.55 -8.81 -12.33
CA VAL F 213 33.93 -8.91 -13.64
C VAL F 213 34.71 -9.92 -14.48
N THR F 214 33.97 -10.76 -15.20
CA THR F 214 34.56 -11.76 -16.10
C THR F 214 34.21 -11.36 -17.52
N SER F 215 35.20 -11.37 -18.40
CA SER F 215 34.98 -10.93 -19.76
C SER F 215 35.91 -11.66 -20.70
N ASN F 216 35.53 -11.67 -21.99
CA ASN F 216 36.38 -12.22 -23.03
C ASN F 216 37.13 -11.14 -23.80
N ILE F 217 36.98 -9.87 -23.42
CA ILE F 217 37.51 -8.75 -24.18
C ILE F 217 38.58 -8.05 -23.35
N ASP F 218 39.78 -7.94 -23.92
CA ASP F 218 40.91 -7.32 -23.25
C ASP F 218 40.70 -5.81 -23.33
N VAL F 219 40.07 -5.25 -22.29
CA VAL F 219 39.80 -3.81 -22.28
C VAL F 219 41.09 -3.01 -22.31
N GLN F 220 42.13 -3.47 -21.62
CA GLN F 220 43.39 -2.73 -21.63
C GLN F 220 44.10 -2.81 -22.98
N ALA F 221 43.51 -3.46 -23.97
CA ALA F 221 44.01 -3.40 -25.35
C ALA F 221 43.11 -2.60 -26.27
N GLU F 222 41.83 -2.48 -25.95
CA GLU F 222 40.92 -1.66 -26.73
C GLU F 222 41.23 -0.18 -26.50
N ASP F 223 40.71 0.66 -27.38
CA ASP F 223 40.98 2.09 -27.32
C ASP F 223 39.77 2.92 -26.93
N ARG F 224 38.56 2.52 -27.30
CA ARG F 224 37.37 3.25 -26.87
C ARG F 224 37.19 3.20 -25.37
N TYR F 225 37.79 2.23 -24.70
CA TYR F 225 37.80 2.17 -23.24
C TYR F 225 39.11 2.73 -22.68
N LEU F 226 39.64 3.77 -23.34
CA LEU F 226 40.84 4.42 -22.84
C LEU F 226 40.68 4.89 -21.41
N TYR F 227 39.45 5.29 -21.03
CA TYR F 227 39.20 5.64 -19.65
C TYR F 227 39.28 4.44 -18.73
N LEU F 228 38.88 3.26 -19.23
CA LEU F 228 38.81 2.07 -18.39
C LEU F 228 40.17 1.49 -18.04
N HIS F 229 41.25 1.97 -18.67
CA HIS F 229 42.57 1.43 -18.40
C HIS F 229 43.00 1.68 -16.95
N SER F 230 42.52 2.76 -16.35
CA SER F 230 43.03 3.20 -15.06
C SER F 230 42.23 2.69 -13.87
N ARG F 231 41.21 1.86 -14.09
CA ARG F 231 40.40 1.37 -12.98
C ARG F 231 40.02 -0.10 -13.14
N VAL F 232 40.76 -0.87 -13.91
CA VAL F 232 40.50 -2.29 -14.11
C VAL F 232 41.83 -3.01 -14.18
N GLN F 233 42.02 -4.00 -13.31
CA GLN F 233 43.22 -4.81 -13.31
C GLN F 233 42.91 -6.16 -13.94
N THR F 234 43.49 -6.42 -15.11
CA THR F 234 43.16 -7.60 -15.89
C THR F 234 43.93 -8.81 -15.38
N PHE F 235 43.33 -9.98 -15.56
CA PHE F 235 43.94 -11.26 -15.18
C PHE F 235 43.72 -12.24 -16.32
N ARG F 236 44.82 -12.76 -16.87
CA ARG F 236 44.76 -13.60 -18.07
C ARG F 236 44.63 -15.06 -17.65
N PHE F 237 43.38 -15.54 -17.66
CA PHE F 237 43.10 -16.96 -17.48
C PHE F 237 43.08 -17.61 -18.86
N GLU F 238 44.19 -18.26 -19.23
CA GLU F 238 44.35 -18.83 -20.56
C GLU F 238 44.20 -20.33 -20.60
N GLN F 239 44.84 -21.06 -19.69
CA GLN F 239 44.88 -22.51 -19.73
C GLN F 239 43.51 -23.10 -19.45
N PRO F 240 43.27 -24.35 -19.86
CA PRO F 240 41.98 -24.99 -19.57
C PRO F 240 41.94 -25.53 -18.15
N CYS F 241 41.16 -24.86 -17.30
CA CYS F 241 40.98 -25.32 -15.93
C CYS F 241 40.09 -26.54 -15.81
N THR F 242 39.15 -26.71 -16.74
CA THR F 242 38.19 -27.79 -16.65
C THR F 242 38.82 -29.11 -17.07
N ASP F 243 37.97 -30.11 -17.31
CA ASP F 243 38.40 -31.48 -17.56
C ASP F 243 39.52 -31.58 -18.58
N GLU F 244 40.68 -32.05 -18.14
CA GLU F 244 41.73 -32.44 -19.07
C GLU F 244 41.43 -33.79 -19.69
N SER F 245 40.79 -34.69 -18.93
CA SER F 245 40.45 -36.01 -19.41
C SER F 245 39.03 -36.46 -19.06
N GLY F 246 38.19 -35.55 -18.55
CA GLY F 246 36.81 -35.91 -18.29
C GLY F 246 36.27 -35.42 -16.95
N GLU F 247 37.14 -35.23 -15.97
CA GLU F 247 36.73 -34.81 -14.64
C GLU F 247 37.51 -33.56 -14.25
N GLN F 248 36.80 -32.53 -13.83
CA GLN F 248 37.40 -31.26 -13.45
C GLN F 248 38.31 -31.44 -12.24
N PRO F 249 39.63 -31.35 -12.42
CA PRO F 249 40.54 -31.59 -11.29
C PRO F 249 40.46 -30.53 -10.22
N PHE F 250 39.92 -29.35 -10.53
CA PHE F 250 40.06 -28.18 -9.68
C PHE F 250 38.69 -27.63 -9.32
N ASN F 251 38.47 -27.41 -8.04
CA ASN F 251 37.25 -26.78 -7.54
C ASN F 251 37.56 -26.20 -6.17
N ILE F 252 36.96 -25.05 -5.87
CA ILE F 252 37.29 -24.27 -4.68
C ILE F 252 36.08 -24.30 -3.76
N THR F 253 36.08 -25.25 -2.82
CA THR F 253 35.06 -25.24 -1.78
C THR F 253 35.40 -24.20 -0.72
N ASP F 254 34.41 -23.86 0.10
CA ASP F 254 34.58 -22.76 1.05
C ASP F 254 35.75 -23.00 1.99
N ALA F 255 36.08 -24.26 2.26
CA ALA F 255 37.22 -24.55 3.12
C ALA F 255 38.53 -24.04 2.52
N ASP F 256 38.68 -24.15 1.20
CA ASP F 256 39.91 -23.69 0.56
C ASP F 256 40.09 -22.19 0.78
N TRP F 257 39.04 -21.41 0.52
CA TRP F 257 39.11 -19.97 0.74
C TRP F 257 39.32 -19.63 2.21
N LYS F 258 38.63 -20.34 3.10
CA LYS F 258 38.75 -20.07 4.53
C LYS F 258 40.18 -20.27 5.01
N SER F 259 40.79 -21.39 4.64
CA SER F 259 42.17 -21.62 5.04
C SER F 259 43.12 -20.65 4.37
N PHE F 260 42.80 -20.25 3.14
CA PHE F 260 43.60 -19.22 2.47
C PHE F 260 43.61 -17.94 3.29
N PHE F 261 42.43 -17.47 3.71
CA PHE F 261 42.35 -16.25 4.50
C PHE F 261 43.03 -16.40 5.84
N VAL F 262 42.74 -17.49 6.55
CA VAL F 262 43.32 -17.68 7.89
C VAL F 262 44.84 -17.68 7.82
N ARG F 263 45.41 -18.38 6.84
CA ARG F 263 46.87 -18.36 6.76
C ARG F 263 47.39 -17.07 6.17
N LEU F 264 46.55 -16.31 5.45
CA LEU F 264 47.03 -15.08 4.84
C LEU F 264 46.29 -13.86 5.40
N TRP F 265 46.17 -13.81 6.73
CA TRP F 265 45.69 -12.62 7.40
C TRP F 265 46.73 -11.51 7.43
N GLY F 266 48.01 -11.86 7.49
CA GLY F 266 49.06 -10.85 7.56
C GLY F 266 49.28 -10.13 6.26
N ARG F 267 49.52 -10.89 5.19
CA ARG F 267 49.88 -10.33 3.89
C ARG F 267 48.74 -9.55 3.25
N LEU F 268 47.51 -9.69 3.75
CA LEU F 268 46.39 -8.88 3.26
C LEU F 268 46.24 -7.57 4.01
N ASP F 269 47.03 -7.37 5.07
CA ASP F 269 47.00 -6.13 5.87
C ASP F 269 45.63 -5.93 6.51
N LEU F 270 45.17 -6.93 7.24
CA LEU F 270 43.98 -6.84 8.06
C LEU F 270 44.34 -7.12 9.51
N ILE F 271 43.32 -7.19 10.36
CA ILE F 271 43.52 -7.37 11.80
C ILE F 271 42.35 -8.14 12.38
N ASP F 272 42.65 -9.28 13.01
CA ASP F 272 41.71 -10.06 13.81
C ASP F 272 42.35 -10.50 15.10
N GLU F 273 43.17 -9.64 15.68
CA GLU F 273 43.83 -9.91 16.95
C GLU F 273 42.99 -9.28 18.06
N GLU F 274 41.82 -9.88 18.30
CA GLU F 274 40.95 -9.41 19.38
C GLU F 274 41.23 -10.19 20.67
N GLU F 275 40.95 -11.49 20.67
CA GLU F 275 41.23 -12.40 21.77
C GLU F 275 41.00 -11.74 23.13
N ASP F 276 39.77 -11.25 23.33
CA ASP F 276 39.53 -10.30 24.41
C ASP F 276 39.53 -10.93 25.79
N SER F 277 38.54 -11.76 26.10
CA SER F 277 38.51 -12.43 27.39
C SER F 277 38.58 -13.95 27.27
N GLU F 278 37.59 -14.58 26.64
CA GLU F 278 37.72 -15.96 26.18
C GLU F 278 37.52 -16.06 24.67
N GLU F 279 36.34 -15.69 24.17
CA GLU F 279 36.10 -15.47 22.76
C GLU F 279 35.59 -14.07 22.47
N ASP F 280 34.51 -13.66 23.14
CA ASP F 280 33.87 -12.37 22.98
C ASP F 280 32.77 -12.26 24.03
N GLY F 281 32.36 -11.02 24.32
CA GLY F 281 31.29 -10.81 25.27
C GLY F 281 29.99 -11.43 24.78
N ASP F 282 29.43 -10.90 23.69
CA ASP F 282 28.26 -11.45 23.02
C ASP F 282 27.14 -11.79 24.01
N SER F 283 26.78 -10.80 24.82
CA SER F 283 25.90 -11.08 25.95
C SER F 283 24.46 -11.36 25.53
N MET F 284 23.77 -10.38 24.97
CA MET F 284 22.34 -10.51 24.71
C MET F 284 21.76 -9.31 23.97
N ARG F 285 20.66 -9.54 23.25
CA ARG F 285 19.92 -8.46 22.61
C ARG F 285 18.42 -8.73 22.76
N THR F 286 18.00 -9.11 23.96
CA THR F 286 16.59 -9.41 24.21
C THR F 286 15.69 -8.21 23.97
N THR G 1 -16.83 -22.51 29.76
CA THR G 1 -17.71 -22.92 28.67
C THR G 1 -17.97 -21.74 27.73
N GLU G 2 -17.33 -20.61 28.02
CA GLU G 2 -17.45 -19.42 27.19
C GLU G 2 -16.06 -18.96 26.78
N LYS G 3 -15.95 -17.74 26.26
CA LYS G 3 -14.64 -17.21 25.87
C LYS G 3 -13.95 -18.10 24.84
N PHE G 4 -14.50 -18.11 23.63
CA PHE G 4 -13.97 -18.88 22.51
C PHE G 4 -12.45 -18.87 22.48
N ASP G 5 -11.87 -20.06 22.39
CA ASP G 5 -10.43 -20.27 22.54
C ASP G 5 -9.88 -20.50 21.14
N PHE G 6 -9.28 -19.45 20.57
CA PHE G 6 -8.79 -19.48 19.20
C PHE G 6 -7.76 -20.59 18.97
N GLY G 7 -6.98 -20.93 20.01
CA GLY G 7 -6.02 -22.00 19.87
C GLY G 7 -6.68 -23.32 19.52
N THR G 8 -7.82 -23.62 20.15
CA THR G 8 -8.54 -24.84 19.84
C THR G 8 -8.99 -24.86 18.40
N MET G 9 -9.47 -23.72 17.90
CA MET G 9 -10.00 -23.69 16.54
C MET G 9 -8.86 -23.86 15.53
N VAL G 10 -7.69 -23.28 15.79
CA VAL G 10 -6.57 -23.50 14.87
C VAL G 10 -6.05 -24.92 14.95
N GLN G 11 -5.96 -25.49 16.16
CA GLN G 11 -5.54 -26.88 16.28
C GLN G 11 -6.47 -27.79 15.50
N TRP G 12 -7.77 -27.61 15.66
CA TRP G 12 -8.71 -28.41 14.90
C TRP G 12 -8.55 -28.17 13.41
N ALA G 13 -8.30 -26.93 12.99
CA ALA G 13 -8.25 -26.63 11.57
C ALA G 13 -7.06 -27.31 10.91
N TYR G 14 -5.90 -27.24 11.54
CA TYR G 14 -4.80 -28.05 11.07
C TYR G 14 -5.13 -29.53 11.16
N ASP G 15 -5.96 -29.93 12.12
CA ASP G 15 -6.31 -31.34 12.27
C ASP G 15 -7.04 -31.86 11.06
N HIS G 16 -7.97 -31.09 10.50
CA HIS G 16 -8.68 -31.51 9.30
C HIS G 16 -8.02 -31.03 8.02
N LYS G 17 -6.86 -30.40 8.10
CA LYS G 17 -6.12 -29.89 6.94
C LYS G 17 -6.92 -28.85 6.15
N TYR G 18 -7.94 -28.27 6.78
CA TYR G 18 -8.69 -27.17 6.19
C TYR G 18 -7.80 -25.94 6.13
N ALA G 19 -7.40 -25.53 4.93
CA ALA G 19 -6.47 -24.43 4.78
C ALA G 19 -7.13 -23.14 4.30
N GLU G 20 -7.90 -23.20 3.23
CA GLU G 20 -8.54 -22.01 2.69
C GLU G 20 -9.55 -21.44 3.69
N GLU G 21 -9.67 -20.11 3.68
CA GLU G 21 -10.53 -19.43 4.65
C GLU G 21 -11.97 -19.92 4.56
N SER G 22 -12.51 -19.99 3.34
CA SER G 22 -13.93 -20.23 3.16
C SER G 22 -14.34 -21.57 3.76
N LYS G 23 -13.55 -22.61 3.52
CA LYS G 23 -13.89 -23.92 4.07
C LYS G 23 -13.93 -23.87 5.59
N ILE G 24 -12.90 -23.30 6.22
CA ILE G 24 -12.88 -23.20 7.67
C ILE G 24 -14.15 -22.55 8.17
N ALA G 25 -14.44 -21.34 7.68
CA ALA G 25 -15.58 -20.60 8.18
C ALA G 25 -16.87 -21.38 8.01
N TYR G 26 -17.13 -21.89 6.79
CA TYR G 26 -18.42 -22.53 6.53
C TYR G 26 -18.60 -23.78 7.36
N GLU G 27 -17.65 -24.73 7.27
CA GLU G 27 -17.85 -25.97 8.00
C GLU G 27 -17.91 -25.72 9.49
N TYR G 28 -17.23 -24.68 10.00
CA TYR G 28 -17.27 -24.47 11.44
C TYR G 28 -18.62 -23.93 11.87
N ALA G 29 -19.17 -23.01 11.09
CA ALA G 29 -20.55 -22.61 11.32
C ALA G 29 -21.52 -23.78 11.16
N LEU G 30 -21.11 -24.82 10.42
CA LEU G 30 -21.95 -26.00 10.29
C LEU G 30 -21.80 -26.96 11.46
N ALA G 31 -20.61 -27.08 12.00
CA ALA G 31 -20.35 -27.92 13.16
C ALA G 31 -20.77 -27.25 14.46
N ALA G 32 -21.12 -25.97 14.41
CA ALA G 32 -21.60 -25.27 15.60
C ALA G 32 -22.84 -25.89 16.21
N GLY G 33 -23.47 -26.86 15.55
CA GLY G 33 -24.64 -27.50 16.13
C GLY G 33 -24.32 -28.48 17.24
N SER G 34 -23.08 -28.98 17.30
CA SER G 34 -22.73 -29.99 18.30
C SER G 34 -21.33 -29.74 18.83
N ASP G 35 -20.91 -28.47 18.89
CA ASP G 35 -19.58 -28.12 19.39
C ASP G 35 -19.70 -26.81 20.17
N SER G 36 -19.63 -26.90 21.50
CA SER G 36 -19.83 -25.72 22.35
C SER G 36 -18.91 -24.58 21.97
N ASN G 37 -17.66 -24.89 21.65
CA ASN G 37 -16.71 -23.84 21.27
C ASN G 37 -17.17 -23.13 20.00
N ALA G 38 -17.69 -23.88 19.04
CA ALA G 38 -18.20 -23.25 17.83
C ALA G 38 -19.43 -22.40 18.12
N ARG G 39 -20.27 -22.84 19.05
CA ARG G 39 -21.41 -22.03 19.45
C ARG G 39 -20.96 -20.73 20.10
N ALA G 40 -19.82 -20.77 20.81
CA ALA G 40 -19.23 -19.53 21.30
C ALA G 40 -18.69 -18.69 20.16
N PHE G 41 -18.09 -19.35 19.16
CA PHE G 41 -17.54 -18.63 18.03
C PHE G 41 -18.60 -17.84 17.28
N LEU G 42 -19.80 -18.43 17.13
CA LEU G 42 -20.85 -17.74 16.37
C LEU G 42 -21.24 -16.44 17.04
N ALA G 43 -21.40 -16.43 18.37
CA ALA G 43 -21.82 -15.23 19.07
C ALA G 43 -20.74 -14.15 19.08
N THR G 44 -19.49 -14.49 18.76
CA THR G 44 -18.43 -13.49 18.76
C THR G 44 -18.69 -12.45 17.67
N ASN G 45 -18.36 -11.21 17.97
CA ASN G 45 -18.63 -10.10 17.05
C ASN G 45 -17.48 -9.85 16.08
N SER G 46 -16.43 -10.65 16.11
CA SER G 46 -15.27 -10.49 15.22
C SER G 46 -14.91 -11.83 14.60
N GLN G 47 -15.91 -12.51 14.03
CA GLN G 47 -15.69 -13.83 13.45
C GLN G 47 -14.71 -13.77 12.29
N ALA G 48 -14.76 -12.71 11.49
CA ALA G 48 -13.92 -12.62 10.30
C ALA G 48 -12.45 -12.63 10.66
N LYS G 49 -12.07 -11.85 11.68
CA LYS G 49 -10.67 -11.80 12.08
C LYS G 49 -10.19 -13.17 12.56
N HIS G 50 -11.02 -13.87 13.32
CA HIS G 50 -10.65 -15.20 13.80
C HIS G 50 -10.46 -16.17 12.64
N VAL G 51 -11.36 -16.12 11.65
CA VAL G 51 -11.24 -17.01 10.50
C VAL G 51 -9.95 -16.71 9.73
N LYS G 52 -9.67 -15.42 9.51
CA LYS G 52 -8.46 -15.04 8.77
C LYS G 52 -7.21 -15.51 9.51
N ASP G 53 -7.16 -15.28 10.82
CA ASP G 53 -5.99 -15.70 11.59
C ASP G 53 -5.85 -17.21 11.58
N CYS G 54 -6.96 -17.94 11.64
CA CYS G 54 -6.88 -19.40 11.61
C CYS G 54 -6.34 -19.90 10.29
N ALA G 55 -6.80 -19.30 9.18
CA ALA G 55 -6.26 -19.69 7.88
C ALA G 55 -4.77 -19.42 7.82
N THR G 56 -4.35 -18.24 8.29
CA THR G 56 -2.93 -17.91 8.26
C THR G 56 -2.12 -18.90 9.09
N MET G 57 -2.59 -19.25 10.28
CA MET G 57 -1.84 -20.16 11.14
C MET G 57 -1.76 -21.55 10.54
N VAL G 58 -2.87 -22.05 9.99
CA VAL G 58 -2.83 -23.38 9.38
C VAL G 58 -1.88 -23.39 8.20
N ARG G 59 -1.90 -22.31 7.40
CA ARG G 59 -0.96 -22.23 6.28
C ARG G 59 0.48 -22.21 6.76
N HIS G 60 0.77 -21.47 7.82
CA HIS G 60 2.12 -21.46 8.37
C HIS G 60 2.55 -22.87 8.76
N TYR G 61 1.73 -23.57 9.54
CA TYR G 61 2.11 -24.89 10.00
C TYR G 61 2.33 -25.84 8.83
N LEU G 62 1.39 -25.85 7.87
CA LEU G 62 1.50 -26.81 6.77
C LEU G 62 2.69 -26.48 5.86
N ARG G 63 2.90 -25.20 5.54
CA ARG G 63 4.00 -24.83 4.67
C ARG G 63 5.34 -25.15 5.31
N ALA G 64 5.49 -24.83 6.59
CA ALA G 64 6.74 -25.16 7.27
C ALA G 64 6.94 -26.67 7.34
N GLU G 65 5.87 -27.42 7.58
CA GLU G 65 5.99 -28.87 7.64
C GLU G 65 6.42 -29.45 6.30
N THR G 66 5.84 -28.96 5.21
CA THR G 66 6.23 -29.45 3.89
C THR G 66 7.67 -29.07 3.56
N GLN G 67 8.07 -27.84 3.86
CA GLN G 67 9.43 -27.40 3.55
C GLN G 67 10.46 -28.14 4.36
N ALA G 68 10.13 -28.49 5.61
CA ALA G 68 11.11 -29.11 6.49
C ALA G 68 11.51 -30.49 6.00
N LEU G 69 10.57 -31.27 5.49
CA LEU G 69 10.81 -32.67 5.20
C LEU G 69 11.95 -32.84 4.19
N SER G 70 12.82 -33.81 4.47
CA SER G 70 13.96 -34.08 3.61
C SER G 70 13.58 -35.03 2.49
N MET G 71 14.44 -35.10 1.48
CA MET G 71 14.08 -35.79 0.23
C MET G 71 13.69 -37.24 0.41
N PRO G 72 14.44 -38.09 1.14
CA PRO G 72 13.93 -39.44 1.38
C PRO G 72 12.60 -39.43 2.12
N ALA G 73 12.46 -38.56 3.12
CA ALA G 73 11.19 -38.46 3.83
C ALA G 73 10.12 -37.86 2.92
N TYR G 74 10.48 -36.87 2.12
CA TYR G 74 9.49 -36.27 1.22
C TYR G 74 8.95 -37.30 0.24
N ILE G 75 9.82 -38.11 -0.34
CA ILE G 75 9.35 -39.14 -1.27
C ILE G 75 8.57 -40.21 -0.52
N LYS G 76 9.00 -40.57 0.68
CA LYS G 76 8.20 -41.50 1.47
C LYS G 76 6.82 -40.93 1.78
N ALA G 77 6.68 -39.61 1.71
CA ALA G 77 5.35 -39.00 1.82
C ALA G 77 4.60 -39.08 0.49
N ARG G 78 5.17 -38.50 -0.56
CA ARG G 78 4.57 -38.54 -1.90
C ARG G 78 4.47 -39.95 -2.47
N CYS G 79 4.97 -40.96 -1.78
CA CYS G 79 4.71 -42.33 -2.17
C CYS G 79 3.48 -42.90 -1.47
N LYS G 80 2.85 -42.11 -0.59
CA LYS G 80 1.60 -42.47 0.04
C LYS G 80 0.43 -41.67 -0.52
N LEU G 81 0.57 -40.35 -0.59
CA LEU G 81 -0.47 -39.51 -1.19
C LEU G 81 -0.72 -39.84 -2.65
N ALA G 82 0.12 -40.68 -3.27
CA ALA G 82 -0.22 -41.23 -4.57
C ALA G 82 -1.37 -42.20 -4.40
N THR G 83 -2.46 -41.93 -5.10
CA THR G 83 -3.73 -42.62 -4.89
C THR G 83 -4.02 -43.57 -6.03
N GLY G 84 -4.66 -44.68 -5.72
CA GLY G 84 -5.01 -45.69 -6.70
C GLY G 84 -3.96 -46.77 -6.81
N GLU G 85 -4.34 -47.87 -7.46
CA GLU G 85 -3.46 -49.00 -7.68
C GLU G 85 -3.05 -49.06 -9.14
N GLY G 86 -1.75 -49.24 -9.37
CA GLY G 86 -1.23 -49.40 -10.71
C GLY G 86 -0.28 -50.56 -10.78
N SER G 87 0.66 -50.52 -11.72
CA SER G 87 1.65 -51.59 -11.85
C SER G 87 2.83 -51.07 -12.64
N TRP G 88 4.04 -51.38 -12.17
CA TRP G 88 5.25 -50.94 -12.85
C TRP G 88 5.37 -51.53 -14.24
N LYS G 89 4.59 -52.57 -14.56
CA LYS G 89 4.70 -53.22 -15.86
C LYS G 89 4.57 -52.22 -16.99
N SER G 90 3.72 -51.21 -16.84
CA SER G 90 3.56 -50.23 -17.90
C SER G 90 4.85 -49.45 -18.14
N ILE G 91 5.50 -49.00 -17.06
CA ILE G 91 6.74 -48.24 -17.24
C ILE G 91 7.84 -49.14 -17.78
N LEU G 92 7.89 -50.40 -17.31
CA LEU G 92 8.92 -51.30 -17.80
C LEU G 92 8.75 -51.58 -19.28
N THR G 93 7.52 -51.85 -19.71
CA THR G 93 7.27 -52.14 -21.11
C THR G 93 7.49 -50.89 -21.96
N PHE G 94 7.14 -49.71 -21.44
CA PHE G 94 7.43 -48.48 -22.18
C PHE G 94 8.92 -48.32 -22.42
N PHE G 95 9.73 -48.50 -21.38
CA PHE G 95 11.16 -48.30 -21.55
C PHE G 95 11.78 -49.40 -22.41
N ASN G 96 11.31 -50.64 -22.27
CA ASN G 96 11.79 -51.70 -23.15
C ASN G 96 11.39 -51.43 -24.60
N TYR G 97 10.22 -50.84 -24.80
CA TYR G 97 9.77 -50.46 -26.13
C TYR G 97 10.65 -49.38 -26.71
N GLN G 98 11.09 -48.43 -25.88
CA GLN G 98 12.04 -47.42 -26.32
C GLN G 98 13.49 -47.92 -26.33
N ASN G 99 13.69 -49.24 -26.21
CA ASN G 99 15.00 -49.89 -26.28
C ASN G 99 15.93 -49.51 -25.13
N ILE G 100 15.48 -48.69 -24.19
CA ILE G 100 16.25 -48.34 -23.01
C ILE G 100 16.00 -49.39 -21.95
N GLU G 101 17.04 -50.11 -21.58
CA GLU G 101 16.96 -50.97 -20.40
C GLU G 101 16.64 -50.12 -19.18
N LEU G 102 15.61 -50.51 -18.44
CA LEU G 102 15.22 -49.71 -17.27
C LEU G 102 16.33 -49.61 -16.25
N ILE G 103 17.28 -50.54 -16.25
CA ILE G 103 18.44 -50.42 -15.36
C ILE G 103 19.17 -49.12 -15.64
N THR G 104 19.20 -48.69 -16.91
CA THR G 104 19.83 -47.41 -17.24
C THR G 104 19.08 -46.26 -16.58
N PHE G 105 17.75 -46.27 -16.64
CA PHE G 105 17.01 -45.18 -16.02
C PHE G 105 17.18 -45.18 -14.51
N ILE G 106 17.24 -46.35 -13.89
CA ILE G 106 17.47 -46.39 -12.45
C ILE G 106 18.84 -45.83 -12.11
N ASN G 107 19.87 -46.23 -12.85
CA ASN G 107 21.22 -45.77 -12.58
C ASN G 107 21.44 -44.32 -12.96
N ALA G 108 20.50 -43.70 -13.68
CA ALA G 108 20.57 -42.25 -13.87
C ALA G 108 19.71 -41.48 -12.87
N LEU G 109 18.57 -42.05 -12.47
CA LEU G 109 17.74 -41.41 -11.45
C LEU G 109 18.47 -41.37 -10.12
N LYS G 110 19.28 -42.40 -9.85
CA LYS G 110 20.10 -42.42 -8.65
C LYS G 110 20.91 -41.14 -8.51
N LEU G 111 21.47 -40.66 -9.62
CA LEU G 111 22.19 -39.39 -9.59
C LEU G 111 21.22 -38.22 -9.59
N TRP G 112 20.24 -38.23 -10.47
CA TRP G 112 19.43 -37.04 -10.71
C TRP G 112 18.71 -36.59 -9.45
N LEU G 113 18.24 -37.54 -8.62
CA LEU G 113 17.49 -37.14 -7.44
C LEU G 113 18.38 -36.45 -6.41
N LYS G 114 19.62 -36.91 -6.26
CA LYS G 114 20.49 -36.31 -5.25
C LYS G 114 20.85 -34.86 -5.58
N GLY G 115 20.55 -34.38 -6.78
CA GLY G 115 20.92 -33.04 -7.13
C GLY G 115 22.39 -32.87 -7.40
N ILE G 116 23.13 -33.96 -7.53
CA ILE G 116 24.58 -33.94 -7.71
C ILE G 116 24.89 -33.16 -8.97
N PRO G 117 25.68 -32.08 -8.88
CA PRO G 117 26.10 -31.37 -10.09
C PRO G 117 26.98 -32.26 -10.95
N LYS G 118 27.02 -31.93 -12.24
CA LYS G 118 27.58 -32.68 -13.35
C LYS G 118 26.65 -33.81 -13.82
N LYS G 119 25.57 -34.11 -13.09
CA LYS G 119 24.61 -35.10 -13.54
C LYS G 119 23.19 -34.64 -13.22
N ASN G 120 22.90 -33.37 -13.43
CA ASN G 120 21.66 -32.80 -12.92
C ASN G 120 20.78 -32.30 -14.06
N CYS G 121 20.68 -33.09 -15.12
CA CYS G 121 19.75 -32.81 -16.21
C CYS G 121 19.59 -34.03 -17.11
N LEU G 122 18.36 -34.48 -17.30
CA LEU G 122 18.08 -35.63 -18.16
C LEU G 122 17.41 -35.15 -19.44
N ALA G 123 18.03 -35.45 -20.57
CA ALA G 123 17.50 -35.09 -21.88
C ALA G 123 16.82 -36.30 -22.48
N PHE G 124 15.52 -36.21 -22.65
CA PHE G 124 14.72 -37.28 -23.23
C PHE G 124 14.46 -36.87 -24.67
N ILE G 125 15.42 -37.18 -25.54
CA ILE G 125 15.51 -36.60 -26.88
C ILE G 125 15.02 -37.62 -27.89
N GLY G 126 14.04 -37.21 -28.68
CA GLY G 126 13.51 -38.07 -29.72
C GLY G 126 12.63 -37.30 -30.69
N PRO G 127 12.27 -37.95 -31.80
CA PRO G 127 11.38 -37.31 -32.78
C PRO G 127 10.07 -36.91 -32.15
N PRO G 128 9.32 -36.00 -32.78
CA PRO G 128 8.04 -35.57 -32.19
C PRO G 128 7.06 -36.73 -32.12
N ASN G 129 6.23 -36.70 -31.08
CA ASN G 129 5.24 -37.73 -30.79
C ASN G 129 5.93 -39.10 -30.61
N THR G 130 6.74 -39.17 -29.57
CA THR G 130 7.35 -40.44 -29.17
C THR G 130 7.20 -40.70 -27.68
N GLY G 131 6.36 -39.96 -26.97
CA GLY G 131 6.13 -40.19 -25.56
C GLY G 131 7.09 -39.50 -24.63
N LYS G 132 8.05 -38.75 -25.14
CA LYS G 132 8.99 -38.04 -24.27
C LYS G 132 8.25 -37.12 -23.31
N SER G 133 7.37 -36.26 -23.84
CA SER G 133 6.67 -35.31 -23.00
C SER G 133 5.70 -36.03 -22.06
N MET G 134 5.05 -37.09 -22.55
CA MET G 134 4.21 -37.93 -21.70
C MET G 134 4.95 -38.39 -20.45
N LEU G 135 6.07 -39.09 -20.66
CA LEU G 135 6.80 -39.69 -19.56
C LEU G 135 7.36 -38.63 -18.62
N CYS G 136 8.00 -37.60 -19.18
CA CYS G 136 8.57 -36.55 -18.35
C CYS G 136 7.48 -35.87 -17.54
N ASN G 137 6.31 -35.66 -18.14
CA ASN G 137 5.26 -34.93 -17.44
C ASN G 137 4.63 -35.80 -16.34
N SER G 138 4.47 -37.09 -16.60
CA SER G 138 3.98 -37.99 -15.56
C SER G 138 4.94 -38.01 -14.36
N LEU G 139 6.23 -38.20 -14.64
CA LEU G 139 7.20 -38.25 -13.55
C LEU G 139 7.26 -36.95 -12.79
N ILE G 140 7.22 -35.82 -13.51
CA ILE G 140 7.30 -34.52 -12.85
C ILE G 140 6.06 -34.23 -12.03
N HIS G 141 4.88 -34.64 -12.52
CA HIS G 141 3.68 -34.48 -11.72
C HIS G 141 3.72 -35.34 -10.46
N PHE G 142 4.24 -36.56 -10.57
CA PHE G 142 4.32 -37.39 -9.37
C PHE G 142 5.11 -36.70 -8.27
N LEU G 143 6.27 -36.15 -8.62
CA LEU G 143 7.05 -35.37 -7.67
C LEU G 143 6.37 -34.06 -7.30
N GLY G 144 5.29 -33.69 -7.99
CA GLY G 144 4.64 -32.42 -7.73
C GLY G 144 5.51 -31.24 -8.03
N GLY G 145 6.37 -31.36 -9.04
CA GLY G 145 7.28 -30.28 -9.41
C GLY G 145 6.67 -29.44 -10.53
N SER G 146 6.94 -28.14 -10.48
CA SER G 146 6.41 -27.24 -11.48
C SER G 146 7.00 -27.53 -12.85
N VAL G 147 6.17 -27.44 -13.88
CA VAL G 147 6.59 -27.58 -15.26
C VAL G 147 6.82 -26.19 -15.82
N LEU G 148 8.03 -25.94 -16.31
CA LEU G 148 8.36 -24.62 -16.85
C LEU G 148 7.93 -24.57 -18.31
N SER G 149 8.31 -23.49 -19.00
CA SER G 149 7.89 -23.27 -20.38
C SER G 149 8.87 -22.30 -21.02
N PHE G 150 9.55 -22.74 -22.07
CA PHE G 150 10.49 -21.85 -22.74
C PHE G 150 9.81 -20.96 -23.78
N ALA G 151 8.55 -21.20 -24.10
CA ALA G 151 7.84 -20.32 -25.03
C ALA G 151 7.73 -18.91 -24.50
N ASN G 152 7.95 -18.70 -23.20
CA ASN G 152 7.99 -17.37 -22.59
C ASN G 152 9.41 -16.81 -22.54
N HIS G 153 10.31 -17.29 -23.41
CA HIS G 153 11.70 -16.85 -23.35
C HIS G 153 11.89 -15.42 -23.81
N LYS G 154 10.86 -14.79 -24.37
CA LYS G 154 10.99 -13.41 -24.82
C LYS G 154 11.33 -12.47 -23.68
N SER G 155 11.12 -12.90 -22.45
CA SER G 155 11.56 -12.19 -21.26
C SER G 155 12.34 -13.15 -20.37
N HIS G 156 13.10 -12.59 -19.44
CA HIS G 156 13.82 -13.37 -18.46
C HIS G 156 12.91 -13.99 -17.41
N PHE G 157 11.63 -13.62 -17.42
CA PHE G 157 10.73 -13.84 -16.31
C PHE G 157 10.04 -15.20 -16.34
N TRP G 158 10.58 -16.16 -17.09
CA TRP G 158 10.04 -17.51 -17.11
C TRP G 158 10.70 -18.41 -16.08
N LEU G 159 11.54 -17.84 -15.21
CA LEU G 159 12.20 -18.58 -14.14
C LEU G 159 11.58 -18.34 -12.77
N ALA G 160 10.69 -17.35 -12.64
CA ALA G 160 10.11 -17.02 -11.35
C ALA G 160 9.21 -18.12 -10.81
N SER G 161 8.81 -19.07 -11.64
CA SER G 161 7.98 -20.16 -11.17
C SER G 161 8.79 -21.28 -10.53
N LEU G 162 10.11 -21.16 -10.50
CA LEU G 162 10.99 -22.17 -9.93
C LEU G 162 11.39 -21.86 -8.48
N ALA G 163 10.83 -20.80 -7.89
CA ALA G 163 11.26 -20.38 -6.57
C ALA G 163 10.91 -21.39 -5.48
N ASP G 164 9.95 -22.28 -5.72
CA ASP G 164 9.48 -23.19 -4.68
C ASP G 164 9.70 -24.65 -5.00
N THR G 165 9.31 -25.10 -6.19
CA THR G 165 9.11 -26.52 -6.43
C THR G 165 10.42 -27.28 -6.52
N ARG G 166 10.34 -28.57 -6.24
CA ARG G 166 11.49 -29.44 -6.09
C ARG G 166 11.92 -30.11 -7.40
N ALA G 167 11.19 -29.89 -8.48
CA ALA G 167 11.54 -30.49 -9.76
C ALA G 167 11.06 -29.57 -10.87
N ALA G 168 11.66 -29.72 -12.05
CA ALA G 168 11.39 -28.82 -13.16
C ALA G 168 11.31 -29.61 -14.46
N LEU G 169 10.79 -28.93 -15.48
CA LEU G 169 10.62 -29.52 -16.80
C LEU G 169 10.47 -28.40 -17.81
N VAL G 170 11.05 -28.56 -18.99
CA VAL G 170 10.85 -27.64 -20.10
C VAL G 170 10.38 -28.45 -21.31
N ASP G 171 9.43 -27.89 -22.04
CA ASP G 171 8.69 -28.62 -23.07
C ASP G 171 9.28 -28.29 -24.43
N ASP G 172 9.82 -29.31 -25.11
CA ASP G 172 10.30 -29.21 -26.49
C ASP G 172 11.32 -28.07 -26.63
N ALA G 173 12.45 -28.27 -25.96
CA ALA G 173 13.51 -27.27 -25.91
C ALA G 173 14.06 -27.02 -27.31
N THR G 174 13.82 -25.82 -27.84
CA THR G 174 14.40 -25.42 -29.11
C THR G 174 15.87 -25.06 -28.92
N HIS G 175 16.55 -24.74 -30.02
CA HIS G 175 17.95 -24.31 -29.93
C HIS G 175 18.11 -23.12 -29.02
N ALA G 176 17.10 -22.25 -28.94
CA ALA G 176 17.19 -21.10 -28.05
C ALA G 176 17.23 -21.55 -26.60
N CYS G 177 16.49 -22.61 -26.24
CA CYS G 177 16.51 -23.10 -24.87
C CYS G 177 17.87 -23.68 -24.50
N TRP G 178 18.45 -24.47 -25.41
CA TRP G 178 19.79 -25.00 -25.17
C TRP G 178 20.81 -23.88 -25.06
N ARG G 179 20.67 -22.85 -25.89
CA ARG G 179 21.56 -21.70 -25.80
C ARG G 179 21.40 -20.99 -24.46
N TYR G 180 20.16 -20.83 -24.00
CA TYR G 180 19.94 -20.20 -22.70
C TYR G 180 20.58 -21.00 -21.58
N PHE G 181 20.43 -22.32 -21.62
CA PHE G 181 21.05 -23.16 -20.61
C PHE G 181 22.57 -23.08 -20.66
N ASP G 182 23.13 -23.01 -21.87
CA ASP G 182 24.58 -22.92 -22.00
C ASP G 182 25.11 -21.57 -21.56
N THR G 183 24.32 -20.52 -21.70
CA THR G 183 24.87 -19.18 -21.50
C THR G 183 24.51 -18.59 -20.14
N TYR G 184 23.23 -18.54 -19.79
CA TYR G 184 22.82 -17.78 -18.61
C TYR G 184 22.56 -18.63 -17.37
N LEU G 185 22.18 -19.89 -17.53
CA LEU G 185 21.91 -20.77 -16.40
C LEU G 185 23.04 -21.79 -16.24
N ARG G 186 24.26 -21.33 -16.45
CA ARG G 186 25.43 -22.19 -16.33
C ARG G 186 25.59 -22.73 -14.91
N ASN G 187 25.39 -21.88 -13.90
CA ASN G 187 25.60 -22.31 -12.52
C ASN G 187 24.65 -23.43 -12.12
N ALA G 188 23.40 -23.35 -12.57
CA ALA G 188 22.36 -24.27 -12.10
C ALA G 188 22.74 -25.73 -12.29
N LEU G 189 23.51 -26.05 -13.33
CA LEU G 189 23.97 -27.40 -13.56
C LEU G 189 25.30 -27.70 -12.90
N ASP G 190 25.91 -26.71 -12.25
CA ASP G 190 27.19 -26.87 -11.60
C ASP G 190 27.11 -26.82 -10.08
N GLY G 191 25.95 -26.47 -9.52
CA GLY G 191 25.75 -26.49 -8.09
C GLY G 191 25.83 -25.14 -7.41
N TYR G 192 26.44 -24.16 -8.03
CA TYR G 192 26.52 -22.84 -7.44
C TYR G 192 25.17 -22.14 -7.48
N PRO G 193 24.91 -21.25 -6.51
CA PRO G 193 23.65 -20.50 -6.43
C PRO G 193 23.53 -19.47 -7.55
N VAL G 194 22.41 -19.51 -8.28
CA VAL G 194 22.17 -18.57 -9.37
C VAL G 194 21.05 -17.60 -9.03
N SER G 195 21.12 -16.40 -9.60
CA SER G 195 20.11 -15.38 -9.37
C SER G 195 18.88 -15.61 -10.23
N ILE G 196 17.72 -15.16 -9.76
CA ILE G 196 16.48 -15.32 -10.50
C ILE G 196 15.76 -13.98 -10.66
N ASP G 197 15.61 -13.54 -11.91
CA ASP G 197 14.96 -12.28 -12.21
C ASP G 197 13.49 -12.49 -12.55
N ARG G 198 12.60 -11.97 -11.71
CA ARG G 198 11.17 -12.10 -11.92
C ARG G 198 10.50 -10.74 -12.09
N LYS G 199 9.18 -10.71 -11.98
CA LYS G 199 8.42 -9.47 -12.11
C LYS G 199 8.05 -8.90 -10.75
N HIS G 200 8.35 -7.62 -10.55
CA HIS G 200 8.06 -6.91 -9.30
C HIS G 200 8.54 -7.69 -8.08
N LYS G 201 9.81 -8.13 -8.12
CA LYS G 201 10.39 -8.89 -7.01
C LYS G 201 11.84 -8.51 -6.80
N ALA G 202 12.69 -9.51 -6.62
CA ALA G 202 14.11 -9.29 -6.41
C ALA G 202 14.93 -10.54 -6.75
N ALA G 203 16.20 -10.34 -7.07
CA ALA G 203 17.08 -11.45 -7.41
C ALA G 203 17.21 -12.43 -6.26
N VAL G 204 16.33 -13.42 -6.23
CA VAL G 204 16.34 -14.43 -5.17
C VAL G 204 17.39 -15.50 -5.43
N GLN G 205 18.35 -15.62 -4.53
CA GLN G 205 19.42 -16.60 -4.66
C GLN G 205 19.00 -17.95 -4.09
N ILE G 206 18.48 -18.82 -4.96
CA ILE G 206 18.04 -20.14 -4.55
C ILE G 206 18.75 -21.23 -5.34
N LYS G 207 19.02 -22.36 -4.69
CA LYS G 207 19.69 -23.47 -5.34
C LYS G 207 18.84 -24.06 -6.46
N ALA G 208 19.51 -24.56 -7.50
CA ALA G 208 18.82 -25.14 -8.64
C ALA G 208 18.19 -26.48 -8.25
N PRO G 209 16.88 -26.63 -8.38
CA PRO G 209 16.27 -27.95 -8.22
C PRO G 209 16.65 -28.87 -9.36
N PRO G 210 16.55 -30.18 -9.18
CA PRO G 210 16.88 -31.10 -10.27
C PRO G 210 16.00 -30.85 -11.49
N LEU G 211 16.61 -30.94 -12.66
CA LEU G 211 15.96 -30.57 -13.90
C LEU G 211 15.66 -31.79 -14.76
N LEU G 212 14.90 -31.55 -15.83
CA LEU G 212 14.44 -32.60 -16.73
C LEU G 212 14.01 -31.92 -18.03
N VAL G 213 14.64 -32.27 -19.14
CA VAL G 213 14.47 -31.54 -20.39
C VAL G 213 13.98 -32.49 -21.47
N THR G 214 12.96 -32.06 -22.21
CA THR G 214 12.41 -32.74 -23.37
C THR G 214 12.77 -31.93 -24.60
N SER G 215 13.43 -32.57 -25.57
CA SER G 215 13.90 -31.82 -26.72
C SER G 215 14.04 -32.76 -27.91
N ASN G 216 14.13 -32.17 -29.10
CA ASN G 216 14.43 -32.89 -30.32
C ASN G 216 15.89 -32.75 -30.72
N ILE G 217 16.68 -32.07 -29.90
CA ILE G 217 18.05 -31.68 -30.23
C ILE G 217 18.99 -32.51 -29.38
N ASP G 218 19.82 -33.33 -30.03
CA ASP G 218 20.78 -34.16 -29.31
C ASP G 218 22.00 -33.36 -28.90
N VAL G 219 21.96 -32.74 -27.72
CA VAL G 219 23.05 -31.89 -27.26
C VAL G 219 24.34 -32.67 -27.14
N GLN G 220 24.26 -33.97 -26.87
CA GLN G 220 25.46 -34.80 -26.77
C GLN G 220 26.16 -34.97 -28.11
N ALA G 221 25.54 -34.59 -29.22
CA ALA G 221 26.11 -34.81 -30.54
C ALA G 221 26.63 -33.53 -31.19
N GLU G 222 26.01 -32.38 -30.91
CA GLU G 222 26.48 -31.13 -31.49
C GLU G 222 27.80 -30.71 -30.84
N ASP G 223 28.60 -29.96 -31.61
CA ASP G 223 29.90 -29.52 -31.15
C ASP G 223 29.93 -28.08 -30.69
N ARG G 224 28.78 -27.40 -30.64
CA ARG G 224 28.73 -26.07 -30.03
C ARG G 224 28.14 -26.11 -28.64
N TYR G 225 28.18 -27.26 -27.98
CA TYR G 225 27.62 -27.42 -26.64
C TYR G 225 28.55 -28.28 -25.79
N LEU G 226 29.86 -27.99 -25.84
CA LEU G 226 30.81 -28.78 -25.08
C LEU G 226 30.56 -28.70 -23.58
N TYR G 227 29.93 -27.65 -23.10
CA TYR G 227 29.73 -27.52 -21.67
C TYR G 227 28.55 -28.35 -21.17
N LEU G 228 27.72 -28.85 -22.07
CA LEU G 228 26.60 -29.71 -21.69
C LEU G 228 26.85 -31.18 -21.99
N HIS G 229 27.99 -31.50 -22.61
CA HIS G 229 28.33 -32.90 -22.84
C HIS G 229 28.48 -33.66 -21.52
N SER G 230 28.88 -32.97 -20.45
CA SER G 230 29.22 -33.62 -19.20
C SER G 230 28.27 -33.28 -18.05
N ARG G 231 27.23 -32.50 -18.30
CA ARG G 231 26.24 -32.18 -17.27
C ARG G 231 24.85 -32.66 -17.64
N VAL G 232 24.74 -33.60 -18.57
CA VAL G 232 23.46 -34.07 -19.08
C VAL G 232 23.54 -35.58 -19.29
N GLN G 233 22.52 -36.29 -18.86
CA GLN G 233 22.38 -37.72 -19.15
C GLN G 233 21.26 -37.85 -20.18
N THR G 234 21.62 -37.74 -21.45
CA THR G 234 20.66 -37.79 -22.53
C THR G 234 20.18 -39.22 -22.75
N PHE G 235 18.86 -39.37 -22.95
CA PHE G 235 18.25 -40.67 -23.22
C PHE G 235 17.60 -40.65 -24.60
N ARG G 236 17.69 -41.79 -25.29
CA ARG G 236 17.25 -41.90 -26.67
C ARG G 236 15.82 -42.44 -26.71
N PHE G 237 14.93 -41.71 -27.37
CA PHE G 237 13.59 -42.18 -27.72
C PHE G 237 13.48 -42.22 -29.24
N GLU G 238 13.34 -43.43 -29.79
CA GLU G 238 13.16 -43.64 -31.22
C GLU G 238 11.76 -44.10 -31.57
N GLN G 239 11.28 -45.16 -30.93
CA GLN G 239 10.01 -45.76 -31.31
C GLN G 239 8.84 -44.90 -30.81
N PRO G 240 7.75 -44.86 -31.57
CA PRO G 240 6.61 -44.02 -31.22
C PRO G 240 5.55 -44.76 -30.41
N CYS G 241 5.00 -44.07 -29.43
CA CYS G 241 4.01 -44.69 -28.55
C CYS G 241 2.72 -43.91 -28.44
N THR G 242 2.79 -42.58 -28.40
CA THR G 242 1.61 -41.75 -28.18
C THR G 242 0.86 -41.53 -29.49
N ASP G 243 0.58 -42.63 -30.18
CA ASP G 243 -0.11 -42.63 -31.46
C ASP G 243 -1.53 -43.16 -31.27
N GLU G 244 -2.31 -43.08 -32.35
CA GLU G 244 -3.71 -43.51 -32.34
C GLU G 244 -3.78 -44.92 -32.91
N SER G 245 -3.46 -45.90 -32.07
CA SER G 245 -3.56 -47.31 -32.42
C SER G 245 -4.65 -47.97 -31.58
N GLY G 246 -5.21 -49.05 -32.13
CA GLY G 246 -6.19 -49.82 -31.38
C GLY G 246 -5.64 -50.38 -30.09
N GLU G 247 -4.33 -50.58 -30.03
CA GLU G 247 -3.66 -50.99 -28.81
C GLU G 247 -3.48 -49.77 -27.90
N GLN G 248 -2.66 -49.94 -26.86
CA GLN G 248 -2.52 -48.90 -25.85
C GLN G 248 -1.50 -47.86 -26.26
N PRO G 249 -1.90 -46.59 -26.41
CA PRO G 249 -0.91 -45.51 -26.42
C PRO G 249 -0.44 -45.29 -24.99
N PHE G 250 0.55 -46.09 -24.57
CA PHE G 250 0.82 -46.41 -23.18
C PHE G 250 0.58 -45.26 -22.21
N ASN G 251 -0.17 -45.52 -21.15
CA ASN G 251 -0.47 -44.54 -20.12
C ASN G 251 0.43 -44.76 -18.91
N ILE G 252 0.86 -43.67 -18.30
CA ILE G 252 1.73 -43.70 -17.12
C ILE G 252 1.03 -42.87 -16.07
N THR G 253 0.23 -43.52 -15.22
CA THR G 253 -0.50 -42.84 -14.17
C THR G 253 0.36 -42.74 -12.92
N ASP G 254 -0.06 -41.89 -11.98
CA ASP G 254 0.68 -41.71 -10.74
C ASP G 254 0.83 -43.03 -9.99
N ALA G 255 -0.14 -43.93 -10.12
CA ALA G 255 -0.01 -45.23 -9.46
C ALA G 255 1.13 -46.05 -10.06
N ASP G 256 1.37 -45.91 -11.37
CA ASP G 256 2.50 -46.59 -11.98
C ASP G 256 3.79 -46.18 -11.28
N TRP G 257 4.00 -44.88 -11.10
CA TRP G 257 5.17 -44.38 -10.42
C TRP G 257 5.18 -44.80 -8.96
N LYS G 258 4.01 -44.84 -8.33
CA LYS G 258 3.93 -45.30 -6.94
C LYS G 258 4.50 -46.70 -6.80
N SER G 259 4.02 -47.63 -7.64
CA SER G 259 4.54 -49.00 -7.58
C SER G 259 6.00 -49.06 -8.00
N PHE G 260 6.41 -48.17 -8.90
CA PHE G 260 7.81 -48.11 -9.31
C PHE G 260 8.71 -47.79 -8.13
N PHE G 261 8.39 -46.73 -7.39
CA PHE G 261 9.19 -46.40 -6.22
C PHE G 261 9.10 -47.47 -5.14
N VAL G 262 7.90 -48.01 -4.92
CA VAL G 262 7.74 -49.03 -3.88
C VAL G 262 8.64 -50.22 -4.16
N ARG G 263 8.74 -50.62 -5.42
CA ARG G 263 9.62 -51.73 -5.76
C ARG G 263 11.08 -51.32 -5.86
N LEU G 264 11.39 -50.04 -6.13
CA LEU G 264 12.75 -49.63 -6.47
C LEU G 264 13.43 -48.82 -5.37
N TRP G 265 12.90 -48.81 -4.15
CA TRP G 265 13.68 -48.31 -3.02
C TRP G 265 15.10 -48.85 -3.06
N GLY G 266 15.25 -50.18 -3.08
CA GLY G 266 16.56 -50.79 -2.88
C GLY G 266 17.59 -50.35 -3.89
N ARG G 267 17.23 -50.34 -5.17
CA ARG G 267 18.16 -49.92 -6.21
C ARG G 267 18.15 -48.42 -6.44
N LEU G 268 17.31 -47.68 -5.71
CA LEU G 268 17.28 -46.23 -5.83
C LEU G 268 17.87 -45.53 -4.62
N ASP G 269 18.19 -46.28 -3.57
CA ASP G 269 19.06 -45.82 -2.49
C ASP G 269 18.55 -44.59 -1.74
N LEU G 270 17.42 -44.72 -1.04
CA LEU G 270 16.93 -43.68 -0.14
C LEU G 270 16.89 -44.21 1.29
N ILE G 271 17.49 -43.46 2.21
CA ILE G 271 17.66 -43.87 3.60
C ILE G 271 16.35 -43.77 4.38
N ASP G 272 16.32 -44.44 5.54
CA ASP G 272 15.07 -44.62 6.27
C ASP G 272 15.15 -44.22 7.74
N GLU G 273 16.35 -43.93 8.26
CA GLU G 273 16.48 -43.61 9.67
C GLU G 273 16.06 -42.17 9.93
N GLU G 274 16.35 -41.69 11.15
CA GLU G 274 16.02 -40.33 11.57
C GLU G 274 14.52 -40.05 11.48
N GLU G 275 13.72 -41.06 11.82
CA GLU G 275 12.27 -40.93 11.83
C GLU G 275 11.78 -40.77 13.27
N ASP G 276 10.46 -40.56 13.42
CA ASP G 276 9.86 -40.30 14.71
C ASP G 276 8.97 -41.43 15.21
N SER G 277 8.76 -42.49 14.41
CA SER G 277 8.00 -43.66 14.82
C SER G 277 6.56 -43.30 15.24
N GLU G 278 5.81 -42.79 14.26
CA GLU G 278 4.39 -42.50 14.43
C GLU G 278 4.14 -41.52 15.57
N GLU G 279 5.00 -40.51 15.68
CA GLU G 279 4.80 -39.43 16.63
C GLU G 279 3.86 -38.39 16.01
N ASP G 280 2.74 -38.15 16.66
CA ASP G 280 1.71 -37.28 16.10
C ASP G 280 2.20 -35.83 16.10
N GLY G 281 1.32 -34.95 15.60
CA GLY G 281 1.60 -33.52 15.52
C GLY G 281 0.42 -32.77 16.09
N ASP G 282 0.69 -31.55 16.58
CA ASP G 282 -0.35 -30.81 17.27
C ASP G 282 -0.05 -29.32 17.20
N SER G 283 -1.09 -28.53 17.48
CA SER G 283 -0.97 -27.08 17.60
C SER G 283 -1.67 -26.53 18.83
N MET G 284 -2.59 -27.28 19.41
CA MET G 284 -3.33 -26.88 20.61
C MET G 284 -3.97 -25.51 20.47
N GLY H 1 48.10 16.38 56.27
CA GLY H 1 47.22 17.50 56.73
C GLY H 1 46.62 18.23 55.55
N SER H 2 46.11 19.43 55.81
CA SER H 2 45.51 20.27 54.78
C SER H 2 44.13 19.79 54.32
N ARG H 3 43.09 20.23 55.02
CA ARG H 3 41.73 19.87 54.65
C ARG H 3 41.38 20.63 53.38
N ALA H 4 41.19 21.93 53.51
CA ALA H 4 40.89 22.79 52.36
C ALA H 4 40.86 24.29 52.65
N THR H 5 40.88 25.06 51.57
CA THR H 5 40.95 26.51 51.66
C THR H 5 39.94 27.20 50.78
N VAL H 6 39.78 28.49 51.00
CA VAL H 6 38.86 29.28 50.22
C VAL H 6 39.22 29.18 48.74
N PHE H 7 40.52 29.03 48.47
CA PHE H 7 41.00 28.96 47.10
C PHE H 7 40.68 27.61 46.42
N LYS H 8 40.85 26.52 47.17
CA LYS H 8 40.51 25.19 46.62
C LYS H 8 39.00 25.11 46.39
N LEU H 9 38.22 25.57 47.36
CA LEU H 9 36.76 25.55 47.21
C LEU H 9 36.32 26.43 46.05
N GLY H 10 36.99 27.58 45.88
CA GLY H 10 36.63 28.48 44.80
C GLY H 10 36.86 27.90 43.42
N LEU H 11 37.98 27.18 43.27
CA LEU H 11 38.32 26.54 41.98
C LEU H 11 37.36 25.39 41.69
N PHE H 12 37.05 24.59 42.72
CA PHE H 12 36.10 23.48 42.52
C PHE H 12 34.79 24.02 41.95
N LYS H 13 34.27 25.07 42.58
CA LYS H 13 33.02 25.68 42.18
C LYS H 13 33.08 26.27 40.76
N SER H 14 34.18 26.91 40.40
CA SER H 14 34.29 27.50 39.07
C SER H 14 34.28 26.43 37.99
N LEU H 15 34.81 25.25 38.29
CA LEU H 15 34.84 24.16 37.31
C LEU H 15 33.56 23.31 37.28
N PHE H 16 33.10 22.85 38.44
CA PHE H 16 31.90 22.01 38.54
C PHE H 16 30.56 22.74 38.77
N LEU H 17 30.60 24.05 38.82
CA LEU H 17 29.40 24.87 38.97
C LEU H 17 28.49 24.59 40.17
N CYS H 18 29.08 24.18 41.29
CA CYS H 18 28.34 23.93 42.52
C CYS H 18 29.38 23.81 43.60
N SER H 19 28.98 24.04 44.84
CA SER H 19 29.90 23.96 45.97
C SER H 19 30.24 22.53 46.39
N PHE H 20 31.48 22.31 46.82
CA PHE H 20 31.94 21.01 47.31
C PHE H 20 31.09 20.65 48.54
N HIS H 21 30.59 21.67 49.23
CA HIS H 21 29.77 21.46 50.42
C HIS H 21 28.39 20.89 50.09
N ASP H 22 27.93 21.09 48.87
CA ASP H 22 26.60 20.60 48.54
C ASP H 22 26.56 19.13 48.14
N ILE H 23 27.73 18.50 47.97
CA ILE H 23 27.76 17.07 47.64
C ILE H 23 28.43 16.18 48.71
N THR H 24 28.80 16.79 49.85
CA THR H 24 29.47 16.09 50.97
C THR H 24 28.84 16.48 52.33
N ARG H 25 29.17 15.75 53.39
CA ARG H 25 28.71 16.08 54.74
C ARG H 25 30.01 16.11 55.56
N LEU H 26 29.98 16.57 56.81
CA LEU H 26 31.24 16.74 57.56
C LEU H 26 31.69 15.72 58.59
N PHE H 27 32.97 15.33 58.52
CA PHE H 27 33.60 14.44 59.50
C PHE H 27 34.74 15.32 60.03
N LYS H 28 34.63 15.84 61.25
CA LYS H 28 35.70 16.71 61.79
C LYS H 28 36.91 15.93 62.33
N ASN H 29 36.71 14.68 62.70
CA ASN H 29 37.77 13.82 63.25
C ASN H 29 38.45 13.02 62.11
N ASP H 30 39.77 13.15 61.99
CA ASP H 30 40.50 12.40 60.95
C ASP H 30 40.57 10.89 61.21
N LYS H 31 40.09 10.42 62.36
CA LYS H 31 40.14 9.00 62.67
C LYS H 31 38.85 8.18 62.44
N THR H 32 37.74 8.86 62.17
CA THR H 32 36.47 8.17 61.95
C THR H 32 36.50 7.42 60.63
N THR H 33 36.24 6.11 60.66
CA THR H 33 36.26 5.30 59.42
C THR H 33 34.93 5.31 58.66
N ASN H 34 34.98 5.02 57.36
CA ASN H 34 33.79 4.97 56.50
C ASN H 34 34.16 4.32 55.16
N GLN H 35 33.23 3.55 54.57
CA GLN H 35 33.48 2.93 53.29
C GLN H 35 33.40 3.95 52.15
N GLN H 36 32.44 4.87 52.20
CA GLN H 36 32.25 5.86 51.14
C GLN H 36 32.95 7.20 51.37
N TRP H 37 33.65 7.67 50.33
CA TRP H 37 34.40 8.94 50.38
C TRP H 37 34.31 9.76 49.09
N VAL H 38 34.28 11.08 49.23
CA VAL H 38 34.29 11.97 48.06
C VAL H 38 35.69 12.63 48.12
N LEU H 39 36.45 12.51 47.02
CA LEU H 39 37.80 13.08 46.93
C LEU H 39 37.94 14.10 45.80
N ALA H 40 38.53 15.27 46.10
CA ALA H 40 38.82 16.29 45.08
C ALA H 40 40.36 16.43 45.07
N VAL H 41 40.98 16.45 43.87
CA VAL H 41 42.44 16.53 43.73
C VAL H 41 42.80 17.64 42.73
N PHE H 42 43.66 18.57 43.15
CA PHE H 42 44.10 19.70 42.32
C PHE H 42 45.50 19.47 41.79
N GLY H 43 45.75 19.90 40.56
CA GLY H 43 47.07 19.76 39.96
C GLY H 43 47.55 18.34 39.67
N LEU H 44 46.61 17.44 39.39
CA LEU H 44 46.92 16.04 39.12
C LEU H 44 47.30 15.74 37.66
N ALA H 45 48.32 14.91 37.45
CA ALA H 45 48.77 14.54 36.10
C ALA H 45 47.86 13.45 35.54
N GLU H 46 47.56 13.56 34.25
CA GLU H 46 46.69 12.62 33.55
C GLU H 46 47.09 11.15 33.71
N VAL H 47 48.39 10.84 33.60
CA VAL H 47 48.83 9.44 33.72
C VAL H 47 48.46 8.85 35.10
N PHE H 48 48.56 9.66 36.16
CA PHE H 48 48.22 9.13 37.49
C PHE H 48 46.70 9.03 37.72
N PHE H 49 45.93 9.92 37.10
CA PHE H 49 44.46 9.85 37.19
C PHE H 49 44.03 8.49 36.59
N GLU H 50 44.56 8.17 35.39
CA GLU H 50 44.22 6.90 34.73
C GLU H 50 44.71 5.65 35.44
N ALA H 51 45.90 5.72 36.04
CA ALA H 51 46.44 4.58 36.76
C ALA H 51 45.63 4.31 38.04
N SER H 52 45.20 5.38 38.72
CA SER H 52 44.42 5.23 39.95
C SER H 52 43.09 4.48 39.71
N PHE H 53 42.52 4.62 38.52
CA PHE H 53 41.27 3.92 38.20
C PHE H 53 41.49 2.41 38.26
N GLU H 54 42.55 1.92 37.60
CA GLU H 54 42.85 0.49 37.62
C GLU H 54 43.22 -0.03 39.01
N LEU H 55 43.94 0.78 39.79
CA LEU H 55 44.33 0.33 41.13
C LEU H 55 43.18 0.33 42.14
N LEU H 56 42.30 1.33 42.09
CA LEU H 56 41.20 1.38 43.03
C LEU H 56 40.13 0.30 42.73
N LYS H 57 39.98 -0.04 41.46
CA LYS H 57 39.01 -1.07 41.09
C LYS H 57 39.19 -2.34 41.92
N LYS H 58 40.43 -2.70 42.19
CA LYS H 58 40.65 -3.92 42.95
C LYS H 58 40.32 -3.91 44.43
N GLN H 59 39.98 -2.75 45.01
CA GLN H 59 39.66 -2.71 46.44
C GLN H 59 38.35 -1.96 46.71
N CYS H 60 37.54 -1.80 45.66
CA CYS H 60 36.27 -1.09 45.73
C CYS H 60 35.08 -1.82 45.17
N SER H 61 33.90 -1.54 45.75
CA SER H 61 32.64 -2.10 45.28
C SER H 61 32.01 -1.15 44.24
N PHE H 62 32.39 0.13 44.26
CA PHE H 62 31.90 1.12 43.30
C PHE H 62 32.91 2.26 43.21
N LEU H 63 33.01 2.85 42.02
CA LEU H 63 33.92 3.94 41.73
C LEU H 63 33.39 4.77 40.54
N GLN H 64 33.39 6.10 40.66
CA GLN H 64 32.98 7.02 39.57
C GLN H 64 34.00 8.16 39.55
N MET H 65 34.68 8.38 38.41
CA MET H 65 35.70 9.43 38.30
C MET H 65 35.53 10.36 37.12
N GLN H 66 35.85 11.63 37.32
CA GLN H 66 35.75 12.62 36.26
C GLN H 66 36.77 13.72 36.53
N LYS H 67 37.01 14.55 35.53
CA LYS H 67 37.95 15.66 35.66
C LYS H 67 37.49 16.89 34.88
N ARG H 68 37.93 18.06 35.32
CA ARG H 68 37.56 19.31 34.66
C ARG H 68 38.61 20.39 34.92
N SER H 69 39.27 20.82 33.84
CA SER H 69 40.31 21.85 33.95
C SER H 69 40.00 23.04 33.06
N HIS H 70 40.64 24.17 33.34
CA HIS H 70 40.44 25.39 32.58
C HIS H 70 41.60 26.36 32.76
N GLU H 71 41.32 27.64 32.54
CA GLU H 71 42.34 28.68 32.69
C GLU H 71 42.97 28.64 34.08
N GLY H 72 42.12 28.56 35.10
CA GLY H 72 42.58 28.52 36.47
C GLY H 72 43.51 27.35 36.74
N GLY H 73 42.99 26.14 36.57
CA GLY H 73 43.77 24.94 36.79
C GLY H 73 42.96 23.68 36.57
N THR H 74 43.53 22.54 36.97
CA THR H 74 42.86 21.25 36.82
C THR H 74 42.46 20.68 38.18
N CYS H 75 41.32 20.01 38.21
CA CYS H 75 40.82 19.41 39.45
C CYS H 75 39.80 18.31 39.15
N ALA H 76 40.12 17.09 39.57
CA ALA H 76 39.24 15.95 39.36
C ALA H 76 38.40 15.66 40.60
N VAL H 77 37.46 14.74 40.48
CA VAL H 77 36.60 14.35 41.60
C VAL H 77 36.29 12.86 41.54
N TYR H 78 36.27 12.21 42.70
CA TYR H 78 36.06 10.75 42.81
C TYR H 78 34.98 10.44 43.83
N LEU H 79 34.08 9.49 43.52
CA LEU H 79 33.14 8.98 44.54
C LEU H 79 33.67 7.55 44.68
N ILE H 80 34.20 7.20 45.86
CA ILE H 80 34.83 5.92 46.12
C ILE H 80 34.08 5.10 47.19
N CYS H 81 33.77 3.85 46.89
CA CYS H 81 33.12 2.98 47.88
C CYS H 81 34.10 1.81 48.15
N PHE H 82 34.94 1.93 49.19
CA PHE H 82 35.94 0.89 49.53
C PHE H 82 35.27 -0.37 50.06
N ASN H 83 35.89 -1.53 49.82
CA ASN H 83 35.32 -2.77 50.33
C ASN H 83 35.40 -2.77 51.85
N THR H 84 36.44 -2.11 52.39
CA THR H 84 36.67 -2.01 53.84
C THR H 84 36.66 -0.54 54.32
N ALA H 85 36.02 -0.24 55.45
CA ALA H 85 35.97 1.15 55.95
C ALA H 85 37.35 1.72 56.27
N LYS H 86 37.59 3.00 55.90
CA LYS H 86 38.87 3.67 56.16
C LYS H 86 38.69 5.10 56.71
N SER H 87 39.67 5.59 57.47
CA SER H 87 39.65 6.94 58.04
C SER H 87 40.24 7.96 57.04
N ARG H 88 40.05 9.25 57.30
CA ARG H 88 40.63 10.26 56.42
C ARG H 88 42.16 10.13 56.47
N GLU H 89 42.73 9.84 57.64
CA GLU H 89 44.21 9.69 57.76
C GLU H 89 44.74 8.63 56.80
N THR H 90 44.07 7.47 56.80
CA THR H 90 44.44 6.35 55.96
C THR H 90 44.24 6.61 54.45
N VAL H 91 43.10 7.19 54.08
CA VAL H 91 42.81 7.47 52.67
C VAL H 91 43.76 8.55 52.15
N ARG H 92 44.06 9.53 53.00
CA ARG H 92 44.98 10.62 52.66
C ARG H 92 46.37 10.06 52.29
N ASN H 93 46.89 9.17 53.11
CA ASN H 93 48.20 8.57 52.89
C ASN H 93 48.18 7.68 51.65
N LEU H 94 47.10 6.92 51.49
CA LEU H 94 46.97 6.03 50.33
C LEU H 94 46.99 6.82 49.02
N MET H 95 46.13 7.83 48.93
CA MET H 95 46.00 8.61 47.70
C MET H 95 47.13 9.61 47.37
N ALA H 96 47.77 10.20 48.38
CA ALA H 96 48.88 11.12 48.08
C ALA H 96 50.01 10.31 47.42
N ASN H 97 50.25 9.10 47.94
CA ASN H 97 51.28 8.23 47.41
C ASN H 97 50.86 7.72 46.02
N MET H 98 49.64 7.19 45.93
CA MET H 98 49.16 6.66 44.66
C MET H 98 49.15 7.68 43.51
N LEU H 99 48.79 8.92 43.81
CA LEU H 99 48.69 9.94 42.76
C LEU H 99 49.92 10.82 42.54
N ASN H 100 50.95 10.60 43.34
CA ASN H 100 52.20 11.35 43.27
C ASN H 100 51.93 12.84 43.51
N VAL H 101 51.17 13.16 44.56
CA VAL H 101 50.90 14.57 44.88
C VAL H 101 51.04 14.83 46.38
N ARG H 102 51.22 16.11 46.73
CA ARG H 102 51.34 16.52 48.13
C ARG H 102 49.94 16.42 48.74
N GLU H 103 49.89 16.20 50.05
CA GLU H 103 48.60 16.08 50.74
C GLU H 103 47.74 17.34 50.64
N GLU H 104 48.40 18.48 50.43
CA GLU H 104 47.73 19.77 50.31
C GLU H 104 46.90 19.84 49.03
N CYS H 105 47.16 18.92 48.10
CA CYS H 105 46.44 18.90 46.84
C CYS H 105 45.09 18.18 46.95
N LEU H 106 44.81 17.59 48.10
CA LEU H 106 43.56 16.84 48.31
C LEU H 106 42.52 17.53 49.21
N MET H 107 41.26 17.06 49.10
CA MET H 107 40.11 17.48 49.94
C MET H 107 39.27 16.20 50.10
N LEU H 108 39.02 15.75 51.33
CA LEU H 108 38.26 14.50 51.59
C LEU H 108 37.15 14.61 52.62
N GLN H 109 35.95 14.15 52.27
CA GLN H 109 34.78 14.12 53.17
C GLN H 109 33.83 13.02 52.66
N PRO H 110 32.99 12.47 53.54
CA PRO H 110 32.03 11.43 53.13
C PRO H 110 30.90 12.14 52.33
N PRO H 111 30.14 11.38 51.51
CA PRO H 111 29.05 11.94 50.69
C PRO H 111 27.80 12.40 51.46
N LYS H 112 27.05 13.32 50.85
CA LYS H 112 25.79 13.81 51.41
C LYS H 112 24.84 12.74 50.85
N ILE H 113 24.34 11.86 51.72
CA ILE H 113 23.49 10.75 51.23
C ILE H 113 22.00 11.00 51.21
N ARG H 114 21.59 12.20 51.63
CA ARG H 114 20.19 12.55 51.64
C ARG H 114 20.07 13.97 51.08
N GLY H 115 19.33 14.12 49.98
CA GLY H 115 19.13 15.40 49.30
C GLY H 115 19.07 15.13 47.79
N LEU H 116 17.98 15.51 47.13
CA LEU H 116 17.88 15.24 45.69
C LEU H 116 18.95 15.87 44.80
N SER H 117 19.28 17.15 45.02
CA SER H 117 20.30 17.78 44.18
C SER H 117 21.66 17.12 44.31
N ALA H 118 21.97 16.64 45.52
CA ALA H 118 23.22 15.95 45.75
C ALA H 118 23.22 14.65 44.96
N ALA H 119 22.12 13.87 45.03
CA ALA H 119 22.08 12.61 44.25
C ALA H 119 22.14 12.86 42.73
N LEU H 120 21.48 13.93 42.28
CA LEU H 120 21.47 14.27 40.87
C LEU H 120 22.88 14.53 40.35
N PHE H 121 23.73 15.05 41.23
CA PHE H 121 25.12 15.35 40.86
C PHE H 121 25.80 14.12 40.29
N TRP H 122 25.67 12.99 40.99
CA TRP H 122 26.29 11.75 40.54
C TRP H 122 25.52 11.15 39.36
N PHE H 123 24.20 11.30 39.38
CA PHE H 123 23.35 10.78 38.32
C PHE H 123 23.68 11.45 36.99
N LYS H 124 23.84 12.77 37.01
CA LYS H 124 24.15 13.53 35.80
C LYS H 124 25.56 13.21 35.31
N SER H 125 26.47 12.96 36.25
CA SER H 125 27.85 12.64 35.90
C SER H 125 27.94 11.32 35.16
N SER H 126 27.08 10.37 35.53
CA SER H 126 27.06 9.05 34.90
C SER H 126 26.59 9.08 33.43
N LEU H 127 26.06 10.23 33.01
CA LEU H 127 25.58 10.38 31.63
C LEU H 127 26.65 10.93 30.66
N SER H 128 27.81 11.30 31.19
CA SER H 128 28.89 11.81 30.33
C SER H 128 29.68 10.63 29.80
N PRO H 129 30.13 10.70 28.54
CA PRO H 129 30.90 9.58 27.98
C PRO H 129 32.31 9.49 28.57
N ALA H 130 32.84 10.64 28.99
CA ALA H 130 34.19 10.76 29.56
C ALA H 130 34.35 10.21 30.98
N THR H 131 33.26 10.06 31.71
CA THR H 131 33.30 9.55 33.09
C THR H 131 33.73 8.08 33.17
N LEU H 132 34.63 7.76 34.11
CA LEU H 132 35.09 6.36 34.27
C LEU H 132 34.19 5.72 35.34
N LYS H 133 33.74 4.49 35.10
CA LYS H 133 32.81 3.85 36.03
C LYS H 133 33.11 2.39 36.29
N HIS H 134 32.82 1.97 37.52
CA HIS H 134 33.02 0.58 37.95
C HIS H 134 32.01 0.23 39.03
N GLY H 135 31.37 -0.92 38.89
CA GLY H 135 30.42 -1.39 39.89
C GLY H 135 28.98 -0.93 39.84
N ALA H 136 28.18 -1.43 40.77
CA ALA H 136 26.77 -1.06 40.83
C ALA H 136 26.55 0.22 41.63
N LEU H 137 25.72 1.10 41.07
CA LEU H 137 25.40 2.39 41.67
C LEU H 137 24.91 2.25 43.14
N PRO H 138 25.38 3.15 44.03
CA PRO H 138 24.94 3.05 45.42
C PRO H 138 23.40 3.23 45.53
N GLU H 139 22.78 2.45 46.41
CA GLU H 139 21.34 2.51 46.64
C GLU H 139 20.83 3.91 46.97
N TRP H 140 21.59 4.72 47.73
CA TRP H 140 21.07 6.05 48.04
C TRP H 140 20.92 6.94 46.78
N ILE H 141 21.75 6.71 45.77
CA ILE H 141 21.62 7.49 44.53
C ILE H 141 20.48 6.90 43.71
N ARG H 142 20.45 5.58 43.55
CA ARG H 142 19.41 4.89 42.77
C ARG H 142 17.99 5.21 43.28
N ALA H 143 17.80 5.08 44.59
CA ALA H 143 16.51 5.35 45.21
C ALA H 143 16.24 6.84 45.31
N GLN H 144 17.21 7.65 44.87
CA GLN H 144 17.08 9.09 44.90
C GLN H 144 16.46 9.63 43.61
N THR H 145 16.31 8.74 42.63
CA THR H 145 15.73 9.12 41.34
C THR H 145 14.63 8.15 40.93
N THR H 146 14.15 7.36 41.89
CA THR H 146 13.09 6.40 41.62
C THR H 146 11.78 6.81 42.29
N LEU H 147 11.38 6.05 43.30
CA LEU H 147 10.14 6.31 44.04
C LEU H 147 8.95 6.52 43.12
N ASN H 148 8.76 5.60 42.18
CA ASN H 148 7.65 5.66 41.22
C ASN H 148 7.54 7.02 40.55
#